data_9DBA
# 
_entry.id   9DBA 
# 
_audit_conform.dict_name       mmcif_pdbx.dic 
_audit_conform.dict_version    5.404 
_audit_conform.dict_location   http://mmcif.pdb.org/dictionaries/ascii/mmcif_pdbx.dic 
# 
loop_
_database_2.database_id 
_database_2.database_code 
_database_2.pdbx_database_accession 
_database_2.pdbx_DOI 
PDB   9DBA         pdb_00009dba 10.2210/pdb9dba/pdb 
WWPDB D_1000287704 ?            ?                   
# 
loop_
_pdbx_audit_revision_history.ordinal 
_pdbx_audit_revision_history.data_content_type 
_pdbx_audit_revision_history.major_revision 
_pdbx_audit_revision_history.minor_revision 
_pdbx_audit_revision_history.revision_date 
_pdbx_audit_revision_history.part_number 
1 'Structure model' 1 0 2025-08-06 ? 
2 'Structure model' 1 1 2025-08-13 ? 
# 
_pdbx_audit_revision_details.ordinal             1 
_pdbx_audit_revision_details.revision_ordinal    1 
_pdbx_audit_revision_details.data_content_type   'Structure model' 
_pdbx_audit_revision_details.provider            repository 
_pdbx_audit_revision_details.type                'Initial release' 
_pdbx_audit_revision_details.description         ? 
_pdbx_audit_revision_details.details             ? 
# 
_pdbx_audit_revision_group.ordinal             1 
_pdbx_audit_revision_group.revision_ordinal    2 
_pdbx_audit_revision_group.data_content_type   'Structure model' 
_pdbx_audit_revision_group.group               'Database references' 
# 
_pdbx_audit_revision_category.ordinal             1 
_pdbx_audit_revision_category.revision_ordinal    2 
_pdbx_audit_revision_category.data_content_type   'Structure model' 
_pdbx_audit_revision_category.category            citation 
# 
loop_
_pdbx_audit_revision_item.ordinal 
_pdbx_audit_revision_item.revision_ordinal 
_pdbx_audit_revision_item.data_content_type 
_pdbx_audit_revision_item.item 
1 2 'Structure model' '_citation.journal_volume' 
2 2 'Structure model' '_citation.page_first'     
3 2 'Structure model' '_citation.page_last'      
# 
_pdbx_database_status.status_code                     REL 
_pdbx_database_status.status_code_sf                  REL 
_pdbx_database_status.status_code_mr                  ? 
_pdbx_database_status.entry_id                        9DBA 
_pdbx_database_status.recvd_initial_deposition_date   2024-08-23 
_pdbx_database_status.SG_entry                        N 
_pdbx_database_status.deposit_site                    RCSB 
_pdbx_database_status.process_site                    RCSB 
_pdbx_database_status.status_code_cs                  ? 
_pdbx_database_status.status_code_nmr_data            ? 
_pdbx_database_status.methods_development_category    ? 
_pdbx_database_status.pdb_format_compatible           Y 
# 
_pdbx_contact_author.id                 3 
_pdbx_contact_author.email              tezcan@ucsd.edu 
_pdbx_contact_author.name_first         Faik 
_pdbx_contact_author.name_last          Tezcan 
_pdbx_contact_author.name_mi            A 
_pdbx_contact_author.role               'principal investigator/group leader' 
_pdbx_contact_author.identifier_ORCID   0000-0002-4733-6500 
# 
loop_
_audit_author.name 
_audit_author.pdbx_ordinal 
_audit_author.identifier_ORCID 
'Hoffnagle, A.M.' 1 0000-0002-4840-312X 
'Tezcan, F.A.'    2 0000-0002-4733-6500 
# 
_citation.abstract                  ? 
_citation.abstract_id_CAS           ? 
_citation.book_id_ISBN              ? 
_citation.book_publisher            ? 
_citation.book_publisher_city       ? 
_citation.book_title                ? 
_citation.coordinate_linkage        ? 
_citation.country                   US 
_citation.database_id_Medline       ? 
_citation.details                   ? 
_citation.id                        primary 
_citation.journal_abbrev            Biochemistry 
_citation.journal_id_ASTM           BICHAW 
_citation.journal_id_CSD            0033 
_citation.journal_id_ISSN           0006-2960 
_citation.journal_full              ? 
_citation.journal_issue             ? 
_citation.journal_volume            64 
_citation.language                  ? 
_citation.page_first                3261 
_citation.page_last                 3271 
_citation.title                     'A De Novo Designed Protein with Versatile Metal Binding and Tunable Hydrolytic Activity.' 
_citation.year                      2025 
_citation.database_id_CSD           ? 
_citation.pdbx_database_id_DOI      10.1021/acs.biochem.5c00259 
_citation.pdbx_database_id_PubMed   40700614 
_citation.pdbx_database_id_patent   ? 
_citation.unpublished_flag          ? 
# 
loop_
_citation_author.citation_id 
_citation_author.name 
_citation_author.ordinal 
_citation_author.identifier_ORCID 
primary 'Hoffnagle, A.M.'  1 0000-0002-4840-312X 
primary 'Srisantitham, S.' 2 0000-0002-9649-6156 
primary 'Neeley, M.'       3 ?                   
primary 'Tsai, C.Y.'       4 ?                   
primary 'Tezcan, F.A.'     5 0000-0002-4733-6500 
# 
loop_
_entity.id 
_entity.type 
_entity.src_method 
_entity.pdbx_description 
_entity.formula_weight 
_entity.pdbx_number_of_molecules 
_entity.pdbx_ec 
_entity.pdbx_mutation 
_entity.pdbx_fragment 
_entity.details 
1 polymer     man 'Computationally Designed Tet4' 12561.611 1  ? ? ? ? 
2 non-polymer syn 'COBALT (II) ION'               58.933    1  ? ? ? ? 
3 water       nat water                           18.015    34 ? ? ? ? 
# 
_entity_poly.entity_id                      1 
_entity_poly.type                           'polypeptide(L)' 
_entity_poly.nstd_linkage                   no 
_entity_poly.nstd_monomer                   no 
_entity_poly.pdbx_seq_one_letter_code       
;ADWEAAMLTLLMMLKVIEKADNAAQVLTALWFMALAAHMAALATPPKLEDKSPASPEMIDFRVGFEELATEIGKAIKLAA
LGKVKEAQAAAEQLKTTVNAHWQKYRSAENLYFQ
;
_entity_poly.pdbx_seq_one_letter_code_can   
;ADWEAAMLTLLMMLKVIEKADNAAQVLTALWFMALAAHMAALATPPKLEDKSPASPEMIDFRVGFEELATEIGKAIKLAA
LGKVKEAQAAAEQLKTTVNAHWQKYRSAENLYFQ
;
_entity_poly.pdbx_strand_id                 A 
_entity_poly.pdbx_target_identifier         ? 
# 
loop_
_pdbx_entity_nonpoly.entity_id 
_pdbx_entity_nonpoly.name 
_pdbx_entity_nonpoly.comp_id 
2 'COBALT (II) ION' CO  
3 water             HOH 
# 
loop_
_entity_poly_seq.entity_id 
_entity_poly_seq.num 
_entity_poly_seq.mon_id 
_entity_poly_seq.hetero 
1 1   ALA n 
1 2   ASP n 
1 3   TRP n 
1 4   GLU n 
1 5   ALA n 
1 6   ALA n 
1 7   MET n 
1 8   LEU n 
1 9   THR n 
1 10  LEU n 
1 11  LEU n 
1 12  MET n 
1 13  MET n 
1 14  LEU n 
1 15  LYS n 
1 16  VAL n 
1 17  ILE n 
1 18  GLU n 
1 19  LYS n 
1 20  ALA n 
1 21  ASP n 
1 22  ASN n 
1 23  ALA n 
1 24  ALA n 
1 25  GLN n 
1 26  VAL n 
1 27  LEU n 
1 28  THR n 
1 29  ALA n 
1 30  LEU n 
1 31  TRP n 
1 32  PHE n 
1 33  MET n 
1 34  ALA n 
1 35  LEU n 
1 36  ALA n 
1 37  ALA n 
1 38  HIS n 
1 39  MET n 
1 40  ALA n 
1 41  ALA n 
1 42  LEU n 
1 43  ALA n 
1 44  THR n 
1 45  PRO n 
1 46  PRO n 
1 47  LYS n 
1 48  LEU n 
1 49  GLU n 
1 50  ASP n 
1 51  LYS n 
1 52  SER n 
1 53  PRO n 
1 54  ALA n 
1 55  SER n 
1 56  PRO n 
1 57  GLU n 
1 58  MET n 
1 59  ILE n 
1 60  ASP n 
1 61  PHE n 
1 62  ARG n 
1 63  VAL n 
1 64  GLY n 
1 65  PHE n 
1 66  GLU n 
1 67  GLU n 
1 68  LEU n 
1 69  ALA n 
1 70  THR n 
1 71  GLU n 
1 72  ILE n 
1 73  GLY n 
1 74  LYS n 
1 75  ALA n 
1 76  ILE n 
1 77  LYS n 
1 78  LEU n 
1 79  ALA n 
1 80  ALA n 
1 81  LEU n 
1 82  GLY n 
1 83  LYS n 
1 84  VAL n 
1 85  LYS n 
1 86  GLU n 
1 87  ALA n 
1 88  GLN n 
1 89  ALA n 
1 90  ALA n 
1 91  ALA n 
1 92  GLU n 
1 93  GLN n 
1 94  LEU n 
1 95  LYS n 
1 96  THR n 
1 97  THR n 
1 98  VAL n 
1 99  ASN n 
1 100 ALA n 
1 101 HIS n 
1 102 TRP n 
1 103 GLN n 
1 104 LYS n 
1 105 TYR n 
1 106 ARG n 
1 107 SER n 
1 108 ALA n 
1 109 GLU n 
1 110 ASN n 
1 111 LEU n 
1 112 TYR n 
1 113 PHE n 
1 114 GLN n 
# 
_entity_src_gen.entity_id                          1 
_entity_src_gen.pdbx_src_id                        1 
_entity_src_gen.pdbx_alt_source_flag               sample 
_entity_src_gen.pdbx_seq_type                      'Biological sequence' 
_entity_src_gen.pdbx_beg_seq_num                   1 
_entity_src_gen.pdbx_end_seq_num                   114 
_entity_src_gen.gene_src_common_name               ? 
_entity_src_gen.gene_src_genus                     ? 
_entity_src_gen.pdbx_gene_src_gene                 ? 
_entity_src_gen.gene_src_species                   ? 
_entity_src_gen.gene_src_strain                    ? 
_entity_src_gen.gene_src_tissue                    ? 
_entity_src_gen.gene_src_tissue_fraction           ? 
_entity_src_gen.gene_src_details                   ? 
_entity_src_gen.pdbx_gene_src_fragment             ? 
_entity_src_gen.pdbx_gene_src_scientific_name      'synthetic construct' 
_entity_src_gen.pdbx_gene_src_ncbi_taxonomy_id     32630 
_entity_src_gen.pdbx_gene_src_variant              ? 
_entity_src_gen.pdbx_gene_src_cell_line            ? 
_entity_src_gen.pdbx_gene_src_atcc                 ? 
_entity_src_gen.pdbx_gene_src_organ                ? 
_entity_src_gen.pdbx_gene_src_organelle            ? 
_entity_src_gen.pdbx_gene_src_cell                 ? 
_entity_src_gen.pdbx_gene_src_cellular_location    ? 
_entity_src_gen.host_org_common_name               ? 
_entity_src_gen.pdbx_host_org_scientific_name      'Escherichia coli BL21(DE3)' 
_entity_src_gen.pdbx_host_org_ncbi_taxonomy_id     469008 
_entity_src_gen.host_org_genus                     ? 
_entity_src_gen.pdbx_host_org_gene                 ? 
_entity_src_gen.pdbx_host_org_organ                ? 
_entity_src_gen.host_org_species                   ? 
_entity_src_gen.pdbx_host_org_tissue               ? 
_entity_src_gen.pdbx_host_org_tissue_fraction      ? 
_entity_src_gen.pdbx_host_org_strain               ? 
_entity_src_gen.pdbx_host_org_variant              ? 
_entity_src_gen.pdbx_host_org_cell_line            ? 
_entity_src_gen.pdbx_host_org_atcc                 ? 
_entity_src_gen.pdbx_host_org_culture_collection   ? 
_entity_src_gen.pdbx_host_org_cell                 ? 
_entity_src_gen.pdbx_host_org_organelle            ? 
_entity_src_gen.pdbx_host_org_cellular_location    ? 
_entity_src_gen.pdbx_host_org_vector_type          ? 
_entity_src_gen.pdbx_host_org_vector               ? 
_entity_src_gen.host_org_details                   ? 
_entity_src_gen.expression_system_id               ? 
_entity_src_gen.plasmid_name                       ? 
_entity_src_gen.plasmid_details                    ? 
_entity_src_gen.pdbx_description                   ? 
# 
loop_
_chem_comp.id 
_chem_comp.type 
_chem_comp.mon_nstd_flag 
_chem_comp.name 
_chem_comp.pdbx_synonyms 
_chem_comp.formula 
_chem_comp.formula_weight 
ALA 'L-peptide linking' y ALANINE           ? 'C3 H7 N O2'     89.093  
ARG 'L-peptide linking' y ARGININE          ? 'C6 H15 N4 O2 1' 175.209 
ASN 'L-peptide linking' y ASPARAGINE        ? 'C4 H8 N2 O3'    132.118 
ASP 'L-peptide linking' y 'ASPARTIC ACID'   ? 'C4 H7 N O4'     133.103 
CO  non-polymer         . 'COBALT (II) ION' ? 'Co 2'           58.933  
GLN 'L-peptide linking' y GLUTAMINE         ? 'C5 H10 N2 O3'   146.144 
GLU 'L-peptide linking' y 'GLUTAMIC ACID'   ? 'C5 H9 N O4'     147.129 
GLY 'peptide linking'   y GLYCINE           ? 'C2 H5 N O2'     75.067  
HIS 'L-peptide linking' y HISTIDINE         ? 'C6 H10 N3 O2 1' 156.162 
HOH non-polymer         . WATER             ? 'H2 O'           18.015  
ILE 'L-peptide linking' y ISOLEUCINE        ? 'C6 H13 N O2'    131.173 
LEU 'L-peptide linking' y LEUCINE           ? 'C6 H13 N O2'    131.173 
LYS 'L-peptide linking' y LYSINE            ? 'C6 H15 N2 O2 1' 147.195 
MET 'L-peptide linking' y METHIONINE        ? 'C5 H11 N O2 S'  149.211 
PHE 'L-peptide linking' y PHENYLALANINE     ? 'C9 H11 N O2'    165.189 
PRO 'L-peptide linking' y PROLINE           ? 'C5 H9 N O2'     115.130 
SER 'L-peptide linking' y SERINE            ? 'C3 H7 N O3'     105.093 
THR 'L-peptide linking' y THREONINE         ? 'C4 H9 N O3'     119.119 
TRP 'L-peptide linking' y TRYPTOPHAN        ? 'C11 H12 N2 O2'  204.225 
TYR 'L-peptide linking' y TYROSINE          ? 'C9 H11 N O3'    181.189 
VAL 'L-peptide linking' y VALINE            ? 'C5 H11 N O2'    117.146 
# 
loop_
_pdbx_poly_seq_scheme.asym_id 
_pdbx_poly_seq_scheme.entity_id 
_pdbx_poly_seq_scheme.seq_id 
_pdbx_poly_seq_scheme.mon_id 
_pdbx_poly_seq_scheme.ndb_seq_num 
_pdbx_poly_seq_scheme.pdb_seq_num 
_pdbx_poly_seq_scheme.auth_seq_num 
_pdbx_poly_seq_scheme.pdb_mon_id 
_pdbx_poly_seq_scheme.auth_mon_id 
_pdbx_poly_seq_scheme.pdb_strand_id 
_pdbx_poly_seq_scheme.pdb_ins_code 
_pdbx_poly_seq_scheme.hetero 
A 1 1   ALA 1   1   1   ALA ALA A . n 
A 1 2   ASP 2   2   2   ASP ASP A . n 
A 1 3   TRP 3   3   3   TRP TRP A . n 
A 1 4   GLU 4   4   4   GLU GLU A . n 
A 1 5   ALA 5   5   5   ALA ALA A . n 
A 1 6   ALA 6   6   6   ALA ALA A . n 
A 1 7   MET 7   7   7   MET MET A . n 
A 1 8   LEU 8   8   8   LEU LEU A . n 
A 1 9   THR 9   9   9   THR THR A . n 
A 1 10  LEU 10  10  10  LEU LEU A . n 
A 1 11  LEU 11  11  11  LEU LEU A . n 
A 1 12  MET 12  12  12  MET MET A . n 
A 1 13  MET 13  13  13  MET MET A . n 
A 1 14  LEU 14  14  14  LEU LEU A . n 
A 1 15  LYS 15  15  15  LYS LYS A . n 
A 1 16  VAL 16  16  16  VAL VAL A . n 
A 1 17  ILE 17  17  17  ILE ILE A . n 
A 1 18  GLU 18  18  18  GLU GLU A . n 
A 1 19  LYS 19  19  19  LYS LYS A . n 
A 1 20  ALA 20  20  20  ALA ALA A . n 
A 1 21  ASP 21  21  21  ASP ASP A . n 
A 1 22  ASN 22  22  22  ASN ASN A . n 
A 1 23  ALA 23  23  23  ALA ALA A . n 
A 1 24  ALA 24  24  24  ALA ALA A . n 
A 1 25  GLN 25  25  25  GLN GLN A . n 
A 1 26  VAL 26  26  26  VAL VAL A . n 
A 1 27  LEU 27  27  27  LEU LEU A . n 
A 1 28  THR 28  28  28  THR THR A . n 
A 1 29  ALA 29  29  29  ALA ALA A . n 
A 1 30  LEU 30  30  30  LEU LEU A . n 
A 1 31  TRP 31  31  31  TRP TRP A . n 
A 1 32  PHE 32  32  32  PHE PHE A . n 
A 1 33  MET 33  33  33  MET MET A . n 
A 1 34  ALA 34  34  34  ALA ALA A . n 
A 1 35  LEU 35  35  35  LEU LEU A . n 
A 1 36  ALA 36  36  36  ALA ALA A . n 
A 1 37  ALA 37  37  37  ALA ALA A . n 
A 1 38  HIS 38  38  38  HIS HIS A . n 
A 1 39  MET 39  39  39  MET MET A . n 
A 1 40  ALA 40  40  40  ALA ALA A . n 
A 1 41  ALA 41  41  41  ALA ALA A . n 
A 1 42  LEU 42  42  42  LEU LEU A . n 
A 1 43  ALA 43  43  43  ALA ALA A . n 
A 1 44  THR 44  44  44  THR THR A . n 
A 1 45  PRO 45  45  45  PRO PRO A . n 
A 1 46  PRO 46  46  46  PRO PRO A . n 
A 1 47  LYS 47  47  47  LYS LYS A . n 
A 1 48  LEU 48  48  48  LEU LEU A . n 
A 1 49  GLU 49  49  49  GLU GLU A . n 
A 1 50  ASP 50  50  50  ASP ASP A . n 
A 1 51  LYS 51  51  51  LYS LYS A . n 
A 1 52  SER 52  52  52  SER SER A . n 
A 1 53  PRO 53  53  53  PRO PRO A . n 
A 1 54  ALA 54  54  54  ALA ALA A . n 
A 1 55  SER 55  55  55  SER SER A . n 
A 1 56  PRO 56  56  56  PRO PRO A . n 
A 1 57  GLU 57  57  57  GLU GLU A . n 
A 1 58  MET 58  58  58  MET MET A . n 
A 1 59  ILE 59  59  59  ILE ILE A . n 
A 1 60  ASP 60  60  60  ASP ASP A . n 
A 1 61  PHE 61  61  61  PHE PHE A . n 
A 1 62  ARG 62  62  62  ARG ARG A . n 
A 1 63  VAL 63  63  63  VAL VAL A . n 
A 1 64  GLY 64  64  64  GLY GLY A . n 
A 1 65  PHE 65  65  65  PHE PHE A . n 
A 1 66  GLU 66  66  66  GLU GLU A . n 
A 1 67  GLU 67  67  67  GLU GLU A . n 
A 1 68  LEU 68  68  68  LEU LEU A . n 
A 1 69  ALA 69  69  69  ALA ALA A . n 
A 1 70  THR 70  70  70  THR THR A . n 
A 1 71  GLU 71  71  71  GLU GLU A . n 
A 1 72  ILE 72  72  72  ILE ILE A . n 
A 1 73  GLY 73  73  73  GLY GLY A . n 
A 1 74  LYS 74  74  74  LYS LYS A . n 
A 1 75  ALA 75  75  75  ALA ALA A . n 
A 1 76  ILE 76  76  76  ILE ILE A . n 
A 1 77  LYS 77  77  77  LYS LYS A . n 
A 1 78  LEU 78  78  78  LEU LEU A . n 
A 1 79  ALA 79  79  79  ALA ALA A . n 
A 1 80  ALA 80  80  80  ALA ALA A . n 
A 1 81  LEU 81  81  81  LEU LEU A . n 
A 1 82  GLY 82  82  82  GLY GLY A . n 
A 1 83  LYS 83  83  83  LYS LYS A . n 
A 1 84  VAL 84  84  84  VAL VAL A . n 
A 1 85  LYS 85  85  85  LYS LYS A . n 
A 1 86  GLU 86  86  86  GLU GLU A . n 
A 1 87  ALA 87  87  87  ALA ALA A . n 
A 1 88  GLN 88  88  88  GLN GLN A . n 
A 1 89  ALA 89  89  89  ALA ALA A . n 
A 1 90  ALA 90  90  90  ALA ALA A . n 
A 1 91  ALA 91  91  91  ALA ALA A . n 
A 1 92  GLU 92  92  92  GLU GLU A . n 
A 1 93  GLN 93  93  93  GLN GLN A . n 
A 1 94  LEU 94  94  94  LEU LEU A . n 
A 1 95  LYS 95  95  95  LYS LYS A . n 
A 1 96  THR 96  96  96  THR THR A . n 
A 1 97  THR 97  97  97  THR THR A . n 
A 1 98  VAL 98  98  98  VAL VAL A . n 
A 1 99  ASN 99  99  99  ASN ASN A . n 
A 1 100 ALA 100 100 100 ALA ALA A . n 
A 1 101 HIS 101 101 101 HIS HIS A . n 
A 1 102 TRP 102 102 102 TRP TRP A . n 
A 1 103 GLN 103 103 103 GLN GLN A . n 
A 1 104 LYS 104 104 104 LYS LYS A . n 
A 1 105 TYR 105 105 105 TYR TYR A . n 
A 1 106 ARG 106 106 106 ARG ARG A . n 
A 1 107 SER 107 107 107 SER SER A . n 
A 1 108 ALA 108 108 ?   ?   ?   A . n 
A 1 109 GLU 109 109 ?   ?   ?   A . n 
A 1 110 ASN 110 110 ?   ?   ?   A . n 
A 1 111 LEU 111 111 ?   ?   ?   A . n 
A 1 112 TYR 112 112 ?   ?   ?   A . n 
A 1 113 PHE 113 113 ?   ?   ?   A . n 
A 1 114 GLN 114 114 ?   ?   ?   A . n 
# 
_pdbx_entity_instance_feature.ordinal        1 
_pdbx_entity_instance_feature.comp_id        CO 
_pdbx_entity_instance_feature.asym_id        ? 
_pdbx_entity_instance_feature.seq_num        ? 
_pdbx_entity_instance_feature.auth_comp_id   CO 
_pdbx_entity_instance_feature.auth_asym_id   ? 
_pdbx_entity_instance_feature.auth_seq_num   ? 
_pdbx_entity_instance_feature.feature_type   'SUBJECT OF INVESTIGATION' 
_pdbx_entity_instance_feature.details        ? 
# 
loop_
_pdbx_nonpoly_scheme.asym_id 
_pdbx_nonpoly_scheme.entity_id 
_pdbx_nonpoly_scheme.mon_id 
_pdbx_nonpoly_scheme.ndb_seq_num 
_pdbx_nonpoly_scheme.pdb_seq_num 
_pdbx_nonpoly_scheme.auth_seq_num 
_pdbx_nonpoly_scheme.pdb_mon_id 
_pdbx_nonpoly_scheme.auth_mon_id 
_pdbx_nonpoly_scheme.pdb_strand_id 
_pdbx_nonpoly_scheme.pdb_ins_code 
B 2 CO  1  201 1  CO  CO  A . 
C 3 HOH 1  301 14 HOH HOH A . 
C 3 HOH 2  302 24 HOH HOH A . 
C 3 HOH 3  303 2  HOH HOH A . 
C 3 HOH 4  304 13 HOH HOH A . 
C 3 HOH 5  305 10 HOH HOH A . 
C 3 HOH 6  306 31 HOH HOH A . 
C 3 HOH 7  307 6  HOH HOH A . 
C 3 HOH 8  308 35 HOH HOH A . 
C 3 HOH 9  309 21 HOH HOH A . 
C 3 HOH 10 310 23 HOH HOH A . 
C 3 HOH 11 311 4  HOH HOH A . 
C 3 HOH 12 312 5  HOH HOH A . 
C 3 HOH 13 313 28 HOH HOH A . 
C 3 HOH 14 314 29 HOH HOH A . 
C 3 HOH 15 315 33 HOH HOH A . 
C 3 HOH 16 316 15 HOH HOH A . 
C 3 HOH 17 317 30 HOH HOH A . 
C 3 HOH 18 318 17 HOH HOH A . 
C 3 HOH 19 319 3  HOH HOH A . 
C 3 HOH 20 320 18 HOH HOH A . 
C 3 HOH 21 321 8  HOH HOH A . 
C 3 HOH 22 322 20 HOH HOH A . 
C 3 HOH 23 323 9  HOH HOH A . 
C 3 HOH 24 324 1  HOH HOH A . 
C 3 HOH 25 325 32 HOH HOH A . 
C 3 HOH 26 326 34 HOH HOH A . 
C 3 HOH 27 327 22 HOH HOH A . 
C 3 HOH 28 328 27 HOH HOH A . 
C 3 HOH 29 329 12 HOH HOH A . 
C 3 HOH 30 330 16 HOH HOH A . 
C 3 HOH 31 331 25 HOH HOH A . 
C 3 HOH 32 332 19 HOH HOH A . 
C 3 HOH 33 333 11 HOH HOH A . 
C 3 HOH 34 334 26 HOH HOH A . 
# 
loop_
_software.citation_id 
_software.classification 
_software.compiler_name 
_software.compiler_version 
_software.contact_author 
_software.contact_author_email 
_software.date 
_software.description 
_software.dependencies 
_software.hardware 
_software.language 
_software.location 
_software.mods 
_software.name 
_software.os 
_software.os_version 
_software.type 
_software.version 
_software.pdbx_ordinal 
? refinement       ? ? ? ? ? ? ? ? ? ? ? PHENIX ? ? ? 1.17_3644 1 
? 'data reduction' ? ? ? ? ? ? ? ? ? ? ? XDS    ? ? ? .         2 
? 'data scaling'   ? ? ? ? ? ? ? ? ? ? ? XSCALE ? ? ? .         3 
? phasing          ? ? ? ? ? ? ? ? ? ? ? PHASER ? ? ? .         4 
# 
_cell.angle_alpha                  90.000 
_cell.angle_alpha_esd              ? 
_cell.angle_beta                   90.000 
_cell.angle_beta_esd               ? 
_cell.angle_gamma                  120.000 
_cell.angle_gamma_esd              ? 
_cell.entry_id                     9DBA 
_cell.details                      ? 
_cell.formula_units_Z              ? 
_cell.length_a                     72.260 
_cell.length_a_esd                 ? 
_cell.length_b                     72.260 
_cell.length_b_esd                 ? 
_cell.length_c                     56.830 
_cell.length_c_esd                 ? 
_cell.volume                       256982.886 
_cell.volume_esd                   ? 
_cell.Z_PDB                        9 
_cell.reciprocal_angle_alpha       ? 
_cell.reciprocal_angle_beta        ? 
_cell.reciprocal_angle_gamma       ? 
_cell.reciprocal_angle_alpha_esd   ? 
_cell.reciprocal_angle_beta_esd    ? 
_cell.reciprocal_angle_gamma_esd   ? 
_cell.reciprocal_length_a          ? 
_cell.reciprocal_length_b          ? 
_cell.reciprocal_length_c          ? 
_cell.reciprocal_length_a_esd      ? 
_cell.reciprocal_length_b_esd      ? 
_cell.reciprocal_length_c_esd      ? 
_cell.pdbx_unique_axis             ? 
_cell.pdbx_esd_method              ? 
# 
_symmetry.entry_id                         9DBA 
_symmetry.cell_setting                     ? 
_symmetry.Int_Tables_number                146 
_symmetry.space_group_name_Hall            'R 3' 
_symmetry.space_group_name_H-M             'H 3' 
_symmetry.pdbx_full_space_group_name_H-M   ? 
# 
_exptl.absorpt_coefficient_mu     ? 
_exptl.absorpt_correction_T_max   ? 
_exptl.absorpt_correction_T_min   ? 
_exptl.absorpt_correction_type    ? 
_exptl.absorpt_process_details    ? 
_exptl.entry_id                   9DBA 
_exptl.crystals_number            1 
_exptl.details                    ? 
_exptl.method                     'X-RAY DIFFRACTION' 
_exptl.method_details             ? 
# 
_exptl_crystal.colour                       ? 
_exptl_crystal.density_diffrn               ? 
_exptl_crystal.density_Matthews             2.27 
_exptl_crystal.density_method               ? 
_exptl_crystal.density_percent_sol          45.89 
_exptl_crystal.description                  ? 
_exptl_crystal.F_000                        ? 
_exptl_crystal.id                           1 
_exptl_crystal.preparation                  ? 
_exptl_crystal.size_max                     ? 
_exptl_crystal.size_mid                     ? 
_exptl_crystal.size_min                     ? 
_exptl_crystal.size_rad                     ? 
_exptl_crystal.colour_lustre                ? 
_exptl_crystal.colour_modifier              ? 
_exptl_crystal.colour_primary               ? 
_exptl_crystal.density_meas                 ? 
_exptl_crystal.density_meas_esd             ? 
_exptl_crystal.density_meas_gt              ? 
_exptl_crystal.density_meas_lt              ? 
_exptl_crystal.density_meas_temp            ? 
_exptl_crystal.density_meas_temp_esd        ? 
_exptl_crystal.density_meas_temp_gt         ? 
_exptl_crystal.density_meas_temp_lt         ? 
_exptl_crystal.pdbx_crystal_image_url       ? 
_exptl_crystal.pdbx_crystal_image_format    ? 
_exptl_crystal.pdbx_mosaicity               ? 
_exptl_crystal.pdbx_mosaicity_esd           ? 
_exptl_crystal.pdbx_mosaic_method           ? 
_exptl_crystal.pdbx_mosaic_block_size       ? 
_exptl_crystal.pdbx_mosaic_block_size_esd   ? 
# 
_exptl_crystal_grow.apparatus       ? 
_exptl_crystal_grow.atmosphere      ? 
_exptl_crystal_grow.crystal_id      1 
_exptl_crystal_grow.details         ? 
_exptl_crystal_grow.method          'VAPOR DIFFUSION, SITTING DROP' 
_exptl_crystal_grow.method_ref      ? 
_exptl_crystal_grow.pH              5.5 
_exptl_crystal_grow.pressure        ? 
_exptl_crystal_grow.pressure_esd    ? 
_exptl_crystal_grow.seeding         ? 
_exptl_crystal_grow.seeding_ref     ? 
_exptl_crystal_grow.temp_details    ? 
_exptl_crystal_grow.temp_esd        ? 
_exptl_crystal_grow.time            ? 
_exptl_crystal_grow.pdbx_details    '25% PEG 400, 200 mM NaCl, 100 mM Bis-Tris (pH 5.5)' 
_exptl_crystal_grow.pdbx_pH_range   ? 
_exptl_crystal_grow.temp            298 
# 
_diffrn.ambient_environment              ? 
_diffrn.ambient_temp                     100 
_diffrn.ambient_temp_details             ? 
_diffrn.ambient_temp_esd                 ? 
_diffrn.crystal_id                       1 
_diffrn.crystal_support                  ? 
_diffrn.crystal_treatment                ? 
_diffrn.details                          ? 
_diffrn.id                               1 
_diffrn.ambient_pressure                 ? 
_diffrn.ambient_pressure_esd             ? 
_diffrn.ambient_pressure_gt              ? 
_diffrn.ambient_pressure_lt              ? 
_diffrn.ambient_temp_gt                  ? 
_diffrn.ambient_temp_lt                  ? 
_diffrn.pdbx_serial_crystal_experiment   N 
# 
_diffrn_detector.details                      ? 
_diffrn_detector.detector                     PIXEL 
_diffrn_detector.diffrn_id                    1 
_diffrn_detector.type                         'DECTRIS PILATUS3 S 6M' 
_diffrn_detector.area_resol_mean              ? 
_diffrn_detector.dtime                        ? 
_diffrn_detector.pdbx_frames_total            ? 
_diffrn_detector.pdbx_collection_time_total   ? 
_diffrn_detector.pdbx_collection_date         2022-08-26 
_diffrn_detector.pdbx_frequency               ? 
_diffrn_detector.id                           ? 
_diffrn_detector.number_of_axes               ? 
# 
_diffrn_radiation.collimation                      ? 
_diffrn_radiation.diffrn_id                        1 
_diffrn_radiation.filter_edge                      ? 
_diffrn_radiation.inhomogeneity                    ? 
_diffrn_radiation.monochromator                    ? 
_diffrn_radiation.polarisn_norm                    ? 
_diffrn_radiation.polarisn_ratio                   ? 
_diffrn_radiation.probe                            ? 
_diffrn_radiation.type                             ? 
_diffrn_radiation.xray_symbol                      ? 
_diffrn_radiation.wavelength_id                    1 
_diffrn_radiation.pdbx_monochromatic_or_laue_m_l   M 
_diffrn_radiation.pdbx_wavelength_list             ? 
_diffrn_radiation.pdbx_wavelength                  ? 
_diffrn_radiation.pdbx_diffrn_protocol             MAD 
_diffrn_radiation.pdbx_analyzer                    ? 
_diffrn_radiation.pdbx_scattering_type             x-ray 
# 
_diffrn_radiation_wavelength.id           1 
_diffrn_radiation_wavelength.wavelength   1.605130 
_diffrn_radiation_wavelength.wt           1.0 
# 
_diffrn_source.current                     ? 
_diffrn_source.details                     ? 
_diffrn_source.diffrn_id                   1 
_diffrn_source.power                       ? 
_diffrn_source.size                        ? 
_diffrn_source.source                      SYNCHROTRON 
_diffrn_source.target                      ? 
_diffrn_source.type                        'ALS BEAMLINE 8.3.1' 
_diffrn_source.voltage                     ? 
_diffrn_source.take-off_angle              ? 
_diffrn_source.pdbx_wavelength_list        1.605130 
_diffrn_source.pdbx_wavelength             ? 
_diffrn_source.pdbx_synchrotron_beamline   8.3.1 
_diffrn_source.pdbx_synchrotron_site       ALS 
# 
_reflns.B_iso_Wilson_estimate                          46.36 
_reflns.entry_id                                       9DBA 
_reflns.data_reduction_details                         ? 
_reflns.data_reduction_method                          ? 
_reflns.d_resolution_high                              2.2 
_reflns.d_resolution_low                               42.07 
_reflns.details                                        ? 
_reflns.limit_h_max                                    ? 
_reflns.limit_h_min                                    ? 
_reflns.limit_k_max                                    ? 
_reflns.limit_k_min                                    ? 
_reflns.limit_l_max                                    ? 
_reflns.limit_l_min                                    ? 
_reflns.number_all                                     ? 
_reflns.number_obs                                     10609 
_reflns.observed_criterion                             ? 
_reflns.observed_criterion_F_max                       ? 
_reflns.observed_criterion_F_min                       ? 
_reflns.observed_criterion_I_max                       ? 
_reflns.observed_criterion_I_min                       ? 
_reflns.observed_criterion_sigma_F                     ? 
_reflns.observed_criterion_sigma_I                     ? 
_reflns.percent_possible_obs                           99.50 
_reflns.R_free_details                                 ? 
_reflns.Rmerge_F_all                                   ? 
_reflns.Rmerge_F_obs                                   ? 
_reflns.Friedel_coverage                               ? 
_reflns.number_gt                                      ? 
_reflns.threshold_expression                           ? 
_reflns.pdbx_redundancy                                4.8 
_reflns.pdbx_netI_over_av_sigmaI                       ? 
_reflns.pdbx_netI_over_sigmaI                          28.94 
_reflns.pdbx_res_netI_over_av_sigmaI_2                 ? 
_reflns.pdbx_res_netI_over_sigmaI_2                    ? 
_reflns.pdbx_chi_squared                               ? 
_reflns.pdbx_scaling_rejects                           ? 
_reflns.pdbx_d_res_high_opt                            ? 
_reflns.pdbx_d_res_low_opt                             ? 
_reflns.pdbx_d_res_opt_method                          ? 
_reflns.phase_calculation_details                      ? 
_reflns.pdbx_Rrim_I_all                                0.04547 
_reflns.pdbx_Rpim_I_all                                0.02036 
_reflns.pdbx_d_opt                                     ? 
_reflns.pdbx_number_measured_all                       ? 
_reflns.pdbx_diffrn_id                                 1 
_reflns.pdbx_ordinal                                   1 
_reflns.pdbx_CC_half                                   0.997 
_reflns.pdbx_CC_star                                   0.999 
_reflns.pdbx_R_split                                   ? 
_reflns.pdbx_Rmerge_I_obs                              0.04053 
_reflns.pdbx_Rmerge_I_all                              ? 
_reflns.pdbx_Rsym_value                                ? 
_reflns.pdbx_CC_split_method                           ? 
_reflns.pdbx_aniso_diffraction_limit_axis_1_ortho[1]   ? 
_reflns.pdbx_aniso_diffraction_limit_axis_1_ortho[2]   ? 
_reflns.pdbx_aniso_diffraction_limit_axis_1_ortho[3]   ? 
_reflns.pdbx_aniso_diffraction_limit_axis_2_ortho[1]   ? 
_reflns.pdbx_aniso_diffraction_limit_axis_2_ortho[2]   ? 
_reflns.pdbx_aniso_diffraction_limit_axis_2_ortho[3]   ? 
_reflns.pdbx_aniso_diffraction_limit_axis_3_ortho[1]   ? 
_reflns.pdbx_aniso_diffraction_limit_axis_3_ortho[2]   ? 
_reflns.pdbx_aniso_diffraction_limit_axis_3_ortho[3]   ? 
_reflns.pdbx_aniso_diffraction_limit_1                 ? 
_reflns.pdbx_aniso_diffraction_limit_2                 ? 
_reflns.pdbx_aniso_diffraction_limit_3                 ? 
_reflns.pdbx_aniso_B_tensor_eigenvector_1_ortho[1]     ? 
_reflns.pdbx_aniso_B_tensor_eigenvector_1_ortho[2]     ? 
_reflns.pdbx_aniso_B_tensor_eigenvector_1_ortho[3]     ? 
_reflns.pdbx_aniso_B_tensor_eigenvector_2_ortho[1]     ? 
_reflns.pdbx_aniso_B_tensor_eigenvector_2_ortho[2]     ? 
_reflns.pdbx_aniso_B_tensor_eigenvector_2_ortho[3]     ? 
_reflns.pdbx_aniso_B_tensor_eigenvector_3_ortho[1]     ? 
_reflns.pdbx_aniso_B_tensor_eigenvector_3_ortho[2]     ? 
_reflns.pdbx_aniso_B_tensor_eigenvector_3_ortho[3]     ? 
_reflns.pdbx_aniso_B_tensor_eigenvalue_1               ? 
_reflns.pdbx_aniso_B_tensor_eigenvalue_2               ? 
_reflns.pdbx_aniso_B_tensor_eigenvalue_3               ? 
_reflns.pdbx_orthogonalization_convention              ? 
_reflns.pdbx_percent_possible_ellipsoidal              ? 
_reflns.pdbx_percent_possible_spherical                ? 
_reflns.pdbx_percent_possible_ellipsoidal_anomalous    ? 
_reflns.pdbx_percent_possible_spherical_anomalous      ? 
_reflns.pdbx_redundancy_anomalous                      ? 
_reflns.pdbx_CC_half_anomalous                         ? 
_reflns.pdbx_absDiff_over_sigma_anomalous              ? 
_reflns.pdbx_percent_possible_anomalous                ? 
_reflns.pdbx_observed_signal_threshold                 ? 
_reflns.pdbx_signal_type                               ? 
_reflns.pdbx_signal_details                            ? 
_reflns.pdbx_signal_software_id                        ? 
# 
_reflns_shell.d_res_high                                    2.2 
_reflns_shell.d_res_low                                     2.279 
_reflns_shell.meanI_over_sigI_all                           ? 
_reflns_shell.meanI_over_sigI_obs                           6.63 
_reflns_shell.number_measured_all                           ? 
_reflns_shell.number_measured_obs                           ? 
_reflns_shell.number_possible                               ? 
_reflns_shell.number_unique_all                             ? 
_reflns_shell.number_unique_obs                             1594 
_reflns_shell.percent_possible_obs                          ? 
_reflns_shell.Rmerge_F_all                                  ? 
_reflns_shell.Rmerge_F_obs                                  ? 
_reflns_shell.meanI_over_sigI_gt                            ? 
_reflns_shell.meanI_over_uI_all                             ? 
_reflns_shell.meanI_over_uI_gt                              ? 
_reflns_shell.number_measured_gt                            ? 
_reflns_shell.number_unique_gt                              ? 
_reflns_shell.percent_possible_gt                           ? 
_reflns_shell.Rmerge_F_gt                                   ? 
_reflns_shell.Rmerge_I_gt                                   ? 
_reflns_shell.pdbx_redundancy                               3.3 
_reflns_shell.pdbx_chi_squared                              ? 
_reflns_shell.pdbx_netI_over_sigmaI_all                     ? 
_reflns_shell.pdbx_netI_over_sigmaI_obs                     ? 
_reflns_shell.pdbx_Rrim_I_all                               0.1923 
_reflns_shell.pdbx_Rpim_I_all                               0.1008 
_reflns_shell.pdbx_rejects                                  ? 
_reflns_shell.pdbx_ordinal                                  1 
_reflns_shell.pdbx_diffrn_id                                1 
_reflns_shell.pdbx_CC_half                                  0.967 
_reflns_shell.pdbx_CC_star                                  0.992 
_reflns_shell.pdbx_R_split                                  ? 
_reflns_shell.percent_possible_all                          97.82 
_reflns_shell.Rmerge_I_all                                  ? 
_reflns_shell.Rmerge_I_obs                                  0.1621 
_reflns_shell.pdbx_Rsym_value                               ? 
_reflns_shell.pdbx_percent_possible_ellipsoidal             ? 
_reflns_shell.pdbx_percent_possible_spherical               ? 
_reflns_shell.pdbx_percent_possible_ellipsoidal_anomalous   ? 
_reflns_shell.pdbx_percent_possible_spherical_anomalous     ? 
_reflns_shell.pdbx_redundancy_anomalous                     ? 
_reflns_shell.pdbx_CC_half_anomalous                        ? 
_reflns_shell.pdbx_absDiff_over_sigma_anomalous             ? 
_reflns_shell.pdbx_percent_possible_anomalous               ? 
# 
_refine.aniso_B[1][1]                            ? 
_refine.aniso_B[1][2]                            ? 
_refine.aniso_B[1][3]                            ? 
_refine.aniso_B[2][2]                            ? 
_refine.aniso_B[2][3]                            ? 
_refine.aniso_B[3][3]                            ? 
_refine.B_iso_max                                ? 
_refine.B_iso_mean                               83.20 
_refine.B_iso_min                                ? 
_refine.correlation_coeff_Fo_to_Fc               ? 
_refine.correlation_coeff_Fo_to_Fc_free          ? 
_refine.details                                  ? 
_refine.diff_density_max                         ? 
_refine.diff_density_max_esd                     ? 
_refine.diff_density_min                         ? 
_refine.diff_density_min_esd                     ? 
_refine.diff_density_rms                         ? 
_refine.diff_density_rms_esd                     ? 
_refine.entry_id                                 9DBA 
_refine.pdbx_refine_id                           'X-RAY DIFFRACTION' 
_refine.ls_abs_structure_details                 ? 
_refine.ls_abs_structure_Flack                   ? 
_refine.ls_abs_structure_Flack_esd               ? 
_refine.ls_abs_structure_Rogers                  ? 
_refine.ls_abs_structure_Rogers_esd              ? 
_refine.ls_d_res_high                            2.20 
_refine.ls_d_res_low                             42.07 
_refine.ls_extinction_coef                       ? 
_refine.ls_extinction_coef_esd                   ? 
_refine.ls_extinction_expression                 ? 
_refine.ls_extinction_method                     ? 
_refine.ls_goodness_of_fit_all                   ? 
_refine.ls_goodness_of_fit_all_esd               ? 
_refine.ls_goodness_of_fit_obs                   ? 
_refine.ls_goodness_of_fit_obs_esd               ? 
_refine.ls_hydrogen_treatment                    ? 
_refine.ls_matrix_type                           ? 
_refine.ls_number_constraints                    ? 
_refine.ls_number_parameters                     ? 
_refine.ls_number_reflns_all                     ? 
_refine.ls_number_reflns_obs                     10609 
_refine.ls_number_reflns_R_free                  1064 
_refine.ls_number_reflns_R_work                  9545 
_refine.ls_number_restraints                     ? 
_refine.ls_percent_reflns_obs                    94.55 
_refine.ls_percent_reflns_R_free                 10.03 
_refine.ls_R_factor_all                          ? 
_refine.ls_R_factor_obs                          0.2320 
_refine.ls_R_factor_R_free                       0.2823 
_refine.ls_R_factor_R_free_error                 ? 
_refine.ls_R_factor_R_free_error_details         ? 
_refine.ls_R_factor_R_work                       0.2266 
_refine.ls_R_Fsqd_factor_obs                     ? 
_refine.ls_R_I_factor_obs                        ? 
_refine.ls_redundancy_reflns_all                 ? 
_refine.ls_redundancy_reflns_obs                 ? 
_refine.ls_restrained_S_all                      ? 
_refine.ls_restrained_S_obs                      ? 
_refine.ls_shift_over_esd_max                    ? 
_refine.ls_shift_over_esd_mean                   ? 
_refine.ls_structure_factor_coef                 ? 
_refine.ls_weighting_details                     ? 
_refine.ls_weighting_scheme                      ? 
_refine.ls_wR_factor_all                         ? 
_refine.ls_wR_factor_obs                         ? 
_refine.ls_wR_factor_R_free                      ? 
_refine.ls_wR_factor_R_work                      ? 
_refine.occupancy_max                            ? 
_refine.occupancy_min                            ? 
_refine.solvent_model_details                    'FLAT BULK SOLVENT MODEL' 
_refine.solvent_model_param_bsol                 ? 
_refine.solvent_model_param_ksol                 ? 
_refine.pdbx_R_complete                          ? 
_refine.ls_R_factor_gt                           ? 
_refine.ls_goodness_of_fit_gt                    ? 
_refine.ls_goodness_of_fit_ref                   ? 
_refine.ls_shift_over_su_max                     ? 
_refine.ls_shift_over_su_max_lt                  ? 
_refine.ls_shift_over_su_mean                    ? 
_refine.ls_shift_over_su_mean_lt                 ? 
_refine.pdbx_ls_sigma_I                          ? 
_refine.pdbx_ls_sigma_F                          2.06 
_refine.pdbx_ls_sigma_Fsqd                       ? 
_refine.pdbx_data_cutoff_high_absF               ? 
_refine.pdbx_data_cutoff_high_rms_absF           ? 
_refine.pdbx_data_cutoff_low_absF                ? 
_refine.pdbx_isotropic_thermal_model             ? 
_refine.pdbx_ls_cross_valid_method               'FREE R-VALUE' 
_refine.pdbx_method_to_determine_struct          'MOLECULAR REPLACEMENT' 
_refine.pdbx_starting_model                      ? 
_refine.pdbx_stereochemistry_target_values       'GeoStd + Monomer Library + CDL v1.2' 
_refine.pdbx_R_Free_selection_details            ? 
_refine.pdbx_stereochem_target_val_spec_case     ? 
_refine.pdbx_overall_ESU_R                       ? 
_refine.pdbx_overall_ESU_R_Free                  ? 
_refine.pdbx_solvent_vdw_probe_radii             1.1100 
_refine.pdbx_solvent_ion_probe_radii             ? 
_refine.pdbx_solvent_shrinkage_radii             0.9000 
_refine.pdbx_real_space_R                        ? 
_refine.pdbx_density_correlation                 ? 
_refine.pdbx_pd_number_of_powder_patterns        ? 
_refine.pdbx_pd_number_of_points                 ? 
_refine.pdbx_pd_meas_number_of_points            ? 
_refine.pdbx_pd_proc_ls_prof_R_factor            ? 
_refine.pdbx_pd_proc_ls_prof_wR_factor           ? 
_refine.pdbx_pd_Marquardt_correlation_coeff      ? 
_refine.pdbx_pd_Fsqrd_R_factor                   ? 
_refine.pdbx_pd_ls_matrix_band_width             ? 
_refine.pdbx_overall_phase_error                 33.7214 
_refine.pdbx_overall_SU_R_free_Cruickshank_DPI   ? 
_refine.pdbx_overall_SU_R_free_Blow_DPI          ? 
_refine.pdbx_overall_SU_R_Blow_DPI               ? 
_refine.pdbx_TLS_residual_ADP_flag               ? 
_refine.pdbx_diffrn_id                           1 
_refine.overall_SU_B                             ? 
_refine.overall_SU_ML                            0.3332 
_refine.overall_SU_R_Cruickshank_DPI             ? 
_refine.overall_SU_R_free                        ? 
_refine.overall_FOM_free_R_set                   ? 
_refine.overall_FOM_work_R_set                   ? 
_refine.pdbx_average_fsc_overall                 ? 
_refine.pdbx_average_fsc_work                    ? 
_refine.pdbx_average_fsc_free                    ? 
# 
_refine_hist.pdbx_refine_id                   'X-RAY DIFFRACTION' 
_refine_hist.cycle_id                         LAST 
_refine_hist.details                          ? 
_refine_hist.d_res_high                       2.20 
_refine_hist.d_res_low                        42.07 
_refine_hist.number_atoms_solvent             34 
_refine_hist.number_atoms_total               853 
_refine_hist.number_reflns_all                ? 
_refine_hist.number_reflns_obs                ? 
_refine_hist.number_reflns_R_free             ? 
_refine_hist.number_reflns_R_work             ? 
_refine_hist.R_factor_all                     ? 
_refine_hist.R_factor_obs                     ? 
_refine_hist.R_factor_R_free                  ? 
_refine_hist.R_factor_R_work                  ? 
_refine_hist.pdbx_number_residues_total       ? 
_refine_hist.pdbx_B_iso_mean_ligand           ? 
_refine_hist.pdbx_B_iso_mean_solvent          ? 
_refine_hist.pdbx_number_atoms_protein        818 
_refine_hist.pdbx_number_atoms_nucleic_acid   0 
_refine_hist.pdbx_number_atoms_ligand         1 
_refine_hist.pdbx_number_atoms_lipid          ? 
_refine_hist.pdbx_number_atoms_carb           ? 
_refine_hist.pdbx_pseudo_atom_details         ? 
# 
loop_
_refine_ls_restr.pdbx_refine_id 
_refine_ls_restr.criterion 
_refine_ls_restr.dev_ideal 
_refine_ls_restr.dev_ideal_target 
_refine_ls_restr.number 
_refine_ls_restr.rejects 
_refine_ls_restr.type 
_refine_ls_restr.weight 
_refine_ls_restr.pdbx_restraint_function 
'X-RAY DIFFRACTION' ? 0.0035  ? 840  ? f_bond_d           ? ? 
'X-RAY DIFFRACTION' ? 0.6755  ? 1137 ? f_angle_d          ? ? 
'X-RAY DIFFRACTION' ? 0.0321  ? 133  ? f_chiral_restr     ? ? 
'X-RAY DIFFRACTION' ? 0.0034  ? 141  ? f_plane_restr      ? ? 
'X-RAY DIFFRACTION' ? 17.5053 ? 310  ? f_dihedral_angle_d ? ? 
# 
loop_
_refine_ls_shell.pdbx_refine_id 
_refine_ls_shell.d_res_high 
_refine_ls_shell.d_res_low 
_refine_ls_shell.number_reflns_all 
_refine_ls_shell.number_reflns_obs 
_refine_ls_shell.number_reflns_R_free 
_refine_ls_shell.number_reflns_R_work 
_refine_ls_shell.percent_reflns_obs 
_refine_ls_shell.percent_reflns_R_free 
_refine_ls_shell.R_factor_all 
_refine_ls_shell.R_factor_obs 
_refine_ls_shell.R_factor_R_free_error 
_refine_ls_shell.R_factor_R_work 
_refine_ls_shell.redundancy_reflns_all 
_refine_ls_shell.redundancy_reflns_obs 
_refine_ls_shell.wR_factor_all 
_refine_ls_shell.wR_factor_obs 
_refine_ls_shell.wR_factor_R_free 
_refine_ls_shell.wR_factor_R_work 
_refine_ls_shell.pdbx_R_complete 
_refine_ls_shell.pdbx_total_number_of_bins_used 
_refine_ls_shell.pdbx_phase_error 
_refine_ls_shell.pdbx_fsc_work 
_refine_ls_shell.pdbx_fsc_free 
_refine_ls_shell.R_factor_R_free 
'X-RAY DIFFRACTION' 2.20 2.30  . . 125 1081 87.01 . . . . 0.3605 . . . . . . . . . . . 0.4335 
'X-RAY DIFFRACTION' 2.30 2.42  . . 130 1181 93.91 . . . . 0.3317 . . . . . . . . . . . 0.3704 
'X-RAY DIFFRACTION' 2.42 2.57  . . 134 1219 95.01 . . . . 0.3325 . . . . . . . . . . . 0.3767 
'X-RAY DIFFRACTION' 2.57 2.77  . . 133 1210 96.20 . . . . 0.3298 . . . . . . . . . . . 0.3413 
'X-RAY DIFFRACTION' 2.77 3.05  . . 139 1208 96.08 . . . . 0.2842 . . . . . . . . . . . 0.3389 
'X-RAY DIFFRACTION' 3.05 3.49  . . 141 1210 96.64 . . . . 0.2473 . . . . . . . . . . . 0.2811 
'X-RAY DIFFRACTION' 3.49 4.39  . . 130 1189 95.30 . . . . 0.1802 . . . . . . . . . . . 0.2656 
'X-RAY DIFFRACTION' 4.40 42.07 . . 132 1247 96.43 . . . . 0.1691 . . . . . . . . . . . 0.2133 
# 
_struct.entry_id                     9DBA 
_struct.title                        'Co-Bound Structure of Computationally Designed Homotrimer Tet4' 
_struct.pdbx_model_details           ? 
_struct.pdbx_formula_weight          ? 
_struct.pdbx_formula_weight_method   ? 
_struct.pdbx_model_type_details      ? 
_struct.pdbx_CASP_flag               N 
# 
_struct_keywords.entry_id        9DBA 
_struct_keywords.text            'Metalloprotein, computational design, DE NOVO PROTEIN' 
_struct_keywords.pdbx_keywords   'DE NOVO PROTEIN' 
# 
loop_
_struct_asym.id 
_struct_asym.pdbx_blank_PDB_chainid_flag 
_struct_asym.pdbx_modified 
_struct_asym.entity_id 
_struct_asym.details 
A N N 1 ? 
B N N 2 ? 
C N N 3 ? 
# 
_struct_ref.id                         1 
_struct_ref.db_name                    PDB 
_struct_ref.db_code                    9DBA 
_struct_ref.pdbx_db_accession          9DBA 
_struct_ref.pdbx_db_isoform            ? 
_struct_ref.entity_id                  1 
_struct_ref.pdbx_seq_one_letter_code   ? 
_struct_ref.pdbx_align_begin           1 
# 
_struct_ref_seq.align_id                      1 
_struct_ref_seq.ref_id                        1 
_struct_ref_seq.pdbx_PDB_id_code              9DBA 
_struct_ref_seq.pdbx_strand_id                A 
_struct_ref_seq.seq_align_beg                 1 
_struct_ref_seq.pdbx_seq_align_beg_ins_code   ? 
_struct_ref_seq.seq_align_end                 114 
_struct_ref_seq.pdbx_seq_align_end_ins_code   ? 
_struct_ref_seq.pdbx_db_accession             9DBA 
_struct_ref_seq.db_align_beg                  1 
_struct_ref_seq.pdbx_db_align_beg_ins_code    ? 
_struct_ref_seq.db_align_end                  114 
_struct_ref_seq.pdbx_db_align_end_ins_code    ? 
_struct_ref_seq.pdbx_auth_seq_align_beg       1 
_struct_ref_seq.pdbx_auth_seq_align_end       114 
# 
_pdbx_struct_assembly.id                   1 
_pdbx_struct_assembly.details              author_and_software_defined_assembly 
_pdbx_struct_assembly.method_details       PISA 
_pdbx_struct_assembly.oligomeric_details   trimeric 
_pdbx_struct_assembly.oligomeric_count     3 
# 
loop_
_pdbx_struct_assembly_prop.biol_id 
_pdbx_struct_assembly_prop.type 
_pdbx_struct_assembly_prop.value 
_pdbx_struct_assembly_prop.details 
1 'ABSA (A^2)' 3780  ? 
1 MORE         -56   ? 
1 'SSA (A^2)'  15170 ? 
# 
_pdbx_struct_assembly_gen.assembly_id       1 
_pdbx_struct_assembly_gen.oper_expression   1,2,3 
_pdbx_struct_assembly_gen.asym_id_list      A,B,C 
# 
_pdbx_struct_assembly_auth_evidence.id                     1 
_pdbx_struct_assembly_auth_evidence.assembly_id            1 
_pdbx_struct_assembly_auth_evidence.experimental_support   'equilibrium centrifugation' 
_pdbx_struct_assembly_auth_evidence.details                ? 
# 
loop_
_pdbx_struct_oper_list.id 
_pdbx_struct_oper_list.type 
_pdbx_struct_oper_list.name 
_pdbx_struct_oper_list.symmetry_operation 
_pdbx_struct_oper_list.matrix[1][1] 
_pdbx_struct_oper_list.matrix[1][2] 
_pdbx_struct_oper_list.matrix[1][3] 
_pdbx_struct_oper_list.vector[1] 
_pdbx_struct_oper_list.matrix[2][1] 
_pdbx_struct_oper_list.matrix[2][2] 
_pdbx_struct_oper_list.matrix[2][3] 
_pdbx_struct_oper_list.vector[2] 
_pdbx_struct_oper_list.matrix[3][1] 
_pdbx_struct_oper_list.matrix[3][2] 
_pdbx_struct_oper_list.matrix[3][3] 
_pdbx_struct_oper_list.vector[3] 
1 'identity operation'         1_555 x,y,z     1.0000000000  0.0000000000  0.0000000000 0.0000000000   0.0000000000  1.0000000000  0.0000000000  0.0000000000   0.0000000000 0.0000000000  1.0000000000 0.0000000000  
2 'crystal symmetry operation' 2_555 -y,x-y,z  -0.0905673423 0.8056483879  0.5854299546 -1.4869836866  -0.6627515362 -0.4875318262 0.5683952144  -23.4345916481 0.7433424230 -0.3365165578 0.5780991684 3.4365319520  
3 'crystal symmetry operation' 3_555 -x+y,-x,z -0.0905673423 -0.6627515362 0.7433424230 -18.2205037627 0.8056483879  -0.4875318262 -0.3365165578 -9.0706733481  0.5854299546 0.5683952144  0.5780991684 12.2039782735 
# 
loop_
_struct_conf.conf_type_id 
_struct_conf.id 
_struct_conf.pdbx_PDB_helix_id 
_struct_conf.beg_label_comp_id 
_struct_conf.beg_label_asym_id 
_struct_conf.beg_label_seq_id 
_struct_conf.pdbx_beg_PDB_ins_code 
_struct_conf.end_label_comp_id 
_struct_conf.end_label_asym_id 
_struct_conf.end_label_seq_id 
_struct_conf.pdbx_end_PDB_ins_code 
_struct_conf.beg_auth_comp_id 
_struct_conf.beg_auth_asym_id 
_struct_conf.beg_auth_seq_id 
_struct_conf.end_auth_comp_id 
_struct_conf.end_auth_asym_id 
_struct_conf.end_auth_seq_id 
_struct_conf.pdbx_PDB_helix_class 
_struct_conf.details 
_struct_conf.pdbx_PDB_helix_length 
HELX_P HELX_P1 AA1 ASP A 2  ? LYS A 19  ? ASP A 2  LYS A 19  1 ? 18 
HELX_P HELX_P2 AA2 ASN A 22 ? ALA A 40  ? ASN A 22 ALA A 40  1 ? 19 
HELX_P HELX_P3 AA3 SER A 55 ? LEU A 81  ? SER A 55 LEU A 81  1 ? 27 
HELX_P HELX_P4 AA4 LYS A 83 ? TYR A 105 ? LYS A 83 TYR A 105 1 ? 23 
# 
_struct_conf_type.id          HELX_P 
_struct_conf_type.criteria    ? 
_struct_conf_type.reference   ? 
# 
loop_
_struct_conn.id 
_struct_conn.conn_type_id 
_struct_conn.pdbx_leaving_atom_flag 
_struct_conn.pdbx_PDB_id 
_struct_conn.ptnr1_label_asym_id 
_struct_conn.ptnr1_label_comp_id 
_struct_conn.ptnr1_label_seq_id 
_struct_conn.ptnr1_label_atom_id 
_struct_conn.pdbx_ptnr1_label_alt_id 
_struct_conn.pdbx_ptnr1_PDB_ins_code 
_struct_conn.pdbx_ptnr1_standard_comp_id 
_struct_conn.ptnr1_symmetry 
_struct_conn.ptnr2_label_asym_id 
_struct_conn.ptnr2_label_comp_id 
_struct_conn.ptnr2_label_seq_id 
_struct_conn.ptnr2_label_atom_id 
_struct_conn.pdbx_ptnr2_label_alt_id 
_struct_conn.pdbx_ptnr2_PDB_ins_code 
_struct_conn.ptnr1_auth_asym_id 
_struct_conn.ptnr1_auth_comp_id 
_struct_conn.ptnr1_auth_seq_id 
_struct_conn.ptnr2_auth_asym_id 
_struct_conn.ptnr2_auth_comp_id 
_struct_conn.ptnr2_auth_seq_id 
_struct_conn.ptnr2_symmetry 
_struct_conn.pdbx_ptnr3_label_atom_id 
_struct_conn.pdbx_ptnr3_label_seq_id 
_struct_conn.pdbx_ptnr3_label_comp_id 
_struct_conn.pdbx_ptnr3_label_asym_id 
_struct_conn.pdbx_ptnr3_label_alt_id 
_struct_conn.pdbx_ptnr3_PDB_ins_code 
_struct_conn.details 
_struct_conn.pdbx_dist_value 
_struct_conn.pdbx_value_order 
_struct_conn.pdbx_role 
metalc1 metalc ? ? A HIS 38 NE2 ? ? ? 1_555 B CO  . CO ? ? A HIS 38  A CO  201 1_555 ? ? ? ? ? ? ? 2.078 ? ? 
metalc2 metalc ? ? A HIS 38 NE2 ? ? ? 1_555 B CO  . CO ? ? A HIS 38  A CO  201 2_555 ? ? ? ? ? ? ? 2.078 ? ? 
metalc3 metalc ? ? B CO  .  CO  ? ? ? 1_555 C HOH . O  ? ? A CO  201 A HOH 324 1_555 ? ? ? ? ? ? ? 2.293 ? ? 
metalc4 metalc ? ? B CO  .  CO  ? ? ? 1_555 C HOH . O  ? ? A CO  201 A HOH 324 2_555 ? ? ? ? ? ? ? 2.293 ? ? 
# 
_struct_conn_type.id          metalc 
_struct_conn_type.criteria    ? 
_struct_conn_type.reference   ? 
# 
loop_
_pdbx_struct_conn_angle.id 
_pdbx_struct_conn_angle.ptnr1_label_atom_id 
_pdbx_struct_conn_angle.ptnr1_label_alt_id 
_pdbx_struct_conn_angle.ptnr1_label_asym_id 
_pdbx_struct_conn_angle.ptnr1_label_comp_id 
_pdbx_struct_conn_angle.ptnr1_label_seq_id 
_pdbx_struct_conn_angle.ptnr1_auth_atom_id 
_pdbx_struct_conn_angle.ptnr1_auth_asym_id 
_pdbx_struct_conn_angle.ptnr1_auth_comp_id 
_pdbx_struct_conn_angle.ptnr1_auth_seq_id 
_pdbx_struct_conn_angle.ptnr1_PDB_ins_code 
_pdbx_struct_conn_angle.ptnr1_symmetry 
_pdbx_struct_conn_angle.ptnr2_label_atom_id 
_pdbx_struct_conn_angle.ptnr2_label_alt_id 
_pdbx_struct_conn_angle.ptnr2_label_asym_id 
_pdbx_struct_conn_angle.ptnr2_label_comp_id 
_pdbx_struct_conn_angle.ptnr2_label_seq_id 
_pdbx_struct_conn_angle.ptnr2_auth_atom_id 
_pdbx_struct_conn_angle.ptnr2_auth_asym_id 
_pdbx_struct_conn_angle.ptnr2_auth_comp_id 
_pdbx_struct_conn_angle.ptnr2_auth_seq_id 
_pdbx_struct_conn_angle.ptnr2_PDB_ins_code 
_pdbx_struct_conn_angle.ptnr2_symmetry 
_pdbx_struct_conn_angle.ptnr3_label_atom_id 
_pdbx_struct_conn_angle.ptnr3_label_alt_id 
_pdbx_struct_conn_angle.ptnr3_label_asym_id 
_pdbx_struct_conn_angle.ptnr3_label_comp_id 
_pdbx_struct_conn_angle.ptnr3_label_seq_id 
_pdbx_struct_conn_angle.ptnr3_auth_atom_id 
_pdbx_struct_conn_angle.ptnr3_auth_asym_id 
_pdbx_struct_conn_angle.ptnr3_auth_comp_id 
_pdbx_struct_conn_angle.ptnr3_auth_seq_id 
_pdbx_struct_conn_angle.ptnr3_PDB_ins_code 
_pdbx_struct_conn_angle.ptnr3_symmetry 
_pdbx_struct_conn_angle.value 
_pdbx_struct_conn_angle.value_esd 
1 NE2 ? A HIS 38 ? A HIS 38  ? 1_555 CO ? B CO . ? A CO 201 ? 1_555 NE2 ? A HIS 38 ? A HIS 38  ? 1_555 0.0   ? 
2 NE2 ? A HIS 38 ? A HIS 38  ? 1_555 CO ? B CO . ? A CO 201 ? 1_555 O   ? C HOH .  ? A HOH 324 ? 1_555 120.8 ? 
3 NE2 ? A HIS 38 ? A HIS 38  ? 1_555 CO ? B CO . ? A CO 201 ? 1_555 O   ? C HOH .  ? A HOH 324 ? 1_555 120.8 ? 
4 NE2 ? A HIS 38 ? A HIS 38  ? 1_555 CO ? B CO . ? A CO 201 ? 1_555 O   ? C HOH .  ? A HOH 324 ? 2_555 120.8 ? 
5 NE2 ? A HIS 38 ? A HIS 38  ? 1_555 CO ? B CO . ? A CO 201 ? 1_555 O   ? C HOH .  ? A HOH 324 ? 2_555 120.8 ? 
6 O   ? C HOH .  ? A HOH 324 ? 1_555 CO ? B CO . ? A CO 201 ? 1_555 O   ? C HOH .  ? A HOH 324 ? 2_555 0.0   ? 
# 
_pdbx_entry_details.entry_id                   9DBA 
_pdbx_entry_details.has_ligand_of_interest     Y 
_pdbx_entry_details.compound_details           ? 
_pdbx_entry_details.source_details             ? 
_pdbx_entry_details.nonpolymer_details         ? 
_pdbx_entry_details.sequence_details           ? 
_pdbx_entry_details.has_protein_modification   N 
# 
loop_
_pdbx_validate_torsion.id 
_pdbx_validate_torsion.PDB_model_num 
_pdbx_validate_torsion.auth_comp_id 
_pdbx_validate_torsion.auth_asym_id 
_pdbx_validate_torsion.auth_seq_id 
_pdbx_validate_torsion.PDB_ins_code 
_pdbx_validate_torsion.label_alt_id 
_pdbx_validate_torsion.phi 
_pdbx_validate_torsion.psi 
1 1 LEU A 48 ? ? -159.19 40.80 
2 1 LYS A 83 ? ? -69.31  91.75 
# 
loop_
_pdbx_struct_special_symmetry.id 
_pdbx_struct_special_symmetry.PDB_model_num 
_pdbx_struct_special_symmetry.auth_asym_id 
_pdbx_struct_special_symmetry.auth_comp_id 
_pdbx_struct_special_symmetry.auth_seq_id 
_pdbx_struct_special_symmetry.PDB_ins_code 
_pdbx_struct_special_symmetry.label_asym_id 
_pdbx_struct_special_symmetry.label_comp_id 
_pdbx_struct_special_symmetry.label_seq_id 
1 1 A CO  201 ? B CO  . 
2 1 A HOH 324 ? C HOH . 
# 
loop_
_space_group_symop.id 
_space_group_symop.operation_xyz 
1 x,y,z                 
2 -y,x-y,z              
3 -x+y,-x,z             
4 x+1/3,y+2/3,z+2/3     
5 -y+1/3,x-y+2/3,z+2/3  
6 -x+y+1/3,-x+2/3,z+2/3 
7 x+2/3,y+1/3,z+1/3     
8 -y+2/3,x-y+1/3,z+1/3  
9 -x+y+2/3,-x+1/3,z+1/3 
# 
loop_
_pdbx_refine_tls.id 
_pdbx_refine_tls.pdbx_refine_id 
_pdbx_refine_tls.details 
_pdbx_refine_tls.method 
_pdbx_refine_tls.origin_x 
_pdbx_refine_tls.origin_y 
_pdbx_refine_tls.origin_z 
_pdbx_refine_tls.T[1][1] 
_pdbx_refine_tls.T[1][1]_esd 
_pdbx_refine_tls.T[1][2] 
_pdbx_refine_tls.T[1][2]_esd 
_pdbx_refine_tls.T[1][3] 
_pdbx_refine_tls.T[1][3]_esd 
_pdbx_refine_tls.T[2][2] 
_pdbx_refine_tls.T[2][2]_esd 
_pdbx_refine_tls.T[2][3] 
_pdbx_refine_tls.T[2][3]_esd 
_pdbx_refine_tls.T[3][3] 
_pdbx_refine_tls.T[3][3]_esd 
_pdbx_refine_tls.L[1][1] 
_pdbx_refine_tls.L[1][1]_esd 
_pdbx_refine_tls.L[1][2] 
_pdbx_refine_tls.L[1][2]_esd 
_pdbx_refine_tls.L[1][3] 
_pdbx_refine_tls.L[1][3]_esd 
_pdbx_refine_tls.L[2][2] 
_pdbx_refine_tls.L[2][2]_esd 
_pdbx_refine_tls.L[2][3] 
_pdbx_refine_tls.L[2][3]_esd 
_pdbx_refine_tls.L[3][3] 
_pdbx_refine_tls.L[3][3]_esd 
_pdbx_refine_tls.S[1][1] 
_pdbx_refine_tls.S[1][1]_esd 
_pdbx_refine_tls.S[1][2] 
_pdbx_refine_tls.S[1][2]_esd 
_pdbx_refine_tls.S[1][3] 
_pdbx_refine_tls.S[1][3]_esd 
_pdbx_refine_tls.S[2][1] 
_pdbx_refine_tls.S[2][1]_esd 
_pdbx_refine_tls.S[2][2] 
_pdbx_refine_tls.S[2][2]_esd 
_pdbx_refine_tls.S[2][3] 
_pdbx_refine_tls.S[2][3]_esd 
_pdbx_refine_tls.S[3][1] 
_pdbx_refine_tls.S[3][1]_esd 
_pdbx_refine_tls.S[3][2] 
_pdbx_refine_tls.S[3][2]_esd 
_pdbx_refine_tls.S[3][3] 
_pdbx_refine_tls.S[3][3]_esd 
1 'X-RAY DIFFRACTION' ? refined -3.24383482668 0.21269713711 2.86233253666   0.722117495578 ? 0.079515359147  ? 0.206553747613 ? 0.488609881969 ? 0.137447978851 ? 0.560490399964 ? 4.17213768774 ? 4.92932794577 ? -2.40707923877 ? 13.0950658405 ? 0.78095200899  ? 9.25810833653  ? 0.857245104984 ? -0.25242740374 ? 1.38188115265 ? 3.432007282058 ? 0.27737769916  ? 0.89501092182   ? -1.251928792669 ? -1.233719613307 ? -0.956885238856 ? 
2 'X-RAY DIFFRACTION' ? refined 2.89982331600  0.9189656336  -3.106633042093 0.422510211963 ? -0.063958451206 ? 0.045698783635 ? 0.420034143514 ? 0.011319548574 ? 0.59056639625  ? 4.51791180285 ? 4.51293822571 ? -1.92491649433 ? 9.9533517957  ? -0.40455956510 ? 10.01500926481 ? 0.034767366290 ? 0.96855546181  ? 0.66352140863 ? 0.842981030236 ? 0.607854604853 ? -0.738891486717 ? -0.954253380438 ? 0.169752828130  ? -0.239876954886 ? 
# 
loop_
_pdbx_refine_tls_group.id 
_pdbx_refine_tls_group.pdbx_refine_id 
_pdbx_refine_tls_group.refine_tls_id 
_pdbx_refine_tls_group.beg_label_asym_id 
_pdbx_refine_tls_group.beg_label_seq_id 
_pdbx_refine_tls_group.beg_auth_asym_id 
_pdbx_refine_tls_group.beg_auth_seq_id 
_pdbx_refine_tls_group.beg_PDB_ins_code 
_pdbx_refine_tls_group.end_label_asym_id 
_pdbx_refine_tls_group.end_label_seq_id 
_pdbx_refine_tls_group.end_auth_asym_id 
_pdbx_refine_tls_group.end_auth_seq_id 
_pdbx_refine_tls_group.end_PDB_ins_code 
_pdbx_refine_tls_group.selection 
_pdbx_refine_tls_group.selection_details 
1 'X-RAY DIFFRACTION' 1 ? ? ? ? ? ? ? ? ? ? ? 
;chain 'A' and (resid 1 through 55 )
;
2 'X-RAY DIFFRACTION' 2 ? ? ? ? ? ? ? ? ? ? ? 
;chain 'A' and (resid 56 through 107 )
;
# 
_pdbx_distant_solvent_atoms.id                                1 
_pdbx_distant_solvent_atoms.PDB_model_num                     1 
_pdbx_distant_solvent_atoms.auth_atom_id                      O 
_pdbx_distant_solvent_atoms.label_alt_id                      ? 
_pdbx_distant_solvent_atoms.auth_asym_id                      A 
_pdbx_distant_solvent_atoms.auth_comp_id                      HOH 
_pdbx_distant_solvent_atoms.auth_seq_id                       334 
_pdbx_distant_solvent_atoms.PDB_ins_code                      ? 
_pdbx_distant_solvent_atoms.neighbor_macromolecule_distance   6.88 
_pdbx_distant_solvent_atoms.neighbor_ligand_distance          . 
# 
loop_
_pdbx_unobs_or_zero_occ_residues.id 
_pdbx_unobs_or_zero_occ_residues.PDB_model_num 
_pdbx_unobs_or_zero_occ_residues.polymer_flag 
_pdbx_unobs_or_zero_occ_residues.occupancy_flag 
_pdbx_unobs_or_zero_occ_residues.auth_asym_id 
_pdbx_unobs_or_zero_occ_residues.auth_comp_id 
_pdbx_unobs_or_zero_occ_residues.auth_seq_id 
_pdbx_unobs_or_zero_occ_residues.PDB_ins_code 
_pdbx_unobs_or_zero_occ_residues.label_asym_id 
_pdbx_unobs_or_zero_occ_residues.label_comp_id 
_pdbx_unobs_or_zero_occ_residues.label_seq_id 
1 1 Y 1 A ALA 108 ? A ALA 108 
2 1 Y 1 A GLU 109 ? A GLU 109 
3 1 Y 1 A ASN 110 ? A ASN 110 
4 1 Y 1 A LEU 111 ? A LEU 111 
5 1 Y 1 A TYR 112 ? A TYR 112 
6 1 Y 1 A PHE 113 ? A PHE 113 
7 1 Y 1 A GLN 114 ? A GLN 114 
# 
loop_
_chem_comp_atom.comp_id 
_chem_comp_atom.atom_id 
_chem_comp_atom.type_symbol 
_chem_comp_atom.pdbx_aromatic_flag 
_chem_comp_atom.pdbx_stereo_config 
_chem_comp_atom.pdbx_ordinal 
ALA N    N  N N 1   
ALA CA   C  N S 2   
ALA C    C  N N 3   
ALA O    O  N N 4   
ALA CB   C  N N 5   
ALA OXT  O  N N 6   
ALA H    H  N N 7   
ALA H2   H  N N 8   
ALA HA   H  N N 9   
ALA HB1  H  N N 10  
ALA HB2  H  N N 11  
ALA HB3  H  N N 12  
ALA HXT  H  N N 13  
ARG N    N  N N 14  
ARG CA   C  N S 15  
ARG C    C  N N 16  
ARG O    O  N N 17  
ARG CB   C  N N 18  
ARG CG   C  N N 19  
ARG CD   C  N N 20  
ARG NE   N  N N 21  
ARG CZ   C  N N 22  
ARG NH1  N  N N 23  
ARG NH2  N  N N 24  
ARG OXT  O  N N 25  
ARG H    H  N N 26  
ARG H2   H  N N 27  
ARG HA   H  N N 28  
ARG HB2  H  N N 29  
ARG HB3  H  N N 30  
ARG HG2  H  N N 31  
ARG HG3  H  N N 32  
ARG HD2  H  N N 33  
ARG HD3  H  N N 34  
ARG HE   H  N N 35  
ARG HH11 H  N N 36  
ARG HH12 H  N N 37  
ARG HH21 H  N N 38  
ARG HH22 H  N N 39  
ARG HXT  H  N N 40  
ASN N    N  N N 41  
ASN CA   C  N S 42  
ASN C    C  N N 43  
ASN O    O  N N 44  
ASN CB   C  N N 45  
ASN CG   C  N N 46  
ASN OD1  O  N N 47  
ASN ND2  N  N N 48  
ASN OXT  O  N N 49  
ASN H    H  N N 50  
ASN H2   H  N N 51  
ASN HA   H  N N 52  
ASN HB2  H  N N 53  
ASN HB3  H  N N 54  
ASN HD21 H  N N 55  
ASN HD22 H  N N 56  
ASN HXT  H  N N 57  
ASP N    N  N N 58  
ASP CA   C  N S 59  
ASP C    C  N N 60  
ASP O    O  N N 61  
ASP CB   C  N N 62  
ASP CG   C  N N 63  
ASP OD1  O  N N 64  
ASP OD2  O  N N 65  
ASP OXT  O  N N 66  
ASP H    H  N N 67  
ASP H2   H  N N 68  
ASP HA   H  N N 69  
ASP HB2  H  N N 70  
ASP HB3  H  N N 71  
ASP HD2  H  N N 72  
ASP HXT  H  N N 73  
CO  CO   CO N N 74  
GLN N    N  N N 75  
GLN CA   C  N S 76  
GLN C    C  N N 77  
GLN O    O  N N 78  
GLN CB   C  N N 79  
GLN CG   C  N N 80  
GLN CD   C  N N 81  
GLN OE1  O  N N 82  
GLN NE2  N  N N 83  
GLN OXT  O  N N 84  
GLN H    H  N N 85  
GLN H2   H  N N 86  
GLN HA   H  N N 87  
GLN HB2  H  N N 88  
GLN HB3  H  N N 89  
GLN HG2  H  N N 90  
GLN HG3  H  N N 91  
GLN HE21 H  N N 92  
GLN HE22 H  N N 93  
GLN HXT  H  N N 94  
GLU N    N  N N 95  
GLU CA   C  N S 96  
GLU C    C  N N 97  
GLU O    O  N N 98  
GLU CB   C  N N 99  
GLU CG   C  N N 100 
GLU CD   C  N N 101 
GLU OE1  O  N N 102 
GLU OE2  O  N N 103 
GLU OXT  O  N N 104 
GLU H    H  N N 105 
GLU H2   H  N N 106 
GLU HA   H  N N 107 
GLU HB2  H  N N 108 
GLU HB3  H  N N 109 
GLU HG2  H  N N 110 
GLU HG3  H  N N 111 
GLU HE2  H  N N 112 
GLU HXT  H  N N 113 
GLY N    N  N N 114 
GLY CA   C  N N 115 
GLY C    C  N N 116 
GLY O    O  N N 117 
GLY OXT  O  N N 118 
GLY H    H  N N 119 
GLY H2   H  N N 120 
GLY HA2  H  N N 121 
GLY HA3  H  N N 122 
GLY HXT  H  N N 123 
HIS N    N  N N 124 
HIS CA   C  N S 125 
HIS C    C  N N 126 
HIS O    O  N N 127 
HIS CB   C  N N 128 
HIS CG   C  Y N 129 
HIS ND1  N  Y N 130 
HIS CD2  C  Y N 131 
HIS CE1  C  Y N 132 
HIS NE2  N  Y N 133 
HIS OXT  O  N N 134 
HIS H    H  N N 135 
HIS H2   H  N N 136 
HIS HA   H  N N 137 
HIS HB2  H  N N 138 
HIS HB3  H  N N 139 
HIS HD1  H  N N 140 
HIS HD2  H  N N 141 
HIS HE1  H  N N 142 
HIS HE2  H  N N 143 
HIS HXT  H  N N 144 
HOH O    O  N N 145 
HOH H1   H  N N 146 
HOH H2   H  N N 147 
ILE N    N  N N 148 
ILE CA   C  N S 149 
ILE C    C  N N 150 
ILE O    O  N N 151 
ILE CB   C  N S 152 
ILE CG1  C  N N 153 
ILE CG2  C  N N 154 
ILE CD1  C  N N 155 
ILE OXT  O  N N 156 
ILE H    H  N N 157 
ILE H2   H  N N 158 
ILE HA   H  N N 159 
ILE HB   H  N N 160 
ILE HG12 H  N N 161 
ILE HG13 H  N N 162 
ILE HG21 H  N N 163 
ILE HG22 H  N N 164 
ILE HG23 H  N N 165 
ILE HD11 H  N N 166 
ILE HD12 H  N N 167 
ILE HD13 H  N N 168 
ILE HXT  H  N N 169 
LEU N    N  N N 170 
LEU CA   C  N S 171 
LEU C    C  N N 172 
LEU O    O  N N 173 
LEU CB   C  N N 174 
LEU CG   C  N N 175 
LEU CD1  C  N N 176 
LEU CD2  C  N N 177 
LEU OXT  O  N N 178 
LEU H    H  N N 179 
LEU H2   H  N N 180 
LEU HA   H  N N 181 
LEU HB2  H  N N 182 
LEU HB3  H  N N 183 
LEU HG   H  N N 184 
LEU HD11 H  N N 185 
LEU HD12 H  N N 186 
LEU HD13 H  N N 187 
LEU HD21 H  N N 188 
LEU HD22 H  N N 189 
LEU HD23 H  N N 190 
LEU HXT  H  N N 191 
LYS N    N  N N 192 
LYS CA   C  N S 193 
LYS C    C  N N 194 
LYS O    O  N N 195 
LYS CB   C  N N 196 
LYS CG   C  N N 197 
LYS CD   C  N N 198 
LYS CE   C  N N 199 
LYS NZ   N  N N 200 
LYS OXT  O  N N 201 
LYS H    H  N N 202 
LYS H2   H  N N 203 
LYS HA   H  N N 204 
LYS HB2  H  N N 205 
LYS HB3  H  N N 206 
LYS HG2  H  N N 207 
LYS HG3  H  N N 208 
LYS HD2  H  N N 209 
LYS HD3  H  N N 210 
LYS HE2  H  N N 211 
LYS HE3  H  N N 212 
LYS HZ1  H  N N 213 
LYS HZ2  H  N N 214 
LYS HZ3  H  N N 215 
LYS HXT  H  N N 216 
MET N    N  N N 217 
MET CA   C  N S 218 
MET C    C  N N 219 
MET O    O  N N 220 
MET CB   C  N N 221 
MET CG   C  N N 222 
MET SD   S  N N 223 
MET CE   C  N N 224 
MET OXT  O  N N 225 
MET H    H  N N 226 
MET H2   H  N N 227 
MET HA   H  N N 228 
MET HB2  H  N N 229 
MET HB3  H  N N 230 
MET HG2  H  N N 231 
MET HG3  H  N N 232 
MET HE1  H  N N 233 
MET HE2  H  N N 234 
MET HE3  H  N N 235 
MET HXT  H  N N 236 
PHE N    N  N N 237 
PHE CA   C  N S 238 
PHE C    C  N N 239 
PHE O    O  N N 240 
PHE CB   C  N N 241 
PHE CG   C  Y N 242 
PHE CD1  C  Y N 243 
PHE CD2  C  Y N 244 
PHE CE1  C  Y N 245 
PHE CE2  C  Y N 246 
PHE CZ   C  Y N 247 
PHE OXT  O  N N 248 
PHE H    H  N N 249 
PHE H2   H  N N 250 
PHE HA   H  N N 251 
PHE HB2  H  N N 252 
PHE HB3  H  N N 253 
PHE HD1  H  N N 254 
PHE HD2  H  N N 255 
PHE HE1  H  N N 256 
PHE HE2  H  N N 257 
PHE HZ   H  N N 258 
PHE HXT  H  N N 259 
PRO N    N  N N 260 
PRO CA   C  N S 261 
PRO C    C  N N 262 
PRO O    O  N N 263 
PRO CB   C  N N 264 
PRO CG   C  N N 265 
PRO CD   C  N N 266 
PRO OXT  O  N N 267 
PRO H    H  N N 268 
PRO HA   H  N N 269 
PRO HB2  H  N N 270 
PRO HB3  H  N N 271 
PRO HG2  H  N N 272 
PRO HG3  H  N N 273 
PRO HD2  H  N N 274 
PRO HD3  H  N N 275 
PRO HXT  H  N N 276 
SER N    N  N N 277 
SER CA   C  N S 278 
SER C    C  N N 279 
SER O    O  N N 280 
SER CB   C  N N 281 
SER OG   O  N N 282 
SER OXT  O  N N 283 
SER H    H  N N 284 
SER H2   H  N N 285 
SER HA   H  N N 286 
SER HB2  H  N N 287 
SER HB3  H  N N 288 
SER HG   H  N N 289 
SER HXT  H  N N 290 
THR N    N  N N 291 
THR CA   C  N S 292 
THR C    C  N N 293 
THR O    O  N N 294 
THR CB   C  N R 295 
THR OG1  O  N N 296 
THR CG2  C  N N 297 
THR OXT  O  N N 298 
THR H    H  N N 299 
THR H2   H  N N 300 
THR HA   H  N N 301 
THR HB   H  N N 302 
THR HG1  H  N N 303 
THR HG21 H  N N 304 
THR HG22 H  N N 305 
THR HG23 H  N N 306 
THR HXT  H  N N 307 
TRP N    N  N N 308 
TRP CA   C  N S 309 
TRP C    C  N N 310 
TRP O    O  N N 311 
TRP CB   C  N N 312 
TRP CG   C  Y N 313 
TRP CD1  C  Y N 314 
TRP CD2  C  Y N 315 
TRP NE1  N  Y N 316 
TRP CE2  C  Y N 317 
TRP CE3  C  Y N 318 
TRP CZ2  C  Y N 319 
TRP CZ3  C  Y N 320 
TRP CH2  C  Y N 321 
TRP OXT  O  N N 322 
TRP H    H  N N 323 
TRP H2   H  N N 324 
TRP HA   H  N N 325 
TRP HB2  H  N N 326 
TRP HB3  H  N N 327 
TRP HD1  H  N N 328 
TRP HE1  H  N N 329 
TRP HE3  H  N N 330 
TRP HZ2  H  N N 331 
TRP HZ3  H  N N 332 
TRP HH2  H  N N 333 
TRP HXT  H  N N 334 
TYR N    N  N N 335 
TYR CA   C  N S 336 
TYR C    C  N N 337 
TYR O    O  N N 338 
TYR CB   C  N N 339 
TYR CG   C  Y N 340 
TYR CD1  C  Y N 341 
TYR CD2  C  Y N 342 
TYR CE1  C  Y N 343 
TYR CE2  C  Y N 344 
TYR CZ   C  Y N 345 
TYR OH   O  N N 346 
TYR OXT  O  N N 347 
TYR H    H  N N 348 
TYR H2   H  N N 349 
TYR HA   H  N N 350 
TYR HB2  H  N N 351 
TYR HB3  H  N N 352 
TYR HD1  H  N N 353 
TYR HD2  H  N N 354 
TYR HE1  H  N N 355 
TYR HE2  H  N N 356 
TYR HH   H  N N 357 
TYR HXT  H  N N 358 
VAL N    N  N N 359 
VAL CA   C  N S 360 
VAL C    C  N N 361 
VAL O    O  N N 362 
VAL CB   C  N N 363 
VAL CG1  C  N N 364 
VAL CG2  C  N N 365 
VAL OXT  O  N N 366 
VAL H    H  N N 367 
VAL H2   H  N N 368 
VAL HA   H  N N 369 
VAL HB   H  N N 370 
VAL HG11 H  N N 371 
VAL HG12 H  N N 372 
VAL HG13 H  N N 373 
VAL HG21 H  N N 374 
VAL HG22 H  N N 375 
VAL HG23 H  N N 376 
VAL HXT  H  N N 377 
# 
loop_
_chem_comp_bond.comp_id 
_chem_comp_bond.atom_id_1 
_chem_comp_bond.atom_id_2 
_chem_comp_bond.value_order 
_chem_comp_bond.pdbx_aromatic_flag 
_chem_comp_bond.pdbx_stereo_config 
_chem_comp_bond.pdbx_ordinal 
ALA N   CA   sing N N 1   
ALA N   H    sing N N 2   
ALA N   H2   sing N N 3   
ALA CA  C    sing N N 4   
ALA CA  CB   sing N N 5   
ALA CA  HA   sing N N 6   
ALA C   O    doub N N 7   
ALA C   OXT  sing N N 8   
ALA CB  HB1  sing N N 9   
ALA CB  HB2  sing N N 10  
ALA CB  HB3  sing N N 11  
ALA OXT HXT  sing N N 12  
ARG N   CA   sing N N 13  
ARG N   H    sing N N 14  
ARG N   H2   sing N N 15  
ARG CA  C    sing N N 16  
ARG CA  CB   sing N N 17  
ARG CA  HA   sing N N 18  
ARG C   O    doub N N 19  
ARG C   OXT  sing N N 20  
ARG CB  CG   sing N N 21  
ARG CB  HB2  sing N N 22  
ARG CB  HB3  sing N N 23  
ARG CG  CD   sing N N 24  
ARG CG  HG2  sing N N 25  
ARG CG  HG3  sing N N 26  
ARG CD  NE   sing N N 27  
ARG CD  HD2  sing N N 28  
ARG CD  HD3  sing N N 29  
ARG NE  CZ   sing N N 30  
ARG NE  HE   sing N N 31  
ARG CZ  NH1  sing N N 32  
ARG CZ  NH2  doub N N 33  
ARG NH1 HH11 sing N N 34  
ARG NH1 HH12 sing N N 35  
ARG NH2 HH21 sing N N 36  
ARG NH2 HH22 sing N N 37  
ARG OXT HXT  sing N N 38  
ASN N   CA   sing N N 39  
ASN N   H    sing N N 40  
ASN N   H2   sing N N 41  
ASN CA  C    sing N N 42  
ASN CA  CB   sing N N 43  
ASN CA  HA   sing N N 44  
ASN C   O    doub N N 45  
ASN C   OXT  sing N N 46  
ASN CB  CG   sing N N 47  
ASN CB  HB2  sing N N 48  
ASN CB  HB3  sing N N 49  
ASN CG  OD1  doub N N 50  
ASN CG  ND2  sing N N 51  
ASN ND2 HD21 sing N N 52  
ASN ND2 HD22 sing N N 53  
ASN OXT HXT  sing N N 54  
ASP N   CA   sing N N 55  
ASP N   H    sing N N 56  
ASP N   H2   sing N N 57  
ASP CA  C    sing N N 58  
ASP CA  CB   sing N N 59  
ASP CA  HA   sing N N 60  
ASP C   O    doub N N 61  
ASP C   OXT  sing N N 62  
ASP CB  CG   sing N N 63  
ASP CB  HB2  sing N N 64  
ASP CB  HB3  sing N N 65  
ASP CG  OD1  doub N N 66  
ASP CG  OD2  sing N N 67  
ASP OD2 HD2  sing N N 68  
ASP OXT HXT  sing N N 69  
GLN N   CA   sing N N 70  
GLN N   H    sing N N 71  
GLN N   H2   sing N N 72  
GLN CA  C    sing N N 73  
GLN CA  CB   sing N N 74  
GLN CA  HA   sing N N 75  
GLN C   O    doub N N 76  
GLN C   OXT  sing N N 77  
GLN CB  CG   sing N N 78  
GLN CB  HB2  sing N N 79  
GLN CB  HB3  sing N N 80  
GLN CG  CD   sing N N 81  
GLN CG  HG2  sing N N 82  
GLN CG  HG3  sing N N 83  
GLN CD  OE1  doub N N 84  
GLN CD  NE2  sing N N 85  
GLN NE2 HE21 sing N N 86  
GLN NE2 HE22 sing N N 87  
GLN OXT HXT  sing N N 88  
GLU N   CA   sing N N 89  
GLU N   H    sing N N 90  
GLU N   H2   sing N N 91  
GLU CA  C    sing N N 92  
GLU CA  CB   sing N N 93  
GLU CA  HA   sing N N 94  
GLU C   O    doub N N 95  
GLU C   OXT  sing N N 96  
GLU CB  CG   sing N N 97  
GLU CB  HB2  sing N N 98  
GLU CB  HB3  sing N N 99  
GLU CG  CD   sing N N 100 
GLU CG  HG2  sing N N 101 
GLU CG  HG3  sing N N 102 
GLU CD  OE1  doub N N 103 
GLU CD  OE2  sing N N 104 
GLU OE2 HE2  sing N N 105 
GLU OXT HXT  sing N N 106 
GLY N   CA   sing N N 107 
GLY N   H    sing N N 108 
GLY N   H2   sing N N 109 
GLY CA  C    sing N N 110 
GLY CA  HA2  sing N N 111 
GLY CA  HA3  sing N N 112 
GLY C   O    doub N N 113 
GLY C   OXT  sing N N 114 
GLY OXT HXT  sing N N 115 
HIS N   CA   sing N N 116 
HIS N   H    sing N N 117 
HIS N   H2   sing N N 118 
HIS CA  C    sing N N 119 
HIS CA  CB   sing N N 120 
HIS CA  HA   sing N N 121 
HIS C   O    doub N N 122 
HIS C   OXT  sing N N 123 
HIS CB  CG   sing N N 124 
HIS CB  HB2  sing N N 125 
HIS CB  HB3  sing N N 126 
HIS CG  ND1  sing Y N 127 
HIS CG  CD2  doub Y N 128 
HIS ND1 CE1  doub Y N 129 
HIS ND1 HD1  sing N N 130 
HIS CD2 NE2  sing Y N 131 
HIS CD2 HD2  sing N N 132 
HIS CE1 NE2  sing Y N 133 
HIS CE1 HE1  sing N N 134 
HIS NE2 HE2  sing N N 135 
HIS OXT HXT  sing N N 136 
HOH O   H1   sing N N 137 
HOH O   H2   sing N N 138 
ILE N   CA   sing N N 139 
ILE N   H    sing N N 140 
ILE N   H2   sing N N 141 
ILE CA  C    sing N N 142 
ILE CA  CB   sing N N 143 
ILE CA  HA   sing N N 144 
ILE C   O    doub N N 145 
ILE C   OXT  sing N N 146 
ILE CB  CG1  sing N N 147 
ILE CB  CG2  sing N N 148 
ILE CB  HB   sing N N 149 
ILE CG1 CD1  sing N N 150 
ILE CG1 HG12 sing N N 151 
ILE CG1 HG13 sing N N 152 
ILE CG2 HG21 sing N N 153 
ILE CG2 HG22 sing N N 154 
ILE CG2 HG23 sing N N 155 
ILE CD1 HD11 sing N N 156 
ILE CD1 HD12 sing N N 157 
ILE CD1 HD13 sing N N 158 
ILE OXT HXT  sing N N 159 
LEU N   CA   sing N N 160 
LEU N   H    sing N N 161 
LEU N   H2   sing N N 162 
LEU CA  C    sing N N 163 
LEU CA  CB   sing N N 164 
LEU CA  HA   sing N N 165 
LEU C   O    doub N N 166 
LEU C   OXT  sing N N 167 
LEU CB  CG   sing N N 168 
LEU CB  HB2  sing N N 169 
LEU CB  HB3  sing N N 170 
LEU CG  CD1  sing N N 171 
LEU CG  CD2  sing N N 172 
LEU CG  HG   sing N N 173 
LEU CD1 HD11 sing N N 174 
LEU CD1 HD12 sing N N 175 
LEU CD1 HD13 sing N N 176 
LEU CD2 HD21 sing N N 177 
LEU CD2 HD22 sing N N 178 
LEU CD2 HD23 sing N N 179 
LEU OXT HXT  sing N N 180 
LYS N   CA   sing N N 181 
LYS N   H    sing N N 182 
LYS N   H2   sing N N 183 
LYS CA  C    sing N N 184 
LYS CA  CB   sing N N 185 
LYS CA  HA   sing N N 186 
LYS C   O    doub N N 187 
LYS C   OXT  sing N N 188 
LYS CB  CG   sing N N 189 
LYS CB  HB2  sing N N 190 
LYS CB  HB3  sing N N 191 
LYS CG  CD   sing N N 192 
LYS CG  HG2  sing N N 193 
LYS CG  HG3  sing N N 194 
LYS CD  CE   sing N N 195 
LYS CD  HD2  sing N N 196 
LYS CD  HD3  sing N N 197 
LYS CE  NZ   sing N N 198 
LYS CE  HE2  sing N N 199 
LYS CE  HE3  sing N N 200 
LYS NZ  HZ1  sing N N 201 
LYS NZ  HZ2  sing N N 202 
LYS NZ  HZ3  sing N N 203 
LYS OXT HXT  sing N N 204 
MET N   CA   sing N N 205 
MET N   H    sing N N 206 
MET N   H2   sing N N 207 
MET CA  C    sing N N 208 
MET CA  CB   sing N N 209 
MET CA  HA   sing N N 210 
MET C   O    doub N N 211 
MET C   OXT  sing N N 212 
MET CB  CG   sing N N 213 
MET CB  HB2  sing N N 214 
MET CB  HB3  sing N N 215 
MET CG  SD   sing N N 216 
MET CG  HG2  sing N N 217 
MET CG  HG3  sing N N 218 
MET SD  CE   sing N N 219 
MET CE  HE1  sing N N 220 
MET CE  HE2  sing N N 221 
MET CE  HE3  sing N N 222 
MET OXT HXT  sing N N 223 
PHE N   CA   sing N N 224 
PHE N   H    sing N N 225 
PHE N   H2   sing N N 226 
PHE CA  C    sing N N 227 
PHE CA  CB   sing N N 228 
PHE CA  HA   sing N N 229 
PHE C   O    doub N N 230 
PHE C   OXT  sing N N 231 
PHE CB  CG   sing N N 232 
PHE CB  HB2  sing N N 233 
PHE CB  HB3  sing N N 234 
PHE CG  CD1  doub Y N 235 
PHE CG  CD2  sing Y N 236 
PHE CD1 CE1  sing Y N 237 
PHE CD1 HD1  sing N N 238 
PHE CD2 CE2  doub Y N 239 
PHE CD2 HD2  sing N N 240 
PHE CE1 CZ   doub Y N 241 
PHE CE1 HE1  sing N N 242 
PHE CE2 CZ   sing Y N 243 
PHE CE2 HE2  sing N N 244 
PHE CZ  HZ   sing N N 245 
PHE OXT HXT  sing N N 246 
PRO N   CA   sing N N 247 
PRO N   CD   sing N N 248 
PRO N   H    sing N N 249 
PRO CA  C    sing N N 250 
PRO CA  CB   sing N N 251 
PRO CA  HA   sing N N 252 
PRO C   O    doub N N 253 
PRO C   OXT  sing N N 254 
PRO CB  CG   sing N N 255 
PRO CB  HB2  sing N N 256 
PRO CB  HB3  sing N N 257 
PRO CG  CD   sing N N 258 
PRO CG  HG2  sing N N 259 
PRO CG  HG3  sing N N 260 
PRO CD  HD2  sing N N 261 
PRO CD  HD3  sing N N 262 
PRO OXT HXT  sing N N 263 
SER N   CA   sing N N 264 
SER N   H    sing N N 265 
SER N   H2   sing N N 266 
SER CA  C    sing N N 267 
SER CA  CB   sing N N 268 
SER CA  HA   sing N N 269 
SER C   O    doub N N 270 
SER C   OXT  sing N N 271 
SER CB  OG   sing N N 272 
SER CB  HB2  sing N N 273 
SER CB  HB3  sing N N 274 
SER OG  HG   sing N N 275 
SER OXT HXT  sing N N 276 
THR N   CA   sing N N 277 
THR N   H    sing N N 278 
THR N   H2   sing N N 279 
THR CA  C    sing N N 280 
THR CA  CB   sing N N 281 
THR CA  HA   sing N N 282 
THR C   O    doub N N 283 
THR C   OXT  sing N N 284 
THR CB  OG1  sing N N 285 
THR CB  CG2  sing N N 286 
THR CB  HB   sing N N 287 
THR OG1 HG1  sing N N 288 
THR CG2 HG21 sing N N 289 
THR CG2 HG22 sing N N 290 
THR CG2 HG23 sing N N 291 
THR OXT HXT  sing N N 292 
TRP N   CA   sing N N 293 
TRP N   H    sing N N 294 
TRP N   H2   sing N N 295 
TRP CA  C    sing N N 296 
TRP CA  CB   sing N N 297 
TRP CA  HA   sing N N 298 
TRP C   O    doub N N 299 
TRP C   OXT  sing N N 300 
TRP CB  CG   sing N N 301 
TRP CB  HB2  sing N N 302 
TRP CB  HB3  sing N N 303 
TRP CG  CD1  doub Y N 304 
TRP CG  CD2  sing Y N 305 
TRP CD1 NE1  sing Y N 306 
TRP CD1 HD1  sing N N 307 
TRP CD2 CE2  doub Y N 308 
TRP CD2 CE3  sing Y N 309 
TRP NE1 CE2  sing Y N 310 
TRP NE1 HE1  sing N N 311 
TRP CE2 CZ2  sing Y N 312 
TRP CE3 CZ3  doub Y N 313 
TRP CE3 HE3  sing N N 314 
TRP CZ2 CH2  doub Y N 315 
TRP CZ2 HZ2  sing N N 316 
TRP CZ3 CH2  sing Y N 317 
TRP CZ3 HZ3  sing N N 318 
TRP CH2 HH2  sing N N 319 
TRP OXT HXT  sing N N 320 
TYR N   CA   sing N N 321 
TYR N   H    sing N N 322 
TYR N   H2   sing N N 323 
TYR CA  C    sing N N 324 
TYR CA  CB   sing N N 325 
TYR CA  HA   sing N N 326 
TYR C   O    doub N N 327 
TYR C   OXT  sing N N 328 
TYR CB  CG   sing N N 329 
TYR CB  HB2  sing N N 330 
TYR CB  HB3  sing N N 331 
TYR CG  CD1  doub Y N 332 
TYR CG  CD2  sing Y N 333 
TYR CD1 CE1  sing Y N 334 
TYR CD1 HD1  sing N N 335 
TYR CD2 CE2  doub Y N 336 
TYR CD2 HD2  sing N N 337 
TYR CE1 CZ   doub Y N 338 
TYR CE1 HE1  sing N N 339 
TYR CE2 CZ   sing Y N 340 
TYR CE2 HE2  sing N N 341 
TYR CZ  OH   sing N N 342 
TYR OH  HH   sing N N 343 
TYR OXT HXT  sing N N 344 
VAL N   CA   sing N N 345 
VAL N   H    sing N N 346 
VAL N   H2   sing N N 347 
VAL CA  C    sing N N 348 
VAL CA  CB   sing N N 349 
VAL CA  HA   sing N N 350 
VAL C   O    doub N N 351 
VAL C   OXT  sing N N 352 
VAL CB  CG1  sing N N 353 
VAL CB  CG2  sing N N 354 
VAL CB  HB   sing N N 355 
VAL CG1 HG11 sing N N 356 
VAL CG1 HG12 sing N N 357 
VAL CG1 HG13 sing N N 358 
VAL CG2 HG21 sing N N 359 
VAL CG2 HG22 sing N N 360 
VAL CG2 HG23 sing N N 361 
VAL OXT HXT  sing N N 362 
# 
_pdbx_audit_support.funding_organization   
'National Institutes of Health/National Institute of General Medical Sciences (NIH/NIGMS)' 
_pdbx_audit_support.country                'United States' 
_pdbx_audit_support.grant_number           R01-GM138884 
_pdbx_audit_support.ordinal                1 
# 
_pdbx_initial_refinement_model.id               1 
_pdbx_initial_refinement_model.entity_id_list   ? 
_pdbx_initial_refinement_model.type             'experimental model' 
_pdbx_initial_refinement_model.source_name      PDB 
_pdbx_initial_refinement_model.accession_code   8SJF 
_pdbx_initial_refinement_model.details          ? 
# 
_space_group.name_H-M_alt     'R 3 :H' 
_space_group.name_Hall        'R 3' 
_space_group.IT_number        146 
_space_group.crystal_system   trigonal 
_space_group.id               1 
# 
_atom_sites.entry_id                    9DBA 
_atom_sites.Cartn_transf_matrix[1][1]   ? 
_atom_sites.Cartn_transf_matrix[1][2]   ? 
_atom_sites.Cartn_transf_matrix[1][3]   ? 
_atom_sites.Cartn_transf_matrix[2][1]   ? 
_atom_sites.Cartn_transf_matrix[2][2]   ? 
_atom_sites.Cartn_transf_matrix[2][3]   ? 
_atom_sites.Cartn_transf_matrix[3][1]   ? 
_atom_sites.Cartn_transf_matrix[3][2]   ? 
_atom_sites.Cartn_transf_matrix[3][3]   ? 
_atom_sites.Cartn_transf_vector[1]      ? 
_atom_sites.Cartn_transf_vector[2]      ? 
_atom_sites.Cartn_transf_vector[3]      ? 
_atom_sites.Cartn_transform_axes        ? 
_atom_sites.fract_transf_matrix[1][1]   -0.00071701 
_atom_sites.fract_transf_matrix[1][2]   -0.01581933 
_atom_sites.fract_transf_matrix[1][3]   0.00214308 
_atom_sites.fract_transf_matrix[2][1]   -0.01214230 
_atom_sites.fract_transf_matrix[2][2]   -0.00641366 
_atom_sites.fract_transf_matrix[2][3]   0.00817251 
_atom_sites.fract_transf_matrix[3][1]   -0.00919305 
_atom_sites.fract_transf_matrix[3][2]   -0.00160424 
_atom_sites.fract_transf_matrix[3][3]   -0.01491756 
_atom_sites.fract_transf_vector[1]      -0.187287 
_atom_sites.fract_transf_vector[2]      -0.191865 
_atom_sites.fract_transf_vector[3]      -0.017743 
_atom_sites.solution_primary            ? 
_atom_sites.solution_secondary          ? 
_atom_sites.solution_hydrogens          ? 
_atom_sites.special_details             ? 
# 
loop_
_atom_type.symbol 
_atom_type.scat_dispersion_real 
_atom_type.scat_dispersion_imag 
_atom_type.scat_Cromer_Mann_a1 
_atom_type.scat_Cromer_Mann_a2 
_atom_type.scat_Cromer_Mann_a3 
_atom_type.scat_Cromer_Mann_a4 
_atom_type.scat_Cromer_Mann_b1 
_atom_type.scat_Cromer_Mann_b2 
_atom_type.scat_Cromer_Mann_b3 
_atom_type.scat_Cromer_Mann_b4 
_atom_type.scat_Cromer_Mann_c 
_atom_type.scat_source 
_atom_type.scat_dispersion_source 
C  ? ? 3.54356  2.42580 ? ? 25.62398 1.50364  ? ? 0.0 
;2-Gaussian fit: Grosse-Kunstleve RW, Sauter NK, Adams PD: Newsletter of the IUCr Commission on Crystallographic Computing 2004, 3, 22-31.
;
? 
CO ? ? 21.85313 5.04979 ? ? 2.45200  36.11361 ? ? 0.0 
;2-Gaussian fit: Grosse-Kunstleve RW, Sauter NK, Adams PD: Newsletter of the IUCr Commission on Crystallographic Computing 2004, 3, 22-31.
;
? 
N  ? ? 4.01032  2.96436 ? ? 19.97189 1.75589  ? ? 0.0 
;2-Gaussian fit: Grosse-Kunstleve RW, Sauter NK, Adams PD: Newsletter of the IUCr Commission on Crystallographic Computing 2004, 3, 22-31.
;
? 
O  ? ? 4.49882  3.47563 ? ? 15.80542 1.70748  ? ? 0.0 
;2-Gaussian fit: Grosse-Kunstleve RW, Sauter NK, Adams PD: Newsletter of the IUCr Commission on Crystallographic Computing 2004, 3, 22-31.
;
? 
S  ? ? 9.55732  6.39887 ? ? 1.23737  29.19336 ? ? 0.0 
;2-Gaussian fit: Grosse-Kunstleve RW, Sauter NK, Adams PD: Newsletter of the IUCr Commission on Crystallographic Computing 2004, 3, 22-31.
;
? 
# 
loop_
_atom_site.group_PDB 
_atom_site.id 
_atom_site.type_symbol 
_atom_site.label_atom_id 
_atom_site.label_alt_id 
_atom_site.label_comp_id 
_atom_site.label_asym_id 
_atom_site.label_entity_id 
_atom_site.label_seq_id 
_atom_site.pdbx_PDB_ins_code 
_atom_site.Cartn_x 
_atom_site.Cartn_y 
_atom_site.Cartn_z 
_atom_site.occupancy 
_atom_site.B_iso_or_equiv 
_atom_site.pdbx_formal_charge 
_atom_site.auth_seq_id 
_atom_site.auth_comp_id 
_atom_site.auth_asym_id 
_atom_site.auth_atom_id 
_atom_site.pdbx_PDB_model_num 
ATOM   1   N  N   . ALA A 1 1   ? -13.14087 -1.98407  3.26040   1.000 84.82937  ? 1   ALA A N   1 
ATOM   2   C  CA  . ALA A 1 1   ? -12.95304 -0.67418  3.87539   1.000 94.66488  ? 1   ALA A CA  1 
ATOM   3   C  C   . ALA A 1 1   ? -12.83779 0.41879   2.82081   1.000 92.08020  ? 1   ALA A C   1 
ATOM   4   O  O   . ALA A 1 1   ? -12.76418 0.13419   1.62614   1.000 81.84063  ? 1   ALA A O   1 
ATOM   5   C  CB  . ALA A 1 1   ? -11.72433 -0.67611  4.76550   1.000 89.64873  ? 1   ALA A CB  1 
ATOM   6   N  N   . ASP A 1 2   ? -12.81884 1.66923   3.27180   1.000 93.74340  ? 2   ASP A N   1 
ATOM   7   C  CA  . ASP A 1 2   ? -12.72022 2.80860   2.37567   1.000 99.78338  ? 2   ASP A CA  1 
ATOM   8   C  C   . ASP A 1 2   ? -11.26076 3.10889   2.03047   1.000 81.12703  ? 2   ASP A C   1 
ATOM   9   O  O   . ASP A 1 2   ? -10.32426 2.62537   2.66877   1.000 76.67158  ? 2   ASP A O   1 
ATOM   10  C  CB  . ASP A 1 2   ? -13.38308 4.03584   2.99948   1.000 110.13081 ? 2   ASP A CB  1 
ATOM   11  C  CG  . ASP A 1 2   ? -12.68614 4.48874   4.26358   1.000 109.82290 ? 2   ASP A CG  1 
ATOM   12  O  OD1 . ASP A 1 2   ? -11.75642 5.32066   4.17398   1.000 102.69363 ? 2   ASP A OD1 1 
ATOM   13  O  OD2 . ASP A 1 2   ? -13.06138 3.99696   5.34706   1.000 118.37405 ? 2   ASP A OD2 1 
ATOM   14  N  N   . TRP A 1 3   ? -11.08648 3.94408   1.00507   1.000 80.65779  ? 3   TRP A N   1 
ATOM   15  C  CA  . TRP A 1 3   ? -9.75519  4.28750   0.51446   1.000 74.21915  ? 3   TRP A CA  1 
ATOM   16  C  C   . TRP A 1 3   ? -8.91424  4.94317   1.60050   1.000 76.98090  ? 3   TRP A C   1 
ATOM   17  O  O   . TRP A 1 3   ? -7.76020  4.56142   1.81774   1.000 77.00868  ? 3   TRP A O   1 
ATOM   18  C  CB  . TRP A 1 3   ? -9.87548  5.21007   -0.70093  1.000 77.53618  ? 3   TRP A CB  1 
ATOM   19  C  CG  . TRP A 1 3   ? -8.55985  5.60260   -1.30692  1.000 77.92888  ? 3   TRP A CG  1 
ATOM   20  C  CD1 . TRP A 1 3   ? -7.88533  4.94491   -2.29484  1.000 72.13209  ? 3   TRP A CD1 1 
ATOM   21  C  CD2 . TRP A 1 3   ? -7.76038  6.74529   -0.96751  1.000 81.65693  ? 3   TRP A CD2 1 
ATOM   22  N  NE1 . TRP A 1 3   ? -6.71621  5.60208   -2.58754  1.000 59.97802  ? 3   TRP A NE1 1 
ATOM   23  C  CE2 . TRP A 1 3   ? -6.61649  6.71178   -1.78940  1.000 76.90264  ? 3   TRP A CE2 1 
ATOM   24  C  CE3 . TRP A 1 3   ? -7.89877  7.78918   -0.04457  1.000 81.64720  ? 3   TRP A CE3 1 
ATOM   25  C  CZ2 . TRP A 1 3   ? -5.61807  7.68308   -1.71935  1.000 77.20048  ? 3   TRP A CZ2 1 
ATOM   26  C  CZ3 . TRP A 1 3   ? -6.90673  8.74832   0.02664   1.000 79.37258  ? 3   TRP A CZ3 1 
ATOM   27  C  CH2 . TRP A 1 3   ? -5.78337  8.69281   -0.81028  1.000 72.88912  ? 3   TRP A CH2 1 
ATOM   28  N  N   . GLU A 1 4   ? -9.47831  5.93794   2.29020   1.000 84.26619  ? 4   GLU A N   1 
ATOM   29  C  CA  . GLU A 1 4   ? -8.72355  6.67300   3.30156   1.000 94.24990  ? 4   GLU A CA  1 
ATOM   30  C  C   . GLU A 1 4   ? -8.28876  5.75930   4.44331   1.000 94.07988  ? 4   GLU A C   1 
ATOM   31  O  O   . GLU A 1 4   ? -7.13338  5.81038   4.88300   1.000 82.53396  ? 4   GLU A O   1 
ATOM   32  C  CB  . GLU A 1 4   ? -9.56555  7.84094   3.82292   1.000 99.60762  ? 4   GLU A CB  1 
ATOM   33  C  CG  . GLU A 1 4   ? -8.76870  9.04858   4.30361   1.000 109.87956 ? 4   GLU A CG  1 
ATOM   34  C  CD  . GLU A 1 4   ? -9.60283  10.32486  4.34761   1.000 118.13276 ? 4   GLU A CD  1 
ATOM   35  O  OE1 . GLU A 1 4   ? -10.21124 10.68269  3.31450   1.000 113.22347 ? 4   GLU A OE1 1 
ATOM   36  O  OE2 . GLU A 1 4   ? -9.65322  10.96692  5.41753   1.000 119.42090 ? 4   GLU A OE2 1 
ATOM   37  N  N   . ALA A 1 5   ? -9.19948  4.91414   4.93414   1.000 87.59847  ? 5   ALA A N   1 
ATOM   38  C  CA  . ALA A 1 5   ? -8.83914  3.97246   5.98840   1.000 86.56412  ? 5   ALA A CA  1 
ATOM   39  C  C   . ALA A 1 5   ? -7.72214  3.03984   5.53752   1.000 87.21726  ? 5   ALA A C   1 
ATOM   40  O  O   . ALA A 1 5   ? -6.77509  2.78851   6.28893   1.000 85.24870  ? 5   ALA A O   1 
ATOM   41  C  CB  . ALA A 1 5   ? -10.06509 3.17225   6.42222   1.000 93.00439  ? 5   ALA A CB  1 
ATOM   42  N  N   . ALA A 1 6   ? -7.80441  2.52972   4.30717   1.000 76.49245  ? 6   ALA A N   1 
ATOM   43  C  CA  . ALA A 1 6   ? -6.78595  1.59842   3.83193   1.000 63.59988  ? 6   ALA A CA  1 
ATOM   44  C  C   . ALA A 1 6   ? -5.43829  2.28397   3.66196   1.000 69.12651  ? 6   ALA A C   1 
ATOM   45  O  O   . ALA A 1 6   ? -4.40051  1.70136   3.98830   1.000 57.01091  ? 6   ALA A O   1 
ATOM   46  C  CB  . ALA A 1 6   ? -7.22619  0.95852   2.51945   1.000 67.94599  ? 6   ALA A CB  1 
ATOM   47  N  N   . MET A 1 7   ? -5.43301  3.51783   3.14916   1.000 62.44845  ? 7   MET A N   1 
ATOM   48  C  CA  . MET A 1 7   ? -4.18053  4.24554   2.96941   1.000 60.76855  ? 7   MET A CA  1 
ATOM   49  C  C   . MET A 1 7   ? -3.55001  4.59883   4.31098   1.000 67.15949  ? 7   MET A C   1 
ATOM   50  O  O   . MET A 1 7   ? -2.32232  4.52806   4.46675   1.000 62.85686  ? 7   MET A O   1 
ATOM   51  C  CB  . MET A 1 7   ? -4.41964  5.50514   2.13540   1.000 69.19849  ? 7   MET A CB  1 
ATOM   52  C  CG  . MET A 1 7   ? -4.81379  5.24224   0.68342   1.000 63.17860  ? 7   MET A CG  1 
ATOM   53  S  SD  . MET A 1 7   ? -3.59007  4.29386   -0.26435  1.000 57.28009  ? 7   MET A SD  1 
ATOM   54  C  CE  . MET A 1 7   ? -2.11174  5.26877   -0.03714  1.000 50.57285  ? 7   MET A CE  1 
ATOM   55  N  N   . LEU A 1 8   ? -4.37246  4.97027   5.29748   1.000 72.23803  ? 8   LEU A N   1 
ATOM   56  C  CA  . LEU A 1 8   ? -3.84359  5.20510   6.63480   1.000 77.27090  ? 8   LEU A CA  1 
ATOM   57  C  C   . LEU A 1 8   ? -3.33960  3.91421   7.25880   1.000 74.60278  ? 8   LEU A C   1 
ATOM   58  O  O   . LEU A 1 8   ? -2.34486  3.92784   7.98669   1.000 76.13511  ? 8   LEU A O   1 
ATOM   59  C  CB  . LEU A 1 8   ? -4.90758  5.85615   7.52000   1.000 86.33397  ? 8   LEU A CB  1 
ATOM   60  C  CG  . LEU A 1 8   ? -5.31093  7.27796   7.11852   1.000 91.67242  ? 8   LEU A CG  1 
ATOM   61  C  CD1 . LEU A 1 8   ? -6.62884  7.69046   7.76860   1.000 100.24455 ? 8   LEU A CD1 1 
ATOM   62  C  CD2 . LEU A 1 8   ? -4.20269  8.26432   7.46273   1.000 93.59725  ? 8   LEU A CD2 1 
ATOM   63  N  N   . THR A 1 9   ? -3.99870  2.79074   6.97615   1.000 71.31760  ? 9   THR A N   1 
ATOM   64  C  CA  . THR A 1 9   ? -3.48726  1.50350   7.43057   1.000 70.01629  ? 9   THR A CA  1 
ATOM   65  C  C   . THR A 1 9   ? -2.13892  1.19497   6.79495   1.000 62.64137  ? 9   THR A C   1 
ATOM   66  O  O   . THR A 1 9   ? -1.22795  0.71279   7.47198   1.000 63.43443  ? 9   THR A O   1 
ATOM   67  C  CB  . THR A 1 9   ? -4.49569  0.39598   7.12162   1.000 69.54041  ? 9   THR A CB  1 
ATOM   68  O  OG1 . THR A 1 9   ? -5.73370  0.67281   7.79117   1.000 76.77902  ? 9   THR A OG1 1 
ATOM   69  C  CG2 . THR A 1 9   ? -3.96992  -0.95206  7.58956   1.000 73.97332  ? 9   THR A CG2 1 
ATOM   70  N  N   . LEU A 1 10  ? -1.99251  1.47109   5.49846   1.000 65.56790  ? 10  LEU A N   1 
ATOM   71  C  CA  . LEU A 1 10  ? -0.71138  1.25701   4.83098   1.000 52.61553  ? 10  LEU A CA  1 
ATOM   72  C  C   . LEU A 1 10  ? 0.38258   2.10594   5.46491   1.000 58.84491  ? 10  LEU A C   1 
ATOM   73  O  O   . LEU A 1 10  ? 1.48685   1.61710   5.72505   1.000 62.44325  ? 10  LEU A O   1 
ATOM   74  C  CB  . LEU A 1 10  ? -0.83365  1.56160   3.33791   1.000 47.82433  ? 10  LEU A CB  1 
ATOM   75  C  CG  . LEU A 1 10  ? -1.80018  0.69236   2.53497   1.000 44.18800  ? 10  LEU A CG  1 
ATOM   76  C  CD1 . LEU A 1 10  ? -1.91898  1.17779   1.10707   1.000 41.09127  ? 10  LEU A CD1 1 
ATOM   77  C  CD2 . LEU A 1 10  ? -1.37624  -0.76475  2.56939   1.000 40.46695  ? 10  LEU A CD2 1 
ATOM   78  N  N   . LEU A 1 11  ? 0.08755   3.38274   5.73476   1.000 73.02304  ? 11  LEU A N   1 
ATOM   79  C  CA  . LEU A 1 11  ? 1.07928   4.24645   6.37560   1.000 74.91821  ? 11  LEU A CA  1 
ATOM   80  C  C   . LEU A 1 11  ? 1.40692   3.76515   7.78620   1.000 71.44031  ? 11  LEU A C   1 
ATOM   81  O  O   . LEU A 1 11  ? 2.57405   3.76116   8.19696   1.000 73.96598  ? 11  LEU A O   1 
ATOM   82  C  CB  . LEU A 1 11  ? 0.58192   5.69250   6.39795   1.000 81.69180  ? 11  LEU A CB  1 
ATOM   83  C  CG  . LEU A 1 11  ? 0.60926   6.45159   5.06695   1.000 77.03628  ? 11  LEU A CG  1 
ATOM   84  C  CD1 . LEU A 1 11  ? -0.32859  7.64376   5.11135   1.000 74.50414  ? 11  LEU A CD1 1 
ATOM   85  C  CD2 . LEU A 1 11  ? 2.02273   6.89585   4.72659   1.000 77.96724  ? 11  LEU A CD2 1 
ATOM   86  N  N   . MET A 1 12  ? 0.38726   3.34997   8.53836   1.000 73.87418  ? 12  MET A N   1 
ATOM   87  C  CA  . MET A 1 12  ? 0.59545   2.80791   9.87616   1.000 79.32984  ? 12  MET A CA  1 
ATOM   88  C  C   . MET A 1 12  ? 1.50339   1.58531   9.84072   1.000 76.49754  ? 12  MET A C   1 
ATOM   89  O  O   . MET A 1 12  ? 2.45670   1.47772   10.62072  1.000 81.42613  ? 12  MET A O   1 
ATOM   90  C  CB  . MET A 1 12  ? -0.75959  2.45814   10.49149  1.000 102.34501 ? 12  MET A CB  1 
ATOM   91  C  CG  . MET A 1 12  ? -0.69004  1.73374   11.81614  1.000 104.40286 ? 12  MET A CG  1 
ATOM   92  S  SD  . MET A 1 12  ? -1.07030  2.85118   13.16729  1.000 119.35365 ? 12  MET A SD  1 
ATOM   93  C  CE  . MET A 1 12  ? -2.63791  3.51657   12.61347  1.000 120.47453 ? 12  MET A CE  1 
ATOM   94  N  N   . MET A 1 13  ? 1.21916   0.64707   8.93568   1.000 69.52789  ? 13  MET A N   1 
ATOM   95  C  CA  . MET A 1 13  ? 2.02472   -0.56360  8.85332   1.000 69.32088  ? 13  MET A CA  1 
ATOM   96  C  C   . MET A 1 13  ? 3.42959   -0.25945  8.36244   1.000 67.47829  ? 13  MET A C   1 
ATOM   97  O  O   . MET A 1 13  ? 4.38222   -0.92672  8.77142   1.000 72.98864  ? 13  MET A O   1 
ATOM   98  C  CB  . MET A 1 13  ? 1.34809   -1.59065  7.95151   1.000 65.73683  ? 13  MET A CB  1 
ATOM   99  C  CG  . MET A 1 13  ? -0.02080  -2.04009  8.44074   1.000 69.91878  ? 13  MET A CG  1 
ATOM   100 S  SD  . MET A 1 13  ? 0.01742   -2.63102  10.14467  1.000 71.42604  ? 13  MET A SD  1 
ATOM   101 C  CE  . MET A 1 13  ? -1.67393  -3.17069  10.36872  1.000 78.93623  ? 13  MET A CE  1 
ATOM   102 N  N   . LEU A 1 14  ? 3.58117   0.74314   7.49711   1.000 62.49671  ? 14  LEU A N   1 
ATOM   103 C  CA  . LEU A 1 14  ? 4.91705   1.18983   7.11881   1.000 62.63342  ? 14  LEU A CA  1 
ATOM   104 C  C   . LEU A 1 14  ? 5.67278   1.72828   8.32918   1.000 73.97106  ? 14  LEU A C   1 
ATOM   105 O  O   . LEU A 1 14  ? 6.87954   1.49306   8.47720   1.000 72.90877  ? 14  LEU A O   1 
ATOM   106 C  CB  . LEU A 1 14  ? 4.82224   2.24589   6.01519   1.000 63.84155  ? 14  LEU A CB  1 
ATOM   107 C  CG  . LEU A 1 14  ? 4.48241   1.70685   4.62319   1.000 60.42248  ? 14  LEU A CG  1 
ATOM   108 C  CD1 . LEU A 1 14  ? 3.94016   2.80647   3.72654   1.000 52.24563  ? 14  LEU A CD1 1 
ATOM   109 C  CD2 . LEU A 1 14  ? 5.70131   1.04996   3.99520   1.000 55.42521  ? 14  LEU A CD2 1 
ATOM   110 N  N   . LYS A 1 15  ? 4.97723   2.45892   9.20437   1.000 89.57146  ? 15  LYS A N   1 
ATOM   111 C  CA  A LYS A 1 15  ? 5.60767   2.92098   10.43725  0.500 100.94101 ? 15  LYS A CA  1 
ATOM   112 C  CA  B LYS A 1 15  ? 5.60767   2.92098   10.43725  0.500 100.94101 ? 15  LYS A CA  1 
ATOM   113 C  C   . LYS A 1 15  ? 6.00832   1.74381   11.31849  1.000 104.09486 ? 15  LYS A C   1 
ATOM   114 O  O   . LYS A 1 15  ? 7.07175   1.76582   11.94990  1.000 112.70393 ? 15  LYS A O   1 
ATOM   115 C  CB  A LYS A 1 15  ? 4.66751   3.86228   11.19171  0.500 109.20012 ? 15  LYS A CB  1 
ATOM   116 C  CB  B LYS A 1 15  ? 4.66751   3.86228   11.19171  0.500 109.20012 ? 15  LYS A CB  1 
ATOM   117 C  CG  A LYS A 1 15  ? 4.45041   5.20900   10.51502  0.500 109.53147 ? 15  LYS A CG  1 
ATOM   118 C  CG  B LYS A 1 15  ? 4.45041   5.20900   10.51502  0.500 109.53147 ? 15  LYS A CG  1 
ATOM   119 C  CD  A LYS A 1 15  ? 5.75238   5.99346   10.40998  0.500 114.01645 ? 15  LYS A CD  1 
ATOM   120 C  CD  B LYS A 1 15  ? 5.75238   5.99346   10.40998  0.500 114.01645 ? 15  LYS A CD  1 
ATOM   121 C  CE  A LYS A 1 15  ? 5.51928   7.39665   9.86477   0.500 115.53637 ? 15  LYS A CE  1 
ATOM   122 C  CE  B LYS A 1 15  ? 5.51928   7.39665   9.86477   0.500 115.53637 ? 15  LYS A CE  1 
ATOM   123 N  NZ  A LYS A 1 15  ? 4.92723   7.37903   8.49826   0.500 107.93289 ? 15  LYS A NZ  1 
ATOM   124 N  NZ  B LYS A 1 15  ? 4.92723   7.37903   8.49826   0.500 107.93289 ? 15  LYS A NZ  1 
ATOM   125 N  N   . VAL A 1 16  ? 5.16944   0.71072   11.37139  1.000 95.85076  ? 16  VAL A N   1 
ATOM   126 C  CA  . VAL A 1 16  ? 5.49213   -0.47486  12.15740  1.000 92.53041  ? 16  VAL A CA  1 
ATOM   127 C  C   . VAL A 1 16  ? 6.64357   -1.26258  11.53406  1.000 90.71808  ? 16  VAL A C   1 
ATOM   128 O  O   . VAL A 1 16  ? 7.38143   -1.95230  12.24947  1.000 93.81616  ? 16  VAL A O   1 
ATOM   129 C  CB  . VAL A 1 16  ? 4.23412   -1.35161  12.32410  1.000 94.43818  ? 16  VAL A CB  1 
ATOM   130 C  CG1 . VAL A 1 16  ? 4.51851   -2.55588  13.20453  1.000 92.88983  ? 16  VAL A CG1 1 
ATOM   131 C  CG2 . VAL A 1 16  ? 3.09989   -0.53346  12.91501  1.000 102.59033 ? 16  VAL A CG2 1 
ATOM   132 N  N   . ILE A 1 17  ? 6.83900   -1.15111  10.21844  1.000 84.01645  ? 17  ILE A N   1 
ATOM   133 C  CA  . ILE A 1 17  ? 7.83637   -1.96789  9.53246   1.000 78.47171  ? 17  ILE A CA  1 
ATOM   134 C  C   . ILE A 1 17  ? 9.24611   -1.44168  9.77699   1.000 90.67636  ? 17  ILE A C   1 
ATOM   135 O  O   . ILE A 1 17  ? 10.17009  -2.21952  10.03838  1.000 98.57519  ? 17  ILE A O   1 
ATOM   136 C  CB  . ILE A 1 17  ? 7.51392   -2.04909  8.02868   1.000 66.79308  ? 17  ILE A CB  1 
ATOM   137 C  CG1 . ILE A 1 17  ? 6.36629   -3.03092  7.77599   1.000 69.60535  ? 17  ILE A CG1 1 
ATOM   138 C  CG2 . ILE A 1 17  ? 8.74841   -2.46668  7.24188   1.000 70.68706  ? 17  ILE A CG2 1 
ATOM   139 C  CD1 . ILE A 1 17  ? 5.74414   -2.91539  6.39617   1.000 54.27794  ? 17  ILE A CD1 1 
ATOM   140 N  N   . GLU A 1 18  ? 9.44458   -0.12357  9.69710   1.000 92.94094  ? 18  GLU A N   1 
ATOM   141 C  CA  . GLU A 1 18  ? 10.78956  0.41937   9.86364   1.000 104.36552 ? 18  GLU A CA  1 
ATOM   142 C  C   . GLU A 1 18  ? 11.34541  0.18635   11.26364  1.000 116.03389 ? 18  GLU A C   1 
ATOM   143 O  O   . GLU A 1 18  ? 12.56747  0.22237   11.44393  1.000 126.63451 ? 18  GLU A O   1 
ATOM   144 C  CB  . GLU A 1 18  ? 10.80817  1.91399   9.53662   1.000 105.50943 ? 18  GLU A CB  1 
ATOM   145 C  CG  . GLU A 1 18  ? 9.96849   2.77489   10.46024  1.000 107.59475 ? 18  GLU A CG  1 
ATOM   146 C  CD  . GLU A 1 18  ? 9.97752   4.23133   10.04714  1.000 108.78795 ? 18  GLU A CD  1 
ATOM   147 O  OE1 . GLU A 1 18  ? 10.53574  4.53571   8.97200   1.000 108.44033 ? 18  GLU A OE1 1 
ATOM   148 O  OE2 . GLU A 1 18  ? 9.42840   5.06943   10.79303  1.000 113.59215 ? 18  GLU A OE2 1 
ATOM   149 N  N   . LYS A 1 19  ? 10.48320  -0.05623  12.25393  1.000 114.86241 ? 19  LYS A N   1 
ATOM   150 C  CA  . LYS A 1 19  ? 10.91164  -0.35163  13.61626  1.000 120.99586 ? 19  LYS A CA  1 
ATOM   151 C  C   . LYS A 1 19  ? 11.02931  -1.84588  13.88107  1.000 126.99453 ? 19  LYS A C   1 
ATOM   152 O  O   . LYS A 1 19  ? 10.84415  -2.28436  15.02515  1.000 130.92906 ? 19  LYS A O   1 
ATOM   153 C  CB  . LYS A 1 19  ? 9.94505   0.27367   14.62199  1.000 117.00744 ? 19  LYS A CB  1 
ATOM   154 C  CG  . LYS A 1 19  ? 9.40753   1.62993   14.22086  1.000 115.37006 ? 19  LYS A CG  1 
ATOM   155 C  CD  . LYS A 1 19  ? 8.32135   2.08249   15.18298  1.000 120.41911 ? 19  LYS A CD  1 
ATOM   156 C  CE  . LYS A 1 19  ? 7.68897   3.39591   14.74022  1.000 116.97380 ? 19  LYS A CE  1 
ATOM   157 N  NZ  . LYS A 1 19  ? 8.67589   4.50839   14.66634  1.000 121.14157 ? 19  LYS A NZ  1 
ATOM   158 N  N   . ALA A 1 20  ? 11.32352  -2.64373  12.86082  1.000 125.21120 ? 20  ALA A N   1 
ATOM   159 C  CA  . ALA A 1 20  ? 11.31331  -4.09153  12.98576  1.000 129.60703 ? 20  ALA A CA  1 
ATOM   160 C  C   . ALA A 1 20  ? 12.71919  -4.65923  12.85874  1.000 136.25499 ? 20  ALA A C   1 
ATOM   161 O  O   . ALA A 1 20  ? 13.52684  -4.18635  12.05218  1.000 137.39530 ? 20  ALA A O   1 
ATOM   162 C  CB  . ALA A 1 20  ? 10.40026  -4.71978  11.93684  1.000 121.37351 ? 20  ALA A CB  1 
ATOM   163 N  N   . ASP A 1 21  ? 12.99392  -5.68557  13.66108  1.000 139.77233 ? 21  ASP A N   1 
ATOM   164 C  CA  . ASP A 1 21  ? 14.28446  -6.35222  13.68886  1.000 145.76828 ? 21  ASP A CA  1 
ATOM   165 C  C   . ASP A 1 21  ? 14.22186  -7.80314  13.24377  1.000 144.90982 ? 21  ASP A C   1 
ATOM   166 O  O   . ASP A 1 21  ? 15.27589  -8.40787  13.01475  1.000 148.69697 ? 21  ASP A O   1 
ATOM   167 C  CB  . ASP A 1 21  ? 14.87475  -6.28135  15.10377  1.000 158.20350 ? 21  ASP A CB  1 
ATOM   168 C  CG  . ASP A 1 21  ? 13.80021  -6.26539  16.17465  1.000 161.10892 ? 21  ASP A CG  1 
ATOM   169 O  OD1 . ASP A 1 21  ? 13.64293  -7.27975  16.88674  1.000 167.59342 ? 21  ASP A OD1 1 
ATOM   170 O  OD2 . ASP A 1 21  ? 13.09192  -5.24082  16.28245  1.000 156.57414 ? 21  ASP A OD2 1 
ATOM   171 N  N   . ASN A 1 22  ? 13.02783  -8.37566  13.11695  1.000 138.59167 ? 22  ASN A N   1 
ATOM   172 C  CA  . ASN A 1 22  ? 12.85233  -9.75632  12.69751  1.000 140.63317 ? 22  ASN A CA  1 
ATOM   173 C  C   . ASN A 1 22  ? 11.81744  -9.81188  11.58484  1.000 130.68234 ? 22  ASN A C   1 
ATOM   174 O  O   . ASN A 1 22  ? 10.87377  -9.01696  11.55435  1.000 117.11201 ? 22  ASN A O   1 
ATOM   175 C  CB  . ASN A 1 22  ? 12.40892  -10.64581 13.86496  1.000 149.29231 ? 22  ASN A CB  1 
ATOM   176 C  CG  . ASN A 1 22  ? 11.10084  -10.18824 14.47667  1.000 148.11519 ? 22  ASN A CG  1 
ATOM   177 O  OD1 . ASN A 1 22  ? 10.78580  -8.99771  14.47704  1.000 149.98674 ? 22  ASN A OD1 1 
ATOM   178 N  ND2 . ASN A 1 22  ? 10.33009  -11.13416 15.00265  1.000 142.16936 ? 22  ASN A ND2 1 
ATOM   179 N  N   . ALA A 1 23  ? 11.99878  -10.76973 10.67278  1.000 136.62420 ? 23  ALA A N   1 
ATOM   180 C  CA  . ALA A 1 23  ? 11.10035  -10.89032 9.53107   1.000 128.31762 ? 23  ALA A CA  1 
ATOM   181 C  C   . ALA A 1 23  ? 9.68443   -11.27437 9.93664   1.000 134.96777 ? 23  ALA A C   1 
ATOM   182 O  O   . ALA A 1 23  ? 8.75835   -11.09833 9.13712   1.000 135.55324 ? 23  ALA A O   1 
ATOM   183 C  CB  . ALA A 1 23  ? 11.64564  -11.91422 8.53507   1.000 120.44925 ? 23  ALA A CB  1 
ATOM   184 N  N   . ALA A 1 24  ? 9.49163   -11.78617 11.15406  1.000 140.07281 ? 24  ALA A N   1 
ATOM   185 C  CA  . ALA A 1 24  ? 8.16003   -12.19973 11.58448  1.000 135.06049 ? 24  ALA A CA  1 
ATOM   186 C  C   . ALA A 1 24  ? 7.20363   -11.01100 11.61939  1.000 121.79963 ? 24  ALA A C   1 
ATOM   187 O  O   . ALA A 1 24  ? 6.15667   -11.01749 10.96236  1.000 115.63575 ? 24  ALA A O   1 
ATOM   188 C  CB  . ALA A 1 24  ? 8.24307   -12.88477 12.95163  1.000 143.99902 ? 24  ALA A CB  1 
ATOM   189 N  N   . GLN A 1 25  ? 7.55731   -9.96916  12.37481  1.000 113.85993 ? 25  GLN A N   1 
ATOM   190 C  CA  . GLN A 1 25  ? 6.70838   -8.78326  12.44195  1.000 103.56625 ? 25  GLN A CA  1 
ATOM   191 C  C   . GLN A 1 25  ? 6.65696   -8.07113  11.09509  1.000 99.73826  ? 25  GLN A C   1 
ATOM   192 O  O   . GLN A 1 25  ? 5.60386   -7.54619  10.69785  1.000 102.96269 ? 25  GLN A O   1 
ATOM   193 C  CB  . GLN A 1 25  ? 7.21391   -7.84933  13.54482  1.000 102.74747 ? 25  GLN A CB  1 
ATOM   194 C  CG  . GLN A 1 25  ? 7.49103   -8.55547  14.87853  1.000 120.64463 ? 25  GLN A CG  1 
ATOM   195 C  CD  . GLN A 1 25  ? 8.31572   -7.71507  15.84563  1.000 129.72697 ? 25  GLN A CD  1 
ATOM   196 O  OE1 . GLN A 1 25  ? 8.05293   -6.52643  16.03798  1.000 133.45907 ? 25  GLN A OE1 1 
ATOM   197 N  NE2 . GLN A 1 25  ? 9.32450   -8.33244  16.45302  1.000 130.32529 ? 25  GLN A NE2 1 
ATOM   198 N  N   . VAL A 1 26  ? 7.78228   -8.06577  10.37105  1.000 89.98496  ? 26  VAL A N   1 
ATOM   199 C  CA  . VAL A 1 26  ? 7.82587   -7.46542  9.03748   1.000 79.24241  ? 26  VAL A CA  1 
ATOM   200 C  C   . VAL A 1 26  ? 6.78908   -8.11081  8.12782   1.000 78.64402  ? 26  VAL A C   1 
ATOM   201 O  O   . VAL A 1 26  ? 5.91449   -7.43513  7.57327   1.000 77.10814  ? 26  VAL A O   1 
ATOM   202 C  CB  . VAL A 1 26  ? 9.22951   -7.59747  8.42582   1.000 80.74364  ? 26  VAL A CB  1 
ATOM   203 C  CG1 . VAL A 1 26  ? 9.24534   -7.00079  7.01314   1.000 74.32998  ? 26  VAL A CG1 1 
ATOM   204 C  CG2 . VAL A 1 26  ? 10.24976  -6.91215  9.28851   1.000 92.45385  ? 26  VAL A CG2 1 
ATOM   205 N  N   . LEU A 1 27  ? 6.89484   -9.43139  7.94539   1.000 87.44949  ? 27  LEU A N   1 
ATOM   206 C  CA  . LEU A 1 27  ? 5.99066   -10.14677 7.05020   1.000 78.59537  ? 27  LEU A CA  1 
ATOM   207 C  C   . LEU A 1 27  ? 4.54934   -10.00683 7.50692   1.000 66.05616  ? 27  LEU A C   1 
ATOM   208 O  O   . LEU A 1 27  ? 3.64127   -9.89511  6.68178   1.000 63.03094  ? 27  LEU A O   1 
ATOM   209 C  CB  . LEU A 1 27  ? 6.39450   -11.62264 6.98154   1.000 84.63108  ? 27  LEU A CB  1 
ATOM   210 C  CG  . LEU A 1 27  ? 5.72795   -12.53752 5.95479   1.000 75.65324  ? 27  LEU A CG  1 
ATOM   211 C  CD1 . LEU A 1 27  ? 6.48118   -12.51215 4.63443   1.000 68.44890  ? 27  LEU A CD1 1 
ATOM   212 C  CD2 . LEU A 1 27  ? 5.62340   -13.95443 6.49798   1.000 70.33662  ? 27  LEU A CD2 1 
ATOM   213 N  N   . THR A 1 28  ? 4.32821   -9.99301  8.82168   1.000 73.81877  ? 28  THR A N   1 
ATOM   214 C  CA  . THR A 1 28  ? 2.98802   -9.80630  9.36445   1.000 69.85174  ? 28  THR A CA  1 
ATOM   215 C  C   . THR A 1 28  ? 2.39135   -8.47567  8.91393   1.000 67.11105  ? 28  THR A C   1 
ATOM   216 O  O   . THR A 1 28  ? 1.28262   -8.43149  8.36438   1.000 61.09393  ? 28  THR A O   1 
ATOM   217 C  CB  . THR A 1 28  ? 3.05836   -9.89484  10.88703  1.000 78.92645  ? 28  THR A CB  1 
ATOM   218 O  OG1 . THR A 1 28  ? 3.70069   -11.12203 11.25164  1.000 80.17746  ? 28  THR A OG1 1 
ATOM   219 C  CG2 . THR A 1 28  ? 1.68070   -9.85010  11.50077  1.000 86.46775  ? 28  THR A CG2 1 
ATOM   220 N  N   . ALA A 1 29  ? 3.12744   -7.37660  9.11615   1.000 75.08579  ? 29  ALA A N   1 
ATOM   221 C  CA  . ALA A 1 29  ? 2.62088   -6.07122  8.69918   1.000 59.52449  ? 29  ALA A CA  1 
ATOM   222 C  C   . ALA A 1 29  ? 2.49688   -5.96095  7.18250   1.000 51.76074  ? 29  ALA A C   1 
ATOM   223 O  O   . ALA A 1 29  ? 1.56605   -5.32027  6.68726   1.000 58.99598  ? 29  ALA A O   1 
ATOM   224 C  CB  . ALA A 1 29  ? 3.51636   -4.96032  9.24118   1.000 70.05894  ? 29  ALA A CB  1 
ATOM   225 N  N   . LEU A 1 30  ? 3.41754   -6.56263  6.42803   1.000 58.65559  ? 30  LEU A N   1 
ATOM   226 C  CA  . LEU A 1 30  ? 3.30747   -6.52109  4.97179   1.000 46.71468  ? 30  LEU A CA  1 
ATOM   227 C  C   . LEU A 1 30  ? 2.06397   -7.25399  4.49158   1.000 46.86518  ? 30  LEU A C   1 
ATOM   228 O  O   . LEU A 1 30  ? 1.38489   -6.79911  3.56173   1.000 59.64081  ? 30  LEU A O   1 
ATOM   229 C  CB  . LEU A 1 30  ? 4.56082   -7.11139  4.33009   1.000 48.61552  ? 30  LEU A CB  1 
ATOM   230 C  CG  . LEU A 1 30  ? 5.75809   -6.17168  4.22113   1.000 48.31961  ? 30  LEU A CG  1 
ATOM   231 C  CD1 . LEU A 1 30  ? 6.95062   -6.90358  3.63742   1.000 55.58055  ? 30  LEU A CD1 1 
ATOM   232 C  CD2 . LEU A 1 30  ? 5.39034   -4.98548  3.35183   1.000 40.26155  ? 30  LEU A CD2 1 
ATOM   233 N  N   . TRP A 1 31  ? 1.75199   -8.39353  5.10761   1.000 59.81410  ? 31  TRP A N   1 
ATOM   234 C  CA  . TRP A 1 31  ? 0.52691   -9.09814  4.76081   1.000 59.05248  ? 31  TRP A CA  1 
ATOM   235 C  C   . TRP A 1 31  ? -0.70140  -8.31073  5.19011   1.000 40.82024  ? 31  TRP A C   1 
ATOM   236 O  O   . TRP A 1 31  ? -1.73192  -8.36405  4.51715   1.000 46.69292  ? 31  TRP A O   1 
ATOM   237 C  CB  . TRP A 1 31  ? 0.51825   -10.49228 5.38693   1.000 58.43914  ? 31  TRP A CB  1 
ATOM   238 C  CG  . TRP A 1 31  ? 1.30680   -11.51300 4.62272   1.000 48.78341  ? 31  TRP A CG  1 
ATOM   239 C  CD1 . TRP A 1 31  ? 2.49352   -12.07731 4.99201   1.000 53.73253  ? 31  TRP A CD1 1 
ATOM   240 C  CD2 . TRP A 1 31  ? 0.96101   -12.09505 3.35915   1.000 40.69133  ? 31  TRP A CD2 1 
ATOM   241 N  NE1 . TRP A 1 31  ? 2.90873   -12.97279 4.03642   1.000 58.28969  ? 31  TRP A NE1 1 
ATOM   242 C  CE2 . TRP A 1 31  ? 1.98653   -13.00293 3.02383   1.000 52.80095  ? 31  TRP A CE2 1 
ATOM   243 C  CE3 . TRP A 1 31  ? -0.11356  -11.93470 2.47952   1.000 50.61664  ? 31  TRP A CE3 1 
ATOM   244 C  CZ2 . TRP A 1 31  ? 1.96717   -13.74973 1.85017   1.000 54.83334  ? 31  TRP A CZ2 1 
ATOM   245 C  CZ3 . TRP A 1 31  ? -0.12895  -12.67332 1.31164   1.000 57.61055  ? 31  TRP A CZ3 1 
ATOM   246 C  CH2 . TRP A 1 31  ? 0.90438   -13.57006 1.00808   1.000 53.13549  ? 31  TRP A CH2 1 
ATOM   247 N  N   . PHE A 1 32  ? -0.61449  -7.57654  6.29934   1.000 49.63978  ? 32  PHE A N   1 
ATOM   248 C  CA  . PHE A 1 32  ? -1.69263  -6.65266  6.63754   1.000 55.43791  ? 32  PHE A CA  1 
ATOM   249 C  C   . PHE A 1 32  ? -1.84600  -5.56137  5.58343   1.000 51.17458  ? 32  PHE A C   1 
ATOM   250 O  O   . PHE A 1 32  ? -2.96712  -5.13224  5.29371   1.000 50.76107  ? 32  PHE A O   1 
ATOM   251 C  CB  . PHE A 1 32  ? -1.45256  -6.03676  8.01318   1.000 69.17493  ? 32  PHE A CB  1 
ATOM   252 C  CG  . PHE A 1 32  ? -2.26866  -6.66282  9.09606   1.000 77.55803  ? 32  PHE A CG  1 
ATOM   253 C  CD1 . PHE A 1 32  ? -3.63447  -6.45862  9.14776   1.000 82.39810  ? 32  PHE A CD1 1 
ATOM   254 C  CD2 . PHE A 1 32  ? -1.67625  -7.45768  10.05692  1.000 87.43959  ? 32  PHE A CD2 1 
ATOM   255 C  CE1 . PHE A 1 32  ? -4.39365  -7.03620  10.13515  1.000 90.11627  ? 32  PHE A CE1 1 
ATOM   256 C  CE2 . PHE A 1 32  ? -2.43409  -8.03924  11.05056  1.000 101.12109 ? 32  PHE A CE2 1 
ATOM   257 C  CZ  . PHE A 1 32  ? -3.79629  -7.82853  11.08642  1.000 101.81480 ? 32  PHE A CZ  1 
ATOM   258 N  N   . MET A 1 33  ? -0.74194  -5.10899  4.99452   1.000 45.60303  ? 33  MET A N   1 
ATOM   259 C  CA  . MET A 1 33  ? -0.84174  -4.12986  3.91716   1.000 49.14610  ? 33  MET A CA  1 
ATOM   260 C  C   . MET A 1 33  ? -1.53476  -4.73082  2.70070   1.000 47.71114  ? 33  MET A C   1 
ATOM   261 O  O   . MET A 1 33  ? -2.42688  -4.11105  2.10803   1.000 50.59294  ? 33  MET A O   1 
ATOM   262 C  CB  . MET A 1 33  ? 0.54520   -3.60036  3.55038   1.000 44.25170  ? 33  MET A CB  1 
ATOM   263 C  CG  . MET A 1 33  ? 1.21824   -2.87828  4.69520   1.000 43.15375  ? 33  MET A CG  1 
ATOM   264 S  SD  . MET A 1 33  ? 2.79793   -2.07993  4.34668   1.000 54.92658  ? 33  MET A SD  1 
ATOM   265 C  CE  . MET A 1 33  ? 2.33237   -0.85113  3.12246   1.000 50.69301  ? 33  MET A CE  1 
ATOM   266 N  N   . ALA A 1 34  ? -1.13411  -5.94136  2.31170   1.000 49.41407  ? 34  ALA A N   1 
ATOM   267 C  CA  . ALA A 1 34  ? -1.80153  -6.60215  1.19295   1.000 42.21179  ? 34  ALA A CA  1 
ATOM   268 C  C   . ALA A 1 34  ? -3.27742  -6.83062  1.50217   1.000 39.39907  ? 34  ALA A C   1 
ATOM   269 O  O   . ALA A 1 34  ? -4.13365  -6.68606  0.62296   1.000 36.16236  ? 34  ALA A O   1 
ATOM   270 C  CB  . ALA A 1 34  ? -1.10339  -7.92103  0.85702   1.000 33.60355  ? 34  ALA A CB  1 
ATOM   271 N  N   . LEU A 1 35  ? -3.58886  -7.16069  2.75967   1.000 43.91152  ? 35  LEU A N   1 
ATOM   272 C  CA  . LEU A 1 35  ? -4.97045  -7.31842  3.20602   1.000 55.88267  ? 35  LEU A CA  1 
ATOM   273 C  C   . LEU A 1 35  ? -5.76168  -6.02961  3.02280   1.000 52.01901  ? 35  LEU A C   1 
ATOM   274 O  O   . LEU A 1 35  ? -6.87519  -6.03989  2.48571   1.000 52.10721  ? 35  LEU A O   1 
ATOM   275 C  CB  . LEU A 1 35  ? -4.97951  -7.73767  4.67828   1.000 63.86676  ? 35  LEU A CB  1 
ATOM   276 C  CG  . LEU A 1 35  ? -6.07634  -8.60596  5.31122   1.000 77.28329  ? 35  LEU A CG  1 
ATOM   277 C  CD1 . LEU A 1 35  ? -6.01730  -8.50140  6.83651   1.000 71.84460  ? 35  LEU A CD1 1 
ATOM   278 C  CD2 . LEU A 1 35  ? -7.46889  -8.28263  4.80300   1.000 89.49855  ? 35  LEU A CD2 1 
ATOM   279 N  N   . ALA A 1 36  ? -5.21774  -4.91224  3.50854   1.000 60.99509  ? 36  ALA A N   1 
ATOM   280 C  CA  . ALA A 1 36  ? -5.92040  -3.64090  3.39171   1.000 61.20421  ? 36  ALA A CA  1 
ATOM   281 C  C   . ALA A 1 36  ? -6.10884  -3.25546  1.93669   1.000 55.69182  ? 36  ALA A C   1 
ATOM   282 O  O   . ALA A 1 36  ? -7.13438  -2.66698  1.57813   1.000 67.99196  ? 36  ALA A O   1 
ATOM   283 C  CB  . ALA A 1 36  ? -5.16655  -2.54381  4.14488   1.000 62.97593  ? 36  ALA A CB  1 
ATOM   284 N  N   . ALA A 1 37  ? -5.13621  -3.58435  1.08401   1.000 43.71442  ? 37  ALA A N   1 
ATOM   285 C  CA  . ALA A 1 37  ? -5.29166  -3.30842  -0.34026  1.000 44.23428  ? 37  ALA A CA  1 
ATOM   286 C  C   . ALA A 1 37  ? -6.34936  -4.20768  -0.96815  1.000 46.07130  ? 37  ALA A C   1 
ATOM   287 O  O   . ALA A 1 37  ? -7.05052  -3.78767  -1.89492  1.000 56.62372  ? 37  ALA A O   1 
ATOM   288 C  CB  . ALA A 1 37  ? -3.94979  -3.46679  -1.06005  1.000 42.22046  ? 37  ALA A CB  1 
ATOM   289 N  N   . HIS A 1 38  ? -6.48148  -5.44062  -0.47736  1.000 60.41104  ? 38  HIS A N   1 
ATOM   290 C  CA  . HIS A 1 38  ? -7.49816  -6.34283  -1.00742  1.000 66.26951  ? 38  HIS A CA  1 
ATOM   291 C  C   . HIS A 1 38  ? -8.89852  -5.91943  -0.57542  1.000 70.18938  ? 38  HIS A C   1 
ATOM   292 O  O   . HIS A 1 38  ? -9.85061  -6.03083  -1.35637  1.000 81.02038  ? 38  HIS A O   1 
ATOM   293 C  CB  . HIS A 1 38  ? -7.21229  -7.77851  -0.56355  1.000 60.35548  ? 38  HIS A CB  1 
ATOM   294 C  CG  . HIS A 1 38  ? -8.04127  -8.80773  -1.26945  1.000 63.86803  ? 38  HIS A CG  1 
ATOM   295 N  ND1 . HIS A 1 38  ? -7.61683  -9.44745  -2.41424  1.000 65.04068  ? 38  HIS A ND1 1 
ATOM   296 C  CD2 . HIS A 1 38  ? -9.27001  -9.30654  -0.99436  1.000 70.26649  ? 38  HIS A CD2 1 
ATOM   297 C  CE1 . HIS A 1 38  ? -8.54662  -10.29832 -2.81130  1.000 74.32547  ? 38  HIS A CE1 1 
ATOM   298 N  NE2 . HIS A 1 38  ? -9.56075  -10.23109 -1.96798  1.000 77.55416  ? 38  HIS A NE2 1 
ATOM   299 N  N   . MET A 1 39  ? -9.04918  -5.43224  0.66176   1.000 68.80173  ? 39  MET A N   1 
ATOM   300 C  CA  . MET A 1 39  ? -10.37790 -5.04795  1.13819   1.000 87.28749  ? 39  MET A CA  1 
ATOM   301 C  C   . MET A 1 39  ? -10.87906 -3.79694  0.42688   1.000 98.00016  ? 39  MET A C   1 
ATOM   302 O  O   . MET A 1 39  ? -12.08558 -3.64826  0.19310   1.000 107.99127 ? 39  MET A O   1 
ATOM   303 C  CB  . MET A 1 39  ? -10.37150 -4.81452  2.65317   1.000 87.45056  ? 39  MET A CB  1 
ATOM   304 C  CG  . MET A 1 39  ? -9.94373  -5.99312  3.53271   1.000 80.45932  ? 39  MET A CG  1 
ATOM   305 S  SD  . MET A 1 39  ? -10.99209 -7.46449  3.49807   1.000 66.33368  ? 39  MET A SD  1 
ATOM   306 C  CE  . MET A 1 39  ? -10.12586 -8.42615  2.26174   1.000 55.94620  ? 39  MET A CE  1 
ATOM   307 N  N   . ALA A 1 40  ? -9.97172  -2.88309  0.08614   1.000 72.52822  ? 40  ALA A N   1 
ATOM   308 C  CA  . ALA A 1 40  ? -10.31612 -1.62613  -0.57474  1.000 63.61378  ? 40  ALA A CA  1 
ATOM   309 C  C   . ALA A 1 40  ? -9.97978  -1.65373  -2.05693  1.000 60.79660  ? 40  ALA A C   1 
ATOM   310 O  O   . ALA A 1 40  ? -9.60721  -0.62577  -2.62981  1.000 76.17045  ? 40  ALA A O   1 
ATOM   311 C  CB  . ALA A 1 40  ? -9.60665  -0.45992  0.10778   1.000 61.36971  ? 40  ALA A CB  1 
ATOM   312 N  N   . ALA A 1 41  ? -10.09605 -2.81432  -2.70542  1.000 58.33133  ? 41  ALA A N   1 
ATOM   313 C  CA  . ALA A 1 41  ? -9.69826  -2.90492  -4.10547  1.000 57.17482  ? 41  ALA A CA  1 
ATOM   314 C  C   . ALA A 1 41  ? -10.64705 -2.13149  -5.00989  1.000 63.07341  ? 41  ALA A C   1 
ATOM   315 O  O   . ALA A 1 41  ? -10.23416 -1.64604  -6.07037  1.000 65.71001  ? 41  ALA A O   1 
ATOM   316 C  CB  . ALA A 1 41  ? -9.62177  -4.36530  -4.54224  1.000 55.22711  ? 41  ALA A CB  1 
ATOM   317 N  N   . LEU A 1 42  ? -11.91040 -2.00467  -4.61137  1.000 66.00068  ? 42  LEU A N   1 
ATOM   318 C  CA  . LEU A 1 42  ? -12.90410 -1.26028  -5.36869  1.000 65.91638  ? 42  LEU A CA  1 
ATOM   319 C  C   . LEU A 1 42  ? -13.27767 0.05953   -4.71035  1.000 71.25910  ? 42  LEU A C   1 
ATOM   320 O  O   . LEU A 1 42  ? -14.16633 0.75633   -5.21195  1.000 78.56711  ? 42  LEU A O   1 
ATOM   321 C  CB  . LEU A 1 42  ? -14.16372 -2.11132  -5.56569  1.000 74.38796  ? 42  LEU A CB  1 
ATOM   322 C  CG  . LEU A 1 42  ? -13.96987 -3.52921  -6.11014  1.000 73.66242  ? 42  LEU A CG  1 
ATOM   323 C  CD1 . LEU A 1 42  ? -15.30678 -4.25725  -6.20376  1.000 77.49978  ? 42  LEU A CD1 1 
ATOM   324 C  CD2 . LEU A 1 42  ? -13.28985 -3.48989  -7.45538  1.000 64.28558  ? 42  LEU A CD2 1 
ATOM   325 N  N   . ALA A 1 43  ? -12.63454 0.41574   -3.60092  1.000 68.64635  ? 43  ALA A N   1 
ATOM   326 C  CA  . ALA A 1 43  ? -12.93170 1.66827   -2.92592  1.000 74.56264  ? 43  ALA A CA  1 
ATOM   327 C  C   . ALA A 1 43  ? -12.55627 2.85259   -3.81174  1.000 81.08823  ? 43  ALA A C   1 
ATOM   328 O  O   . ALA A 1 43  ? -11.69896 2.75896   -4.69505  1.000 72.20653  ? 43  ALA A O   1 
ATOM   329 C  CB  . ALA A 1 43  ? -12.18802 1.74599   -1.59041  1.000 72.78756  ? 43  ALA A CB  1 
ATOM   330 N  N   . THR A 1 44  ? -13.21716 3.97977   -3.56410  1.000 84.92263  ? 44  THR A N   1 
ATOM   331 C  CA  . THR A 1 44  ? -13.01460 5.18925   -4.32776  1.000 87.36401  ? 44  THR A CA  1 
ATOM   332 C  C   . THR A 1 44  ? -12.57914 6.31163   -3.39838  1.000 90.72221  ? 44  THR A C   1 
ATOM   333 O  O   . THR A 1 44  ? -13.15076 6.46249   -2.31278  1.000 101.12546 ? 44  THR A O   1 
ATOM   334 C  CB  . THR A 1 44  ? -14.31600 5.58326   -5.05422  1.000 101.18245 ? 44  THR A CB  1 
ATOM   335 O  OG1 . THR A 1 44  ? -14.67772 4.54961   -5.98205  1.000 95.00379  ? 44  THR A OG1 1 
ATOM   336 C  CG2 . THR A 1 44  ? -14.13609 6.88862   -5.79534  1.000 101.31435 ? 44  THR A CG2 1 
ATOM   337 N  N   . PRO A 1 45  ? -11.56130 7.09509   -3.76743  1.000 87.90195  ? 45  PRO A N   1 
ATOM   338 C  CA  . PRO A 1 45  ? -11.17939 8.21371   -2.91099  1.000 93.53394  ? 45  PRO A CA  1 
ATOM   339 C  C   . PRO A 1 45  ? -12.31654 9.19848   -2.77698  1.000 111.99574 ? 45  PRO A C   1 
ATOM   340 O  O   . PRO A 1 45  ? -13.12966 9.37110   -3.70672  1.000 114.72370 ? 45  PRO A O   1 
ATOM   341 C  CB  . PRO A 1 45  ? -9.98532  8.83040   -3.66196  1.000 89.66142  ? 45  PRO A CB  1 
ATOM   342 C  CG  . PRO A 1 45  ? -10.11319 8.35970   -5.06065  1.000 88.06332  ? 45  PRO A CG  1 
ATOM   343 C  CD  . PRO A 1 45  ? -10.71572 6.99287   -4.96616  1.000 90.14295  ? 45  PRO A CD  1 
ATOM   344 N  N   . PRO A 1 46  ? -12.41531 9.88525   -1.63515  1.000 114.15288 ? 46  PRO A N   1 
ATOM   345 C  CA  . PRO A 1 46  ? -13.45841 10.91462  -1.50449  1.000 128.90309 ? 46  PRO A CA  1 
ATOM   346 C  C   . PRO A 1 46  ? -13.36511 12.00514  -2.56997  1.000 131.98438 ? 46  PRO A C   1 
ATOM   347 O  O   . PRO A 1 46  ? -14.32931 12.76063  -2.73894  1.000 137.28880 ? 46  PRO A O   1 
ATOM   348 C  CB  . PRO A 1 46  ? -13.23552 11.47910  -0.09000  1.000 131.50789 ? 46  PRO A CB  1 
ATOM   349 C  CG  . PRO A 1 46  ? -12.34932 10.47867  0.60974   1.000 117.34053 ? 46  PRO A CG  1 
ATOM   350 C  CD  . PRO A 1 46  ? -11.52555 9.84025   -0.46337  1.000 106.77363 ? 46  PRO A CD  1 
ATOM   351 N  N   . LYS A 1 47  ? -12.26775 12.07272  -3.32714  1.000 127.82517 ? 47  LYS A N   1 
ATOM   352 C  CA  . LYS A 1 47  ? -12.06628 13.18507  -4.23934  1.000 125.92830 ? 47  LYS A CA  1 
ATOM   353 C  C   . LYS A 1 47  ? -12.83141 13.03943  -5.54481  1.000 126.96471 ? 47  LYS A C   1 
ATOM   354 O  O   . LYS A 1 47  ? -13.01941 14.04507  -6.23434  1.000 133.29128 ? 47  LYS A O   1 
ATOM   355 C  CB  . LYS A 1 47  ? -10.57670 13.37531  -4.56841  1.000 117.77469 ? 47  LYS A CB  1 
ATOM   356 C  CG  . LYS A 1 47  ? -9.87811  14.52523  -3.84157  1.000 126.95118 ? 47  LYS A CG  1 
ATOM   357 C  CD  . LYS A 1 47  ? -8.88671  15.24279  -4.77449  1.000 129.57643 ? 47  LYS A CD  1 
ATOM   358 C  CE  . LYS A 1 47  ? -8.08563  16.34287  -4.06901  1.000 131.13221 ? 47  LYS A CE  1 
ATOM   359 N  NZ  . LYS A 1 47  ? -6.83976  15.82496  -3.43034  1.000 120.69208 ? 47  LYS A NZ  1 
ATOM   360 N  N   . LEU A 1 48  ? -13.26189 11.83516  -5.92754  1.000 124.62111 ? 48  LEU A N   1 
ATOM   361 C  CA  . LEU A 1 48  ? -13.64826 11.64321  -7.32259  1.000 134.51424 ? 48  LEU A CA  1 
ATOM   362 C  C   . LEU A 1 48  ? -14.56538 10.44209  -7.51505  1.000 142.07872 ? 48  LEU A C   1 
ATOM   363 O  O   . LEU A 1 48  ? -14.45730 9.73206   -8.51720  1.000 138.43950 ? 48  LEU A O   1 
ATOM   364 C  CB  . LEU A 1 48  ? -12.40993 11.49148  -8.22178  1.000 125.12476 ? 48  LEU A CB  1 
ATOM   365 C  CG  . LEU A 1 48  ? -11.47747 10.28650  -8.02883  1.000 109.55856 ? 48  LEU A CG  1 
ATOM   366 C  CD1 . LEU A 1 48  ? -11.57495 9.32314   -9.20400  1.000 97.06272  ? 48  LEU A CD1 1 
ATOM   367 C  CD2 . LEU A 1 48  ? -10.03565 10.73260  -7.84122  1.000 107.72096 ? 48  LEU A CD2 1 
ATOM   368 N  N   . GLU A 1 49  ? -15.52585 10.22761  -6.61570  1.000 157.85550 ? 49  GLU A N   1 
ATOM   369 C  CA  . GLU A 1 49  ? -16.50548 9.19401   -6.95085  1.000 164.38112 ? 49  GLU A CA  1 
ATOM   370 C  C   . GLU A 1 49  ? -17.44095 9.63724   -8.06977  1.000 168.94155 ? 49  GLU A C   1 
ATOM   371 O  O   . GLU A 1 49  ? -18.03068 8.79207   -8.75346  1.000 171.22097 ? 49  GLU A O   1 
ATOM   372 C  CB  . GLU A 1 49  ? -17.31686 8.74273   -5.73315  1.000 170.39943 ? 49  GLU A CB  1 
ATOM   373 C  CG  . GLU A 1 49  ? -18.02406 7.41059   -6.01310  1.000 166.10159 ? 49  GLU A CG  1 
ATOM   374 C  CD  . GLU A 1 49  ? -19.04088 7.00224   -4.97298  1.000 173.18095 ? 49  GLU A CD  1 
ATOM   375 O  OE1 . GLU A 1 49  ? -18.63099 6.52181   -3.89728  1.000 168.29787 ? 49  GLU A OE1 1 
ATOM   376 O  OE2 . GLU A 1 49  ? -20.25381 7.12772   -5.24695  1.000 182.81206 ? 49  GLU A OE2 1 
ATOM   377 N  N   . ASP A 1 50  ? -17.56226 10.93707  -8.29795  1.000 165.79318 ? 50  ASP A N   1 
ATOM   378 C  CA  . ASP A 1 50  ? -18.39648 11.45062  -9.38466  1.000 168.49973 ? 50  ASP A CA  1 
ATOM   379 C  C   . ASP A 1 50  ? -17.63617 11.49272  -10.70562 1.000 163.92765 ? 50  ASP A C   1 
ATOM   380 O  O   . ASP A 1 50  ? -17.61252 12.50668  -11.40255 1.000 172.88055 ? 50  ASP A O   1 
ATOM   381 C  CB  . ASP A 1 50  ? -18.94203 12.82612  -9.02226  1.000 177.43219 ? 50  ASP A CB  1 
ATOM   382 C  CG  . ASP A 1 50  ? -19.93519 12.77086  -7.88104  1.000 186.97477 ? 50  ASP A CG  1 
ATOM   383 O  OD1 . ASP A 1 50  ? -20.81384 11.88411  -7.90541  1.000 190.49329 ? 50  ASP A OD1 1 
ATOM   384 O  OD2 . ASP A 1 50  ? -19.82131 13.59883  -6.95031  1.000 191.27777 ? 50  ASP A OD2 1 
ATOM   385 N  N   . LYS A 1 51  ? -17.01485 10.36838  -11.05951 1.000 143.14354 ? 51  LYS A N   1 
ATOM   386 C  CA  . LYS A 1 51  ? -16.32236 10.21549  -12.32842 1.000 138.26108 ? 51  LYS A CA  1 
ATOM   387 C  C   . LYS A 1 51  ? -16.80163 8.94223   -13.01425 1.000 135.95230 ? 51  LYS A C   1 
ATOM   388 O  O   . LYS A 1 51  ? -17.27818 8.00571   -12.36805 1.000 133.77728 ? 51  LYS A O   1 
ATOM   389 C  CB  . LYS A 1 51  ? -14.80123 10.17467  -12.13762 1.000 125.98390 ? 51  LYS A CB  1 
ATOM   390 C  CG  . LYS A 1 51  ? -14.23655 11.38478  -11.41416 1.000 128.36977 ? 51  LYS A CG  1 
ATOM   391 C  CD  . LYS A 1 51  ? -14.52110 12.66205  -12.18637 1.000 138.67877 ? 51  LYS A CD  1 
ATOM   392 C  CE  . LYS A 1 51  ? -14.41762 13.89582  -11.30014 1.000 144.55910 ? 51  LYS A CE  1 
ATOM   393 N  NZ  . LYS A 1 51  ? -13.03469 14.14416  -10.81449 1.000 138.17585 ? 51  LYS A NZ  1 
ATOM   394 N  N   . SER A 1 52  ? -16.66458 8.91224   -14.33751 1.000 137.08622 ? 52  SER A N   1 
ATOM   395 C  CA  . SER A 1 52  ? -17.15339 7.78820   -15.11862 1.000 136.93526 ? 52  SER A CA  1 
ATOM   396 C  C   . SER A 1 52  ? -16.20742 6.59652   -15.00735 1.000 123.30031 ? 52  SER A C   1 
ATOM   397 O  O   . SER A 1 52  ? -15.01818 6.75963   -14.73112 1.000 114.04861 ? 52  SER A O   1 
ATOM   398 C  CB  . SER A 1 52  ? -17.33188 8.20034   -16.58006 1.000 144.04868 ? 52  SER A CB  1 
ATOM   399 O  OG  . SER A 1 52  ? -16.12287 8.68508   -17.13422 1.000 140.19253 ? 52  SER A OG  1 
ATOM   400 N  N   . PRO A 1 53  ? -16.71931 5.37824   -15.21468 1.000 123.52787 ? 53  PRO A N   1 
ATOM   401 C  CA  . PRO A 1 53  ? -15.85955 4.18942   -15.07291 1.000 113.08055 ? 53  PRO A CA  1 
ATOM   402 C  C   . PRO A 1 53  ? -14.71174 4.14012   -16.06525 1.000 105.31097 ? 53  PRO A C   1 
ATOM   403 O  O   . PRO A 1 53  ? -13.63833 3.61751   -15.73272 1.000 94.31834  ? 53  PRO A O   1 
ATOM   404 C  CB  . PRO A 1 53  ? -16.83805 3.02400   -15.28683 1.000 118.29051 ? 53  PRO A CB  1 
ATOM   405 C  CG  . PRO A 1 53  ? -17.97933 3.61888   -16.05711 1.000 128.00680 ? 53  PRO A CG  1 
ATOM   406 C  CD  . PRO A 1 53  ? -18.11057 5.01334   -15.53109 1.000 133.54399 ? 53  PRO A CD  1 
ATOM   407 N  N   . ALA A 1 54  ? -14.90319 4.66629   -17.27293 1.000 110.91469 ? 54  ALA A N   1 
ATOM   408 C  CA  . ALA A 1 54  ? -13.86383 4.70450   -18.28944 1.000 105.56220 ? 54  ALA A CA  1 
ATOM   409 C  C   . ALA A 1 54  ? -13.13978 6.04189   -18.32964 1.000 118.14279 ? 54  ALA A C   1 
ATOM   410 O  O   . ALA A 1 54  ? -12.42723 6.32102   -19.29905 1.000 126.57152 ? 54  ALA A O   1 
ATOM   411 C  CB  . ALA A 1 54  ? -14.45914 4.38882   -19.66154 1.000 116.50966 ? 54  ALA A CB  1 
ATOM   412 N  N   . SER A 1 55  ? -13.31167 6.87269   -17.30934 1.000 108.23173 ? 55  SER A N   1 
ATOM   413 C  CA  . SER A 1 55  ? -12.60040 8.14309   -17.25428 1.000 111.51052 ? 55  SER A CA  1 
ATOM   414 C  C   . SER A 1 55  ? -11.11417 7.89271   -17.02099 1.000 98.19927  ? 55  SER A C   1 
ATOM   415 O  O   . SER A 1 55  ? -10.75557 7.11010   -16.13272 1.000 90.12669  ? 55  SER A O   1 
ATOM   416 C  CB  . SER A 1 55  ? -13.16866 9.02374   -16.14480 1.000 115.32304 ? 55  SER A CB  1 
ATOM   417 O  OG  . SER A 1 55  ? -12.48891 10.26449  -16.07504 1.000 117.70058 ? 55  SER A OG  1 
ATOM   418 N  N   . PRO A 1 56  ? -10.22631 8.52361   -17.79399 1.000 111.55499 ? 56  PRO A N   1 
ATOM   419 C  CA  . PRO A 1 56  ? -8.78688  8.31127   -17.57565 1.000 103.91605 ? 56  PRO A CA  1 
ATOM   420 C  C   . PRO A 1 56  ? -8.31947  8.68298   -16.17772 1.000 100.44892 ? 56  PRO A C   1 
ATOM   421 O  O   . PRO A 1 56  ? -7.32723  8.12141   -15.70631 1.000 93.21374  ? 56  PRO A O   1 
ATOM   422 C  CB  . PRO A 1 56  ? -8.14031  9.19856   -18.64763 1.000 109.19700 ? 56  PRO A CB  1 
ATOM   423 C  CG  . PRO A 1 56  ? -9.17984  9.32084   -19.70736 1.000 119.81077 ? 56  PRO A CG  1 
ATOM   424 C  CD  . PRO A 1 56  ? -10.48900 9.35754   -18.97842 1.000 121.00176 ? 56  PRO A CD  1 
ATOM   425 N  N   . GLU A 1 57  ? -8.99882  9.60980   -15.49873 1.000 102.74905 ? 57  GLU A N   1 
ATOM   426 C  CA  . GLU A 1 57  ? -8.68242  9.89325   -14.10052 1.000 98.67375  ? 57  GLU A CA  1 
ATOM   427 C  C   . GLU A 1 57  ? -8.91732  8.65650   -13.24000 1.000 92.90829  ? 57  GLU A C   1 
ATOM   428 O  O   . GLU A 1 57  ? -8.05988  8.25043   -12.44121 1.000 90.61753  ? 57  GLU A O   1 
ATOM   429 C  CB  . GLU A 1 57  ? -9.54083  11.06542  -13.61359 1.000 107.33128 ? 57  GLU A CB  1 
ATOM   430 C  CG  . GLU A 1 57  ? -8.84587  12.04128  -12.67499 1.000 107.11278 ? 57  GLU A CG  1 
ATOM   431 C  CD  . GLU A 1 57  ? -9.69960  13.26080  -12.37331 1.000 113.85046 ? 57  GLU A CD  1 
ATOM   432 O  OE1 . GLU A 1 57  ? -10.51529 13.20569  -11.42965 1.000 118.68389 ? 57  GLU A OE1 1 
ATOM   433 O  OE2 . GLU A 1 57  ? -9.55926  14.27547  -13.08613 1.000 124.09264 ? 57  GLU A OE2 1 
ATOM   434 N  N   . MET A 1 58  ? -10.08463 8.03684   -13.40998 1.000 94.92593  ? 58  MET A N   1 
ATOM   435 C  CA  . MET A 1 58  ? -10.41278 6.82012   -12.67787 1.000 96.85591  ? 58  MET A CA  1 
ATOM   436 C  C   . MET A 1 58  ? -9.45178  5.68863   -13.01198 1.000 81.82948  ? 58  MET A C   1 
ATOM   437 O  O   . MET A 1 58  ? -9.05009  4.92148   -12.12865 1.000 75.45771  ? 58  MET A O   1 
ATOM   438 C  CB  . MET A 1 58  ? -11.84553 6.40264   -12.99697 1.000 94.95764  ? 58  MET A CB  1 
ATOM   439 C  CG  . MET A 1 58  ? -12.86036 6.89227   -12.00358 1.000 107.22571 ? 58  MET A CG  1 
ATOM   440 S  SD  . MET A 1 58  ? -12.70769 5.97366   -10.46859 1.000 110.56713 ? 58  MET A SD  1 
ATOM   441 C  CE  . MET A 1 58  ? -12.86078 4.29796   -11.08654 1.000 111.11804 ? 58  MET A CE  1 
ATOM   442 N  N   . ILE A 1 59  ? -9.08944  5.55183   -14.28751 1.000 83.72239  ? 59  ILE A N   1 
ATOM   443 C  CA  . ILE A 1 59  ? -8.16576  4.48854   -14.66146 1.000 95.97751  ? 59  ILE A CA  1 
ATOM   444 C  C   . ILE A 1 59  ? -6.78134  4.75387   -14.08647 1.000 82.21905  ? 59  ILE A C   1 
ATOM   445 O  O   . ILE A 1 59  ? -6.07152  3.81645   -13.70172 1.000 80.99448  ? 59  ILE A O   1 
ATOM   446 C  CB  . ILE A 1 59  ? -8.12214  4.33068   -16.18953 1.000 89.47644  ? 59  ILE A CB  1 
ATOM   447 C  CG1 . ILE A 1 59  ? -9.54665  4.26901   -16.74986 1.000 89.54645  ? 59  ILE A CG1 1 
ATOM   448 C  CG2 . ILE A 1 59  ? -7.31171  3.10100   -16.56032 1.000 86.61088  ? 59  ILE A CG2 1 
ATOM   449 C  CD1 . ILE A 1 59  ? -9.89949  2.97733   -17.45417 1.000 90.34839  ? 59  ILE A CD1 1 
ATOM   450 N  N   . ASP A 1 60  ? -6.36779  6.02227   -14.03652 1.000 87.75752  ? 60  ASP A N   1 
ATOM   451 C  CA  . ASP A 1 60  ? -5.14158  6.38360   -13.33750 1.000 89.63042  ? 60  ASP A CA  1 
ATOM   452 C  C   . ASP A 1 60  ? -5.18277  5.90152   -11.90144 1.000 66.53974  ? 60  ASP A C   1 
ATOM   453 O  O   . ASP A 1 60  ? -4.23962  5.25971   -11.42098 1.000 70.61117  ? 60  ASP A O   1 
ATOM   454 C  CB  . ASP A 1 60  ? -4.93642  7.89544   -13.37022 1.000 76.42642  ? 60  ASP A CB  1 
ATOM   455 C  CG  . ASP A 1 60  ? -4.38184  8.37126   -14.67797 1.000 86.08328  ? 60  ASP A CG  1 
ATOM   456 O  OD1 . ASP A 1 60  ? -4.52398  9.57470   -14.97331 1.000 89.21140  ? 60  ASP A OD1 1 
ATOM   457 O  OD2 . ASP A 1 60  ? -3.81681  7.53585   -15.41213 1.000 92.89105  ? 60  ASP A OD2 1 
ATOM   458 N  N   . PHE A 1 61  ? -6.27127  6.22034   -11.19611 1.000 68.73641  ? 61  PHE A N   1 
ATOM   459 C  CA  . PHE A 1 61  ? -6.41126  5.76862   -9.81495  1.000 65.54932  ? 61  PHE A CA  1 
ATOM   460 C  C   . PHE A 1 61  ? -6.31139  4.25005   -9.72202  1.000 62.20327  ? 61  PHE A C   1 
ATOM   461 O  O   . PHE A 1 61  ? -5.61729  3.71038   -8.84960  1.000 68.29335  ? 61  PHE A O   1 
ATOM   462 C  CB  . PHE A 1 61  ? -7.73590  6.24935   -9.22630  1.000 69.23548  ? 61  PHE A CB  1 
ATOM   463 C  CG  . PHE A 1 61  ? -8.15178  5.48902   -8.00528  1.000 65.80096  ? 61  PHE A CG  1 
ATOM   464 C  CD1 . PHE A 1 61  ? -7.50015  5.68439   -6.79820  1.000 68.43219  ? 61  PHE A CD1 1 
ATOM   465 C  CD2 . PHE A 1 61  ? -9.17792  4.56227   -8.06483  1.000 69.54799  ? 61  PHE A CD2 1 
ATOM   466 C  CE1 . PHE A 1 61  ? -7.86999  4.97443   -5.67029  1.000 60.24368  ? 61  PHE A CE1 1 
ATOM   467 C  CE2 . PHE A 1 61  ? -9.55306  3.84957   -6.93884  1.000 71.24254  ? 61  PHE A CE2 1 
ATOM   468 C  CZ  . PHE A 1 61  ? -8.90078  4.05925   -5.74102  1.000 60.67318  ? 61  PHE A CZ  1 
ATOM   469 N  N   . ARG A 1 62  ? -6.99189  3.54567   -10.62933 1.000 62.65579  ? 62  ARG A N   1 
ATOM   470 C  CA  . ARG A 1 62  ? -7.05243  2.08841   -10.55561 1.000 59.96201  ? 62  ARG A CA  1 
ATOM   471 C  C   . ARG A 1 62  ? -5.67779  1.46448   -10.75920 1.000 55.19814  ? 62  ARG A C   1 
ATOM   472 O  O   . ARG A 1 62  ? -5.26556  0.57415   -10.00423 1.000 56.86492  ? 62  ARG A O   1 
ATOM   473 C  CB  . ARG A 1 62  ? -8.04056  1.54922   -11.59044 1.000 68.39513  ? 62  ARG A CB  1 
ATOM   474 C  CG  . ARG A 1 62  ? -9.49906  1.88079   -11.30153 1.000 81.64396  ? 62  ARG A CG  1 
ATOM   475 C  CD  . ARG A 1 62  ? -9.93435  1.39333   -9.92680  1.000 80.99801  ? 62  ARG A CD  1 
ATOM   476 N  NE  . ARG A 1 62  ? -11.28048 1.85618   -9.59014  1.000 98.28620  ? 62  ARG A NE  1 
ATOM   477 C  CZ  . ARG A 1 62  ? -11.87329 1.66100   -8.41583  1.000 93.02152  ? 62  ARG A CZ  1 
ATOM   478 N  NH1 . ARG A 1 62  ? -11.24327 1.00606   -7.45077  1.000 86.46045  ? 62  ARG A NH1 1 
ATOM   479 N  NH2 . ARG A 1 62  ? -13.09704 2.12580   -8.20446  1.000 99.28321  ? 62  ARG A NH2 1 
ATOM   480 N  N   . VAL A 1 63  ? -4.94921  1.91523   -11.78019 1.000 68.62175  ? 63  VAL A N   1 
ATOM   481 C  CA  . VAL A 1 63  ? -3.64938  1.30876   -12.03992 1.000 62.98325  ? 63  VAL A CA  1 
ATOM   482 C  C   . VAL A 1 63  ? -2.64889  1.70700   -10.96427 1.000 61.16894  ? 63  VAL A C   1 
ATOM   483 O  O   . VAL A 1 63  ? -1.76855  0.91484   -10.61487 1.000 58.65517  ? 63  VAL A O   1 
ATOM   484 C  CB  . VAL A 1 63  ? -3.14896  1.65848   -13.45351 1.000 72.49912  ? 63  VAL A CB  1 
ATOM   485 C  CG1 . VAL A 1 63  ? -4.08466  1.07162   -14.50531 1.000 71.50491  ? 63  VAL A CG1 1 
ATOM   486 C  CG2 . VAL A 1 63  ? -3.02750  3.15564   -13.61398 1.000 83.17241  ? 63  VAL A CG2 1 
ATOM   487 N  N   . GLY A 1 64  ? -2.77303  2.91124   -10.39618 1.000 50.56378  ? 64  GLY A N   1 
ATOM   488 C  CA  . GLY A 1 64  ? -1.92897  3.26259   -9.26492  1.000 56.37344  ? 64  GLY A CA  1 
ATOM   489 C  C   . GLY A 1 64  ? -2.16687  2.37130   -8.05946  1.000 44.68028  ? 64  GLY A C   1 
ATOM   490 O  O   . GLY A 1 64  ? -1.22055  1.96999   -7.37244  1.000 46.95918  ? 64  GLY A O   1 
ATOM   491 N  N   . PHE A 1 65  ? -3.43204  2.04281   -7.78961  1.000 45.14886  ? 65  PHE A N   1 
ATOM   492 C  CA  . PHE A 1 65  ? -3.74390  1.15869   -6.66698  1.000 45.45939  ? 65  PHE A CA  1 
ATOM   493 C  C   . PHE A 1 65  ? -3.23122  -0.25604  -6.92066  1.000 48.56360  ? 65  PHE A C   1 
ATOM   494 O  O   . PHE A 1 65  ? -2.70888  -0.91718  -6.00524  1.000 50.95829  ? 65  PHE A O   1 
ATOM   495 C  CB  . PHE A 1 65  ? -5.25328  1.14978   -6.41082  1.000 46.82803  ? 65  PHE A CB  1 
ATOM   496 C  CG  . PHE A 1 65  ? -5.63413  0.61961   -5.05603  1.000 48.38914  ? 65  PHE A CG  1 
ATOM   497 C  CD1 . PHE A 1 65  ? -6.02777  -0.69933  -4.89399  1.000 48.80081  ? 65  PHE A CD1 1 
ATOM   498 C  CD2 . PHE A 1 65  ? -5.58273  1.44059   -3.94097  1.000 43.67591  ? 65  PHE A CD2 1 
ATOM   499 C  CE1 . PHE A 1 65  ? -6.37064  -1.18665  -3.64140  1.000 51.62489  ? 65  PHE A CE1 1 
ATOM   500 C  CE2 . PHE A 1 65  ? -5.92394  0.96215   -2.69055  1.000 44.40230  ? 65  PHE A CE2 1 
ATOM   501 C  CZ  . PHE A 1 65  ? -6.32156  -0.35031  -2.53924  1.000 45.89788  ? 65  PHE A CZ  1 
ATOM   502 N  N   . GLU A 1 66  ? -3.37367  -0.73559  -8.16047  1.000 40.46960  ? 66  GLU A N   1 
ATOM   503 C  CA  . GLU A 1 66  ? -2.76984  -2.01147  -8.52997  1.000 52.44305  ? 66  GLU A CA  1 
ATOM   504 C  C   . GLU A 1 66  ? -1.25576  -1.98141  -8.33393  1.000 44.32332  ? 66  GLU A C   1 
ATOM   505 O  O   . GLU A 1 66  ? -0.65903  -2.97340  -7.89636  1.000 48.31702  ? 66  GLU A O   1 
ATOM   506 C  CB  . GLU A 1 66  ? -3.12150  -2.35715  -9.97688  1.000 64.31676  ? 66  GLU A CB  1 
ATOM   507 C  CG  . GLU A 1 66  ? -3.00560  -3.83700  -10.30960 1.000 84.59696  ? 66  GLU A CG  1 
ATOM   508 C  CD  . GLU A 1 66  ? -3.36649  -4.14480  -11.75168 1.000 105.10390 ? 66  GLU A CD  1 
ATOM   509 O  OE1 . GLU A 1 66  ? -2.44443  -4.38367  -12.56103 1.000 113.70822 ? 66  GLU A OE1 1 
ATOM   510 O  OE2 . GLU A 1 66  ? -4.57270  -4.13865  -12.07824 1.000 115.12361 ? 66  GLU A OE2 1 
ATOM   511 N  N   . GLU A 1 67  ? -0.61844  -0.85470  -8.66709  1.000 47.15963  ? 67  GLU A N   1 
ATOM   512 C  CA  . GLU A 1 67  ? 0.81944   -0.70505  -8.45500  1.000 44.89602  ? 67  GLU A CA  1 
ATOM   513 C  C   . GLU A 1 67  ? 1.17013   -0.85314  -6.98625  1.000 44.47874  ? 67  GLU A C   1 
ATOM   514 O  O   . GLU A 1 67  ? 2.16097   -1.50447  -6.63185  1.000 40.12463  ? 67  GLU A O   1 
ATOM   515 C  CB  . GLU A 1 67  ? 1.28487   0.66442   -8.94253  1.000 49.74328  ? 67  GLU A CB  1 
ATOM   516 C  CG  . GLU A 1 67  ? 1.88038   0.71648   -10.32407 1.000 63.55044  ? 67  GLU A CG  1 
ATOM   517 C  CD  . GLU A 1 67  ? 2.35150   2.11687   -10.66415 1.000 71.64060  ? 67  GLU A CD  1 
ATOM   518 O  OE1 . GLU A 1 67  ? 2.84174   2.81646   -9.74772  1.000 67.27450  ? 67  GLU A OE1 1 
ATOM   519 O  OE2 . GLU A 1 67  ? 2.20811   2.52353   -11.83689 1.000 79.29218  ? 67  GLU A OE2 1 
ATOM   520 N  N   . LEU A 1 68  ? 0.39802   -0.18978  -6.12175  1.000 45.41442  ? 68  LEU A N   1 
ATOM   521 C  CA  . LEU A 1 68  ? 0.55761   -0.38444  -4.68499  1.000 46.76688  ? 68  LEU A CA  1 
ATOM   522 C  C   . LEU A 1 68  ? 0.55499   -1.86627  -4.33875  1.000 40.68710  ? 68  LEU A C   1 
ATOM   523 O  O   . LEU A 1 68  ? 1.48474   -2.36449  -3.69293  1.000 36.12700  ? 68  LEU A O   1 
ATOM   524 C  CB  . LEU A 1 68  ? -0.55122  0.33869   -3.91678  1.000 49.90381  ? 68  LEU A CB  1 
ATOM   525 C  CG  . LEU A 1 68  ? -0.50299  1.86431   -3.84787  1.000 65.98675  ? 68  LEU A CG  1 
ATOM   526 C  CD1 . LEU A 1 68  ? -1.52377  2.38981   -2.84379  1.000 51.41152  ? 68  LEU A CD1 1 
ATOM   527 C  CD2 . LEU A 1 68  ? 0.89167   2.32831   -3.48906  1.000 74.35072  ? 68  LEU A CD2 1 
ATOM   528 N  N   . ALA A 1 69  ? -0.49550  -2.58162  -4.76022  1.000 34.19750  ? 69  ALA A N   1 
ATOM   529 C  CA  . ALA A 1 69  ? -0.62967  -3.99048  -4.38416  1.000 41.81697  ? 69  ALA A CA  1 
ATOM   530 C  C   . ALA A 1 69  ? 0.55218   -4.82174  -4.87868  1.000 41.62768  ? 69  ALA A C   1 
ATOM   531 O  O   . ALA A 1 69  ? 1.07283   -5.67855  -4.15116  1.000 40.20277  ? 69  ALA A O   1 
ATOM   532 C  CB  . ALA A 1 69  ? -1.94294  -4.55228  -4.92238  1.000 36.68218  ? 69  ALA A CB  1 
ATOM   533 N  N   . THR A 1 70  ? 0.99390   -4.57062  -6.11191  1.000 44.21122  ? 70  THR A N   1 
ATOM   534 C  CA  . THR A 1 70  ? 2.10012   -5.32327  -6.69667  1.000 37.95962  ? 70  THR A CA  1 
ATOM   535 C  C   . THR A 1 70  ? 3.40466   -5.07666  -5.94265  1.000 43.81914  ? 70  THR A C   1 
ATOM   536 O  O   . THR A 1 70  ? 4.17988   -6.01548  -5.68318  1.000 47.29769  ? 70  THR A O   1 
ATOM   537 C  CB  . THR A 1 70  ? 2.24429   -4.93416  -8.16954  1.000 48.56681  ? 70  THR A CB  1 
ATOM   538 O  OG1 . THR A 1 70  ? 1.02775   -5.23827  -8.86895  1.000 46.15917  ? 70  THR A OG1 1 
ATOM   539 C  CG2 . THR A 1 70  ? 3.40886   -5.66260  -8.81874  1.000 46.53156  ? 70  THR A CG2 1 
ATOM   540 N  N   . GLU A 1 71  ? 3.66991   -3.81307  -5.58977  1.000 43.33000  ? 71  GLU A N   1 
ATOM   541 C  CA  . GLU A 1 71  ? 4.88507   -3.49448  -4.84584  1.000 37.85714  ? 71  GLU A CA  1 
ATOM   542 C  C   . GLU A 1 71  ? 4.84089   -4.10560  -3.45067  1.000 36.16508  ? 71  GLU A C   1 
ATOM   543 O  O   . GLU A 1 71  ? 5.86637   -4.55740  -2.91795  1.000 38.12684  ? 71  GLU A O   1 
ATOM   544 C  CB  . GLU A 1 71  ? 5.05758   -1.98242  -4.77044  1.000 37.81990  ? 71  GLU A CB  1 
ATOM   545 C  CG  . GLU A 1 71  ? 6.44220   -1.52587  -4.39280  1.000 61.17895  ? 71  GLU A CG  1 
ATOM   546 C  CD  . GLU A 1 71  ? 6.66028   -0.05749  -4.70245  1.000 64.82763  ? 71  GLU A CD  1 
ATOM   547 O  OE1 . GLU A 1 71  ? 5.83691   0.51839   -5.44785  1.000 65.68904  ? 71  GLU A OE1 1 
ATOM   548 O  OE2 . GLU A 1 71  ? 7.64958   0.51944   -4.20237  1.000 70.90647  ? 71  GLU A OE2 1 
ATOM   549 N  N   . ILE A 1 72  ? 3.65001   -4.14903  -2.85008  1.000 36.49828  ? 72  ILE A N   1 
ATOM   550 C  CA  . ILE A 1 72  ? 3.50191   -4.83764  -1.57256  1.000 35.77229  ? 72  ILE A CA  1 
ATOM   551 C  C   . ILE A 1 72  ? 3.86078   -6.30395  -1.72725  1.000 34.55167  ? 72  ILE A C   1 
ATOM   552 O  O   . ILE A 1 72  ? 4.56499   -6.87256  -0.89020  1.000 37.58236  ? 72  ILE A O   1 
ATOM   553 C  CB  . ILE A 1 72  ? 2.07573   -4.66329  -1.02020  1.000 47.03290  ? 72  ILE A CB  1 
ATOM   554 C  CG1 . ILE A 1 72  ? 1.82038   -3.20892  -0.64728  1.000 32.80150  ? 72  ILE A CG1 1 
ATOM   555 C  CG2 . ILE A 1 72  ? 1.86769   -5.55212  0.19398   1.000 50.60336  ? 72  ILE A CG2 1 
ATOM   556 C  CD1 . ILE A 1 72  ? 0.39484   -2.95465  -0.24281  1.000 32.24819  ? 72  ILE A CD1 1 
ATOM   557 N  N   . GLY A 1 73  ? 3.37244   -6.93852  -2.79442  1.000 39.02730  ? 73  GLY A N   1 
ATOM   558 C  CA  . GLY A 1 73  ? 3.67657   -8.34593  -3.01069  1.000 48.57521  ? 73  GLY A CA  1 
ATOM   559 C  C   . GLY A 1 73  ? 5.16359   -8.60801  -3.15909  1.000 48.43116  ? 73  GLY A C   1 
ATOM   560 O  O   . GLY A 1 73  ? 5.68958   -9.59308  -2.62823  1.000 50.79078  ? 73  GLY A O   1 
ATOM   561 N  N   . LYS A 1 74  ? 5.86276   -7.72940  -3.88177  1.000 42.54941  ? 74  LYS A N   1 
ATOM   562 C  CA  . LYS A 1 74  ? 7.30976   -7.88377  -4.02305  1.000 50.79354  ? 74  LYS A CA  1 
ATOM   563 C  C   . LYS A 1 74  ? 8.00443   -7.78353  -2.66692  1.000 52.19760  ? 74  LYS A C   1 
ATOM   564 O  O   . LYS A 1 74  ? 8.88960   -8.58906  -2.33979  1.000 54.43922  ? 74  LYS A O   1 
ATOM   565 C  CB  . LYS A 1 74  ? 7.85985   -6.83564  -4.99170  1.000 59.92728  ? 74  LYS A CB  1 
ATOM   566 C  CG  . LYS A 1 74  ? 7.32486   -6.94711  -6.41336  1.000 69.82038  ? 74  LYS A CG  1 
ATOM   567 C  CD  . LYS A 1 74  ? 7.88089   -5.83473  -7.29824  1.000 75.12460  ? 74  LYS A CD  1 
ATOM   568 C  CE  . LYS A 1 74  ? 7.38955   -5.95275  -8.73686  1.000 77.37065  ? 74  LYS A CE  1 
ATOM   569 N  NZ  . LYS A 1 74  ? 7.94464   -4.87587  -9.60455  1.000 69.75705  ? 74  LYS A NZ  1 
ATOM   570 N  N   . ALA A 1 75  ? 7.61141   -6.79707  -1.85431  1.000 52.02743  ? 75  ALA A N   1 
ATOM   571 C  CA  . ALA A 1 75  ? 8.19943   -6.70202  -0.51935  1.000 49.69784  ? 75  ALA A CA  1 
ATOM   572 C  C   . ALA A 1 75  ? 7.86908   -7.93076  0.32735   1.000 46.75445  ? 75  ALA A C   1 
ATOM   573 O  O   . ALA A 1 75  ? 8.69741   -8.37066  1.13378   1.000 53.21099  ? 75  ALA A O   1 
ATOM   574 C  CB  . ALA A 1 75  ? 7.73778   -5.42135  0.17433   1.000 44.20918  ? 75  ALA A CB  1 
ATOM   575 N  N   . ILE A 1 76  ? 6.67969   -8.50696  0.14317   1.000 46.85632  ? 76  ILE A N   1 
ATOM   576 C  CA  . ILE A 1 76  ? 6.29343   -9.69087  0.90571   1.000 43.89592  ? 76  ILE A CA  1 
ATOM   577 C  C   . ILE A 1 76  ? 7.18128   -10.87072 0.54142   1.000 55.89390  ? 76  ILE A C   1 
ATOM   578 O  O   . ILE A 1 76  ? 7.60437   -11.64408 1.41061   1.000 51.31689  ? 76  ILE A O   1 
ATOM   579 C  CB  . ILE A 1 76  ? 4.81096   -10.02376 0.66885   1.000 45.44754  ? 76  ILE A CB  1 
ATOM   580 C  CG1 . ILE A 1 76  ? 3.90403   -9.02317  1.38196   1.000 37.84988  ? 76  ILE A CG1 1 
ATOM   581 C  CG2 . ILE A 1 76  ? 4.50001   -11.45001 1.12474   1.000 49.61937  ? 76  ILE A CG2 1 
ATOM   582 C  CD1 . ILE A 1 76  ? 2.44255   -9.25360  1.08492   1.000 35.19014  ? 76  ILE A CD1 1 
ATOM   583 N  N   . LYS A 1 77  ? 7.45711   -11.04247 -0.75241  1.000 48.20426  ? 77  LYS A N   1 
ATOM   584 C  CA  . LYS A 1 77  ? 8.36171   -12.11012 -1.15849  1.000 52.99666  ? 77  LYS A CA  1 
ATOM   585 C  C   . LYS A 1 77  ? 9.75625   -11.88495 -0.59358  1.000 69.13983  ? 77  LYS A C   1 
ATOM   586 O  O   . LYS A 1 77  ? 10.41720  -12.83821 -0.16565  1.000 74.63959  ? 77  LYS A O   1 
ATOM   587 C  CB  . LYS A 1 77  ? 8.42439   -12.24171 -2.68011  1.000 53.10575  ? 77  LYS A CB  1 
ATOM   588 C  CG  . LYS A 1 77  ? 9.46962   -13.25921 -3.12877  1.000 72.96699  ? 77  LYS A CG  1 
ATOM   589 C  CD  . LYS A 1 77  ? 9.13820   -13.87635 -4.47537  1.000 78.52248  ? 77  LYS A CD  1 
ATOM   590 C  CE  . LYS A 1 77  ? 9.55609   -15.33991 -4.52960  1.000 82.11581  ? 77  LYS A CE  1 
ATOM   591 N  NZ  . LYS A 1 77  ? 8.98968   -16.03054 -5.72416  1.000 80.03989  ? 77  LYS A NZ  1 
ATOM   592 N  N   . LEU A 1 78  ? 10.22502  -10.63189 -0.58214  1.000 68.46689  ? 78  LEU A N   1 
ATOM   593 C  CA  . LEU A 1 78  ? 11.51382  -10.35743 0.05344   1.000 63.27550  ? 78  LEU A CA  1 
ATOM   594 C  C   . LEU A 1 78  ? 11.49488  -10.75892 1.52488   1.000 65.34802  ? 78  LEU A C   1 
ATOM   595 O  O   . LEU A 1 78  ? 12.44448  -11.37541 2.02259   1.000 79.27112  ? 78  LEU A O   1 
ATOM   596 C  CB  . LEU A 1 78  ? 11.88862  -8.87968  -0.08405  1.000 66.36628  ? 78  LEU A CB  1 
ATOM   597 C  CG  . LEU A 1 78  ? 12.27219  -8.38751  -1.48102  1.000 75.05111  ? 78  LEU A CG  1 
ATOM   598 C  CD1 . LEU A 1 78  ? 12.92056  -7.01175  -1.40307  1.000 78.69554  ? 78  LEU A CD1 1 
ATOM   599 C  CD2 . LEU A 1 78  ? 13.18787  -9.38406  -2.16184  1.000 79.12605  ? 78  LEU A CD2 1 
ATOM   600 N  N   . ALA A 1 79  ? 10.42197  -10.41793 2.24001   1.000 65.82380  ? 79  ALA A N   1 
ATOM   601 C  CA  . ALA A 1 79  ? 10.33309  -10.76819 3.65240   1.000 69.21020  ? 79  ALA A CA  1 
ATOM   602 C  C   . ALA A 1 79  ? 10.09616  -12.25454 3.87134   1.000 80.43969  ? 79  ALA A C   1 
ATOM   603 O  O   . ALA A 1 79  ? 10.23654  -12.72486 5.00502   1.000 88.50560  ? 79  ALA A O   1 
ATOM   604 C  CB  . ALA A 1 79  ? 9.22513   -9.96232  4.33091   1.000 69.34647  ? 79  ALA A CB  1 
ATOM   605 N  N   . ALA A 1 80  ? 9.73172   -12.99561 2.82627   1.000 63.76538  ? 80  ALA A N   1 
ATOM   606 C  CA  . ALA A 1 80  ? 9.52629   -14.43209 2.93825   1.000 66.45797  ? 80  ALA A CA  1 
ATOM   607 C  C   . ALA A 1 80  ? 10.81546  -15.21499 2.71976   1.000 82.66333  ? 80  ALA A C   1 
ATOM   608 O  O   . ALA A 1 80  ? 11.06407  -16.20070 3.42195   1.000 88.87050  ? 80  ALA A O   1 
ATOM   609 C  CB  . ALA A 1 80  ? 8.45713   -14.88586 1.94394   1.000 61.99652  ? 80  ALA A CB  1 
ATOM   610 N  N   . LEU A 1 81  ? 11.65634  -14.78380 1.76881   1.000 81.07017  ? 81  LEU A N   1 
ATOM   611 C  CA  . LEU A 1 81  ? 12.93806  -15.44175 1.50560   1.000 86.48499  ? 81  LEU A CA  1 
ATOM   612 C  C   . LEU A 1 81  ? 13.97462  -15.21929 2.60750   1.000 98.81383  ? 81  LEU A C   1 
ATOM   613 O  O   . LEU A 1 81  ? 15.14489  -15.56596 2.40943   1.000 98.34788  ? 81  LEU A O   1 
ATOM   614 C  CB  . LEU A 1 81  ? 13.50077  -14.97209 0.16325   1.000 87.27959  ? 81  LEU A CB  1 
ATOM   615 C  CG  . LEU A 1 81  ? 12.78417  -15.44540 -1.10474  1.000 80.82686  ? 81  LEU A CG  1 
ATOM   616 C  CD1 . LEU A 1 81  ? 13.39351  -14.79450 -2.33842  1.000 81.60347  ? 81  LEU A CD1 1 
ATOM   617 C  CD2 . LEU A 1 81  ? 12.82691  -16.95895 -1.22784  1.000 85.84330  ? 81  LEU A CD2 1 
ATOM   618 N  N   . GLY A 1 82  ? 13.59473  -14.65350 3.75272   1.000 102.07653 ? 82  GLY A N   1 
ATOM   619 C  CA  . GLY A 1 82  ? 14.46441  -14.47452 4.88324   1.000 101.73754 ? 82  GLY A CA  1 
ATOM   620 C  C   . GLY A 1 82  ? 15.03313  -13.07596 5.02828   1.000 106.88572 ? 82  GLY A C   1 
ATOM   621 O  O   . GLY A 1 82  ? 15.31789  -12.65480 6.15036   1.000 114.58117 ? 82  GLY A O   1 
ATOM   622 N  N   . LYS A 1 83  ? 15.19506  -12.34453 3.92582   1.000 103.34558 ? 83  LYS A N   1 
ATOM   623 C  CA  . LYS A 1 83  ? 15.87868  -11.05311 3.93987   1.000 105.34767 ? 83  LYS A CA  1 
ATOM   624 C  C   . LYS A 1 83  ? 15.07449  -9.98173  4.66961   1.000 87.34781  ? 83  LYS A C   1 
ATOM   625 O  O   . LYS A 1 83  ? 14.26116  -9.28773  4.05120   1.000 80.38065  ? 83  LYS A O   1 
ATOM   626 C  CB  . LYS A 1 83  ? 16.16290  -10.60454 2.50375   1.000 102.95648 ? 83  LYS A CB  1 
ATOM   627 C  CG  . LYS A 1 83  ? 16.43655  -11.76094 1.54927   1.000 95.54901  ? 83  LYS A CG  1 
ATOM   628 C  CD  . LYS A 1 83  ? 16.59918  -11.28023 0.11731   1.000 92.44225  ? 83  LYS A CD  1 
ATOM   629 C  CE  . LYS A 1 83  ? 16.79658  -12.45309 -0.83109  1.000 95.75886  ? 83  LYS A CE  1 
ATOM   630 N  NZ  . LYS A 1 83  ? 17.06094  -12.01150 -2.22908  1.000 95.48099  ? 83  LYS A NZ  1 
ATOM   631 N  N   . VAL A 1 84  ? 15.30607  -9.81552  5.97483   1.000 93.92489  ? 84  VAL A N   1 
ATOM   632 C  CA  . VAL A 1 84  ? 14.48749  -8.88235  6.74578   1.000 94.70960  ? 84  VAL A CA  1 
ATOM   633 C  C   . VAL A 1 84  ? 14.84220  -7.42279  6.47107   1.000 98.90114  ? 84  VAL A C   1 
ATOM   634 O  O   . VAL A 1 84  ? 13.98556  -6.54666  6.64537   1.000 96.98556  ? 84  VAL A O   1 
ATOM   635 C  CB  . VAL A 1 84  ? 14.58117  -9.17833  8.25518   1.000 93.47824  ? 84  VAL A CB  1 
ATOM   636 C  CG1 . VAL A 1 84  ? 15.04064  -10.60496 8.49444   1.000 97.67602  ? 84  VAL A CG1 1 
ATOM   637 C  CG2 . VAL A 1 84  ? 15.49699  -8.19524  8.95995   1.000 97.55792  ? 84  VAL A CG2 1 
ATOM   638 N  N   . LYS A 1 85  ? 16.06738  -7.13275  6.02729   1.000 101.72513 ? 85  LYS A N   1 
ATOM   639 C  CA  . LYS A 1 85  ? 16.49703  -5.75407  5.81391   1.000 102.52996 ? 85  LYS A CA  1 
ATOM   640 C  C   . LYS A 1 85  ? 16.28957  -5.29780  4.37258   1.000 95.51196  ? 85  LYS A C   1 
ATOM   641 O  O   . LYS A 1 85  ? 15.95665  -4.12873  4.12734   1.000 84.06079  ? 85  LYS A O   1 
ATOM   642 C  CB  . LYS A 1 85  ? 17.96913  -5.60124  6.20544   1.000 106.50343 ? 85  LYS A CB  1 
ATOM   643 C  CG  . LYS A 1 85  ? 18.26896  -6.00644  7.63964   1.000 110.44247 ? 85  LYS A CG  1 
ATOM   644 C  CD  . LYS A 1 85  ? 19.70329  -5.67079  8.02732   1.000 122.60747 ? 85  LYS A CD  1 
ATOM   645 C  CE  . LYS A 1 85  ? 20.03755  -6.17555  9.42164   1.000 125.97635 ? 85  LYS A CE  1 
ATOM   646 N  NZ  . LYS A 1 85  ? 21.41909  -5.79914  9.83166   1.000 138.30739 ? 85  LYS A NZ  1 
ATOM   647 N  N   . GLU A 1 86  ? 16.49611  -6.19793  3.40850   1.000 89.74637  ? 86  GLU A N   1 
ATOM   648 C  CA  . GLU A 1 86  ? 16.16513  -5.88327  2.02298   1.000 86.37478  ? 86  GLU A CA  1 
ATOM   649 C  C   . GLU A 1 86  ? 14.66374  -5.66562  1.86671   1.000 77.78563  ? 86  GLU A C   1 
ATOM   650 O  O   . GLU A 1 86  ? 14.22092  -4.83350  1.06061   1.000 76.09028  ? 86  GLU A O   1 
ATOM   651 C  CB  . GLU A 1 86  ? 16.65877  -7.01023  1.11270   1.000 90.81838  ? 86  GLU A CB  1 
ATOM   652 C  CG  . GLU A 1 86  ? 16.81243  -6.63899  -0.34888  1.000 91.43264  ? 86  GLU A CG  1 
ATOM   653 C  CD  . GLU A 1 86  ? 17.72859  -7.59739  -1.09108  1.000 104.19464 ? 86  GLU A CD  1 
ATOM   654 O  OE1 . GLU A 1 86  ? 18.57642  -8.24473  -0.43648  1.000 109.06118 ? 86  GLU A OE1 1 
ATOM   655 O  OE2 . GLU A 1 86  ? 17.59992  -7.70615  -2.32886  1.000 103.93497 ? 86  GLU A OE2 1 
ATOM   656 N  N   . ALA A 1 87  ? 13.86572  -6.39215  2.65476   1.000 78.39466  ? 87  ALA A N   1 
ATOM   657 C  CA  . ALA A 1 87  ? 12.42818  -6.15272  2.68124   1.000 75.05176  ? 87  ALA A CA  1 
ATOM   658 C  C   . ALA A 1 87  ? 12.11488  -4.75891  3.20531   1.000 74.30332  ? 87  ALA A C   1 
ATOM   659 O  O   . ALA A 1 87  ? 11.20394  -4.09726  2.70706   1.000 71.62535  ? 87  ALA A O   1 
ATOM   660 C  CB  . ALA A 1 87  ? 11.72813  -7.21333  3.53143   1.000 64.18408  ? 87  ALA A CB  1 
ATOM   661 N  N   . GLN A 1 88  ? 12.86974  -4.28532  4.19930   1.000 77.53278  ? 88  GLN A N   1 
ATOM   662 C  CA  . GLN A 1 88  ? 12.63459  -2.94240  4.72434   1.000 74.78933  ? 88  GLN A CA  1 
ATOM   663 C  C   . GLN A 1 88  ? 13.08058  -1.86171  3.74461   1.000 72.98987  ? 88  GLN A C   1 
ATOM   664 O  O   . GLN A 1 88  ? 12.46845  -0.78889  3.68548   1.000 78.25865  ? 88  GLN A O   1 
ATOM   665 C  CB  . GLN A 1 88  ? 13.34117  -2.77918  6.06829   1.000 85.54325  ? 88  GLN A CB  1 
ATOM   666 C  CG  . GLN A 1 88  ? 12.71338  -3.59960  7.18634   1.000 87.57664  ? 88  GLN A CG  1 
ATOM   667 C  CD  . GLN A 1 88  ? 13.63076  -3.76274  8.38228   1.000 97.15519  ? 88  GLN A CD  1 
ATOM   668 O  OE1 . GLN A 1 88  ? 14.81364  -4.07424  8.23577   1.000 98.68839  ? 88  GLN A OE1 1 
ATOM   669 N  NE2 . GLN A 1 88  ? 13.08783  -3.55356  9.57628   1.000 102.38902 ? 88  GLN A NE2 1 
ATOM   670 N  N   . ALA A 1 89  ? 14.13426  -2.12012  2.96885   1.000 71.90006  ? 89  ALA A N   1 
ATOM   671 C  CA  . ALA A 1 89  ? 14.50674  -1.18582  1.90638   1.000 76.50113  ? 89  ALA A CA  1 
ATOM   672 C  C   . ALA A 1 89  ? 13.40592  -1.09628  0.84965   1.000 76.19422  ? 89  ALA A C   1 
ATOM   673 O  O   . ALA A 1 89  ? 12.98845  0.00472   0.44321   1.000 77.83971  ? 89  ALA A O   1 
ATOM   674 C  CB  . ALA A 1 89  ? 15.83617  -1.60695  1.28047   1.000 81.84124  ? 89  ALA A CB  1 
ATOM   675 N  N   . ALA A 1 90  ? 12.91364  -2.25608  0.39836   1.000 73.97299  ? 90  ALA A N   1 
ATOM   676 C  CA  . ALA A 1 90  ? 11.76427  -2.26276  -0.50149  1.000 63.19104  ? 90  ALA A CA  1 
ATOM   677 C  C   . ALA A 1 90  ? 10.54900  -1.61334  0.14675   1.000 55.11364  ? 90  ALA A C   1 
ATOM   678 O  O   . ALA A 1 90  ? 9.71285   -1.02319  -0.54542  1.000 53.43288  ? 90  ALA A O   1 
ATOM   679 C  CB  . ALA A 1 90  ? 11.43781  -3.69127  -0.93207  1.000 56.72964  ? 90  ALA A CB  1 
ATOM   680 N  N   . ALA A 1 91  ? 10.44537  -1.69309  1.47437   1.000 60.72170  ? 91  ALA A N   1 
ATOM   681 C  CA  . ALA A 1 91  ? 9.32510   -1.08111  2.17677   1.000 65.05891  ? 91  ALA A CA  1 
ATOM   682 C  C   . ALA A 1 91  ? 9.43012   0.43661   2.18779   1.000 71.47698  ? 91  ALA A C   1 
ATOM   683 O  O   . ALA A 1 91  ? 8.41007   1.12164   2.12122   1.000 65.08833  ? 91  ALA A O   1 
ATOM   684 C  CB  . ALA A 1 91  ? 9.24037   -1.61606  3.60693   1.000 62.75756  ? 91  ALA A CB  1 
ATOM   685 N  N   . GLU A 1 92  ? 10.64282  0.98342   2.26986   1.000 69.79435  ? 92  GLU A N   1 
ATOM   686 C  CA  . GLU A 1 92  ? 10.78581  2.43526   2.16117   1.000 67.68207  ? 92  GLU A CA  1 
ATOM   687 C  C   . GLU A 1 92  ? 10.49380  2.91812   0.74006   1.000 74.63855  ? 92  GLU A C   1 
ATOM   688 O  O   . GLU A 1 92  ? 9.88101   3.98014   0.54733   1.000 72.63412  ? 92  GLU A O   1 
ATOM   689 C  CB  . GLU A 1 92  ? 12.17721  2.86630   2.61718   1.000 79.75822  ? 92  GLU A CB  1 
ATOM   690 C  CG  . GLU A 1 92  ? 12.29073  2.97412   4.12812   1.000 96.02057  ? 92  GLU A CG  1 
ATOM   691 C  CD  . GLU A 1 92  ? 13.61713  3.54444   4.58468   1.000 119.56604 ? 92  GLU A CD  1 
ATOM   692 O  OE1 . GLU A 1 92  ? 14.44419  3.90323   3.71970   1.000 126.73101 ? 92  GLU A OE1 1 
ATOM   693 O  OE2 . GLU A 1 92  ? 13.82985  3.63395   5.81292   1.000 128.47408 ? 92  GLU A OE2 1 
ATOM   694 N  N   . GLN A 1 93  ? 10.90690  2.14769   -0.27111  1.000 66.94651  ? 93  GLN A N   1 
ATOM   695 C  CA  . GLN A 1 93  ? 10.49433  2.47838   -1.63744  1.000 66.14116  ? 93  GLN A CA  1 
ATOM   696 C  C   . GLN A 1 93  ? 8.96833   2.44104   -1.76819  1.000 66.65004  ? 93  GLN A C   1 
ATOM   697 O  O   . GLN A 1 93  ? 8.34859   3.32733   -2.38069  1.000 67.88394  ? 93  GLN A O   1 
ATOM   698 C  CB  . GLN A 1 93  ? 11.15701  1.51279   -2.61978  1.000 85.73065  ? 93  GLN A CB  1 
ATOM   699 C  CG  . GLN A 1 93  ? 11.11506  1.94026   -4.07400  1.000 101.53715 ? 93  GLN A CG  1 
ATOM   700 C  CD  . GLN A 1 93  ? 11.75446  0.91240   -4.98800  1.000 111.84377 ? 93  GLN A CD  1 
ATOM   701 O  OE1 . GLN A 1 93  ? 12.25428  -0.11490  -4.52758  1.000 117.14996 ? 93  GLN A OE1 1 
ATOM   702 N  NE2 . GLN A 1 93  ? 11.74009  1.18138   -6.28821  1.000 108.94854 ? 93  GLN A NE2 1 
ATOM   703 N  N   . LEU A 1 94  ? 8.34475   1.42343   -1.17361  1.000 56.14020  ? 94  LEU A N   1 
ATOM   704 C  CA  . LEU A 1 94  ? 6.88966   1.35375   -1.10595  1.000 48.98893  ? 94  LEU A CA  1 
ATOM   705 C  C   . LEU A 1 94  ? 6.30513   2.54784   -0.36872  1.000 58.64363  ? 94  LEU A C   1 
ATOM   706 O  O   . LEU A 1 94  ? 5.20791   2.99721   -0.69777  1.000 49.80725  ? 94  LEU A O   1 
ATOM   707 C  CB  . LEU A 1 94  ? 6.47340   0.05288   -0.42192  1.000 50.30618  ? 94  LEU A CB  1 
ATOM   708 C  CG  . LEU A 1 94  ? 4.99944   -0.28195  -0.20183  1.000 55.95295  ? 94  LEU A CG  1 
ATOM   709 C  CD1 . LEU A 1 94  ? 4.23666   -0.33518  -1.51436  1.000 41.52420  ? 94  LEU A CD1 1 
ATOM   710 C  CD2 . LEU A 1 94  ? 4.89661   -1.61170  0.54231   1.000 55.97900  ? 94  LEU A CD2 1 
ATOM   711 N  N   . LYS A 1 95  ? 7.00792   3.04967   0.64715   1.000 48.64107  ? 95  LYS A N   1 
ATOM   712 C  CA  . LYS A 1 95  ? 6.54983   4.22989   1.37092   1.000 51.90364  ? 95  LYS A CA  1 
ATOM   713 C  C   . LYS A 1 95  ? 6.51622   5.43608   0.45098   1.000 61.69109  ? 95  LYS A C   1 
ATOM   714 O  O   . LYS A 1 95  ? 5.58909   6.24726   0.51384   1.000 54.59367  ? 95  LYS A O   1 
ATOM   715 C  CB  . LYS A 1 95  ? 7.46232   4.49905   2.56891   1.000 65.62283  ? 95  LYS A CB  1 
ATOM   716 C  CG  . LYS A 1 95  ? 6.77067   5.04751   3.81393   1.000 72.96153  ? 95  LYS A CG  1 
ATOM   717 C  CD  . LYS A 1 95  ? 6.31672   6.48154   3.65699   1.000 67.12483  ? 95  LYS A CD  1 
ATOM   718 C  CE  . LYS A 1 95  ? 5.68650   6.99596   4.94253   1.000 78.23092  ? 95  LYS A CE  1 
ATOM   719 N  NZ  . LYS A 1 95  ? 5.19473   8.39535   4.80908   1.000 80.06197  ? 95  LYS A NZ  1 
ATOM   720 N  N   . THR A 1 96  ? 7.53013   5.57096   -0.40313  1.000 66.85490  ? 96  THR A N   1 
ATOM   721 C  CA  . THR A 1 96  ? 7.49374   6.60749   -1.43433  1.000 67.04466  ? 96  THR A CA  1 
ATOM   722 C  C   . THR A 1 96  ? 6.24509   6.46872   -2.30257  1.000 60.25787  ? 96  THR A C   1 
ATOM   723 O  O   . THR A 1 96  ? 5.49942   7.43841   -2.51536  1.000 66.31131  ? 96  THR A O   1 
ATOM   724 C  CB  . THR A 1 96  ? 8.75532   6.53410   -2.29459  1.000 63.11620  ? 96  THR A CB  1 
ATOM   725 O  OG1 . THR A 1 96  ? 9.88144   7.00019   -1.53993  1.000 70.59204  ? 96  THR A OG1 1 
ATOM   726 C  CG2 . THR A 1 96  ? 8.59967   7.37363   -3.54926  1.000 69.02702  ? 96  THR A CG2 1 
ATOM   727 N  N   . THR A 1 97  ? 6.00044   5.25655   -2.80674  1.000 55.05882  ? 97  THR A N   1 
ATOM   728 C  CA  . THR A 1 97  ? 4.84237   5.03744   -3.67764  1.000 47.51643  ? 97  THR A CA  1 
ATOM   729 C  C   . THR A 1 97  ? 3.52804   5.32765   -2.94996  1.000 60.94747  ? 97  THR A C   1 
ATOM   730 O  O   . THR A 1 97  ? 2.60992   5.94599   -3.51289  1.000 61.02764  ? 97  THR A O   1 
ATOM   731 C  CB  . THR A 1 97  ? 4.86206   3.60190   -4.20684  1.000 44.59931  ? 97  THR A CB  1 
ATOM   732 O  OG1 . THR A 1 97  ? 6.14141   3.32860   -4.79802  1.000 60.30555  ? 97  THR A OG1 1 
ATOM   733 C  CG2 . THR A 1 97  ? 3.78097   3.40122   -5.25026  1.000 45.50349  ? 97  THR A CG2 1 
ATOM   734 N  N   . VAL A 1 98  ? 3.42740   4.88649   -1.69467  1.000 50.53520  ? 98  VAL A N   1 
ATOM   735 C  CA  . VAL A 1 98  ? 2.22953   5.08995   -0.89007  1.000 45.98731  ? 98  VAL A CA  1 
ATOM   736 C  C   . VAL A 1 98  ? 2.01155   6.56915   -0.61489  1.000 53.68726  ? 98  VAL A C   1 
ATOM   737 O  O   . VAL A 1 98  ? 0.87958   7.06190   -0.68279  1.000 55.43872  ? 98  VAL A O   1 
ATOM   738 C  CB  . VAL A 1 98  ? 2.33285   4.28135   0.41838   1.000 45.97071  ? 98  VAL A CB  1 
ATOM   739 C  CG1 . VAL A 1 98  ? 1.40284   4.84660   1.48134   1.000 46.70520  ? 98  VAL A CG1 1 
ATOM   740 C  CG2 . VAL A 1 98  ? 2.02305   2.81600   0.16931   1.000 41.28717  ? 98  VAL A CG2 1 
ATOM   741 N  N   . ASN A 1 99  ? 3.08382   7.29454   -0.28057  1.000 57.98949  ? 99  ASN A N   1 
ATOM   742 C  CA  . ASN A 1 99  ? 2.98620   8.73584   -0.08567  1.000 60.98116  ? 99  ASN A CA  1 
ATOM   743 C  C   . ASN A 1 99  ? 2.40155   9.40196   -1.31668  1.000 70.21571  ? 99  ASN A C   1 
ATOM   744 O  O   . ASN A 1 99  ? 1.48107   10.22043  -1.21523  1.000 74.00718  ? 99  ASN A O   1 
ATOM   745 C  CB  . ASN A 1 99  ? 4.36257   9.33043   0.22015   1.000 68.05183  ? 99  ASN A CB  1 
ATOM   746 C  CG  . ASN A 1 99  ? 4.78716   9.13201   1.65734   1.000 71.49641  ? 99  ASN A CG  1 
ATOM   747 O  OD1 . ASN A 1 99  ? 3.95511   8.95816   2.55117   1.000 75.07053  ? 99  ASN A OD1 1 
ATOM   748 N  ND2 . ASN A 1 99  ? 6.09535   9.18677   1.89349   1.000 71.86970  ? 99  ASN A ND2 1 
ATOM   749 N  N   . ALA A 1 100 ? 2.93915   9.07006   -2.49414  1.000 68.04246  ? 100 ALA A N   1 
ATOM   750 C  CA  . ALA A 1 100 ? 2.44813   9.69454   -3.71961  1.000 67.10437  ? 100 ALA A CA  1 
ATOM   751 C  C   . ALA A 1 100 ? 0.96518   9.40393   -3.92538  1.000 62.77278  ? 100 ALA A C   1 
ATOM   752 O  O   . ALA A 1 100 ? 0.15507   10.32433  -4.11496  1.000 68.17500  ? 100 ALA A O   1 
ATOM   753 C  CB  . ALA A 1 100 ? 3.26651   9.21513   -4.91773  1.000 62.69114  ? 100 ALA A CB  1 
ATOM   754 N  N   . HIS A 1 101 ? 0.58747   8.12342   -3.86818  1.000 54.77833  ? 101 HIS A N   1 
ATOM   755 C  CA  . HIS A 1 101 ? -0.80328  7.76160   -4.12866  1.000 57.00265  ? 101 HIS A CA  1 
ATOM   756 C  C   . HIS A 1 101 ? -1.75325  8.38136   -3.11171  1.000 69.83340  ? 101 HIS A C   1 
ATOM   757 O  O   . HIS A 1 101 ? -2.88852  8.72881   -3.45752  1.000 72.87212  ? 101 HIS A O   1 
ATOM   758 C  CB  . HIS A 1 101 ? -0.96680  6.24307   -4.13334  1.000 56.65915  ? 101 HIS A CB  1 
ATOM   759 C  CG  . HIS A 1 101 ? -2.36878  5.78819   -4.40168  1.000 56.57949  ? 101 HIS A CG  1 
ATOM   760 N  ND1 . HIS A 1 101 ? -2.84313  5.55468   -5.67406  1.000 55.37986  ? 101 HIS A ND1 1 
ATOM   761 C  CD2 . HIS A 1 101 ? -3.40034  5.52865   -3.56406  1.000 50.39397  ? 101 HIS A CD2 1 
ATOM   762 C  CE1 . HIS A 1 101 ? -4.10217  5.16112   -5.60924  1.000 51.76030  ? 101 HIS A CE1 1 
ATOM   763 N  NE2 . HIS A 1 101 ? -4.46490  5.13896   -4.34035  1.000 51.41478  ? 101 HIS A NE2 1 
ATOM   764 N  N   . TRP A 1 102 ? -1.32078  8.52406   -1.85698  1.000 73.27688  ? 102 TRP A N   1 
ATOM   765 C  CA  . TRP A 1 102 ? -2.19917  9.09860   -0.84454  1.000 64.93281  ? 102 TRP A CA  1 
ATOM   766 C  C   . TRP A 1 102 ? -2.32374  10.60413  -1.02568  1.000 79.92638  ? 102 TRP A C   1 
ATOM   767 O  O   . TRP A 1 102 ? -3.43439  11.14327  -1.07099  1.000 70.89881  ? 102 TRP A O   1 
ATOM   768 C  CB  . TRP A 1 102 ? -1.68443  8.76305   0.55500   1.000 71.07660  ? 102 TRP A CB  1 
ATOM   769 C  CG  . TRP A 1 102 ? -2.51429  9.35167   1.66824   1.000 85.33706  ? 102 TRP A CG  1 
ATOM   770 C  CD1 . TRP A 1 102 ? -3.84240  9.13139   1.91167   1.000 81.25838  ? 102 TRP A CD1 1 
ATOM   771 C  CD2 . TRP A 1 102 ? -2.06373  10.24541  2.69343   1.000 74.50976  ? 102 TRP A CD2 1 
ATOM   772 N  NE1 . TRP A 1 102 ? -4.24512  9.83830   3.01803   1.000 76.89208  ? 102 TRP A NE1 1 
ATOM   773 C  CE2 . TRP A 1 102 ? -3.17182  10.52783  3.51850   1.000 82.05212  ? 102 TRP A CE2 1 
ATOM   774 C  CE3 . TRP A 1 102 ? -0.83011  10.83169  2.99526   1.000 68.99455  ? 102 TRP A CE3 1 
ATOM   775 C  CZ2 . TRP A 1 102 ? -3.08276  11.37263  4.62349   1.000 95.20838  ? 102 TRP A CZ2 1 
ATOM   776 C  CZ3 . TRP A 1 102 ? -0.74309  11.66758  4.09113   1.000 80.16901  ? 102 TRP A CZ3 1 
ATOM   777 C  CH2 . TRP A 1 102 ? -1.86295  11.93310  4.89136   1.000 92.92414  ? 102 TRP A CH2 1 
ATOM   778 N  N   . GLN A 1 103 ? -1.19131  11.29987  -1.15203  1.000 88.44844  ? 103 GLN A N   1 
ATOM   779 C  CA  . GLN A 1 103 ? -1.21431  12.74775  -1.30306  1.000 94.02935  ? 103 GLN A CA  1 
ATOM   780 C  C   . GLN A 1 103 ? -1.87916  13.17749  -2.60385  1.000 105.21246 ? 103 GLN A C   1 
ATOM   781 O  O   . GLN A 1 103 ? -2.23561  14.35371  -2.74359  1.000 111.04869 ? 103 GLN A O   1 
ATOM   782 C  CB  . GLN A 1 103 ? 0.21050   13.30012  -1.22454  1.000 97.04557  ? 103 GLN A CB  1 
ATOM   783 C  CG  . GLN A 1 103 ? 0.30870   14.72585  -0.70268  1.000 113.32655 ? 103 GLN A CG  1 
ATOM   784 C  CD  . GLN A 1 103 ? 0.27286   15.76278  -1.80812  1.000 126.16505 ? 103 GLN A CD  1 
ATOM   785 O  OE1 . GLN A 1 103 ? 0.38909   15.43252  -2.98796  1.000 137.93427 ? 103 GLN A OE1 1 
ATOM   786 N  NE2 . GLN A 1 103 ? 0.11281   17.02675  -1.43018  1.000 121.91362 ? 103 GLN A NE2 1 
ATOM   787 N  N   . LYS A 1 104 ? -2.06288  12.25786  -3.55736  1.000 96.18890  ? 104 LYS A N   1 
ATOM   788 C  CA  . LYS A 1 104 ? -2.78558  12.63384  -4.76713  1.000 86.73011  ? 104 LYS A CA  1 
ATOM   789 C  C   . LYS A 1 104 ? -4.29005  12.76177  -4.52250  1.000 87.48617  ? 104 LYS A C   1 
ATOM   790 O  O   . LYS A 1 104 ? -4.94530  13.58618  -5.16932  1.000 88.97294  ? 104 LYS A O   1 
ATOM   791 C  CB  . LYS A 1 104 ? -2.50318  11.62699  -5.88122  1.000 76.03600  ? 104 LYS A CB  1 
ATOM   792 C  CG  . LYS A 1 104 ? -2.99540  12.05773  -7.24920  1.000 77.04675  ? 104 LYS A CG  1 
ATOM   793 C  CD  . LYS A 1 104 ? -2.36659  11.20426  -8.34447  1.000 76.68744  ? 104 LYS A CD  1 
ATOM   794 C  CE  . LYS A 1 104 ? -2.77959  11.68734  -9.72860  1.000 94.40642  ? 104 LYS A CE  1 
ATOM   795 N  NZ  . LYS A 1 104 ? -2.13592  10.90601  -10.82699 1.000 88.40027  ? 104 LYS A NZ  1 
ATOM   796 N  N   . TYR A 1 105 ? -4.85872  11.97824  -3.59938  1.000 85.74752  ? 105 TYR A N   1 
ATOM   797 C  CA  . TYR A 1 105 ? -6.30491  12.01062  -3.35813  1.000 89.11394  ? 105 TYR A CA  1 
ATOM   798 C  C   . TYR A 1 105 ? -6.62408  12.00811  -1.86677  1.000 92.23921  ? 105 TYR A C   1 
ATOM   799 O  O   . TYR A 1 105 ? -7.58862  11.37363  -1.42796  1.000 96.89050  ? 105 TYR A O   1 
ATOM   800 C  CB  . TYR A 1 105 ? -7.01387  10.83026  -4.02339  1.000 86.13429  ? 105 TYR A CB  1 
ATOM   801 C  CG  . TYR A 1 105 ? -6.38996  10.32507  -5.30003  1.000 75.69672  ? 105 TYR A CG  1 
ATOM   802 C  CD1 . TYR A 1 105 ? -6.74273  10.86772  -6.52620  1.000 80.36234  ? 105 TYR A CD1 1 
ATOM   803 C  CD2 . TYR A 1 105 ? -5.46679  9.28662   -5.28145  1.000 69.48136  ? 105 TYR A CD2 1 
ATOM   804 C  CE1 . TYR A 1 105 ? -6.18698  10.40314  -7.69864  1.000 78.59168  ? 105 TYR A CE1 1 
ATOM   805 C  CE2 . TYR A 1 105 ? -4.89941  8.81320   -6.45389  1.000 66.75364  ? 105 TYR A CE2 1 
ATOM   806 C  CZ  . TYR A 1 105 ? -5.26708  9.37909   -7.65993  1.000 76.66474  ? 105 TYR A CZ  1 
ATOM   807 O  OH  . TYR A 1 105 ? -4.72040  8.92516   -8.83525  1.000 78.04376  ? 105 TYR A OH  1 
ATOM   808 N  N   . ARG A 1 106 ? -5.83914  12.72670  -1.06273  1.000 100.28327 ? 106 ARG A N   1 
ATOM   809 C  CA  . ARG A 1 106 ? -6.02297  12.65247  0.38549   1.000 100.64060 ? 106 ARG A CA  1 
ATOM   810 C  C   . ARG A 1 106 ? -7.22925  13.46284  0.85266   1.000 111.41153 ? 106 ARG A C   1 
ATOM   811 O  O   . ARG A 1 106 ? -8.05212  12.96788  1.63226   1.000 116.43835 ? 106 ARG A O   1 
ATOM   812 C  CB  . ARG A 1 106 ? -4.75305  13.11365  1.10659   1.000 98.09774  ? 106 ARG A CB  1 
ATOM   813 C  CG  . ARG A 1 106 ? -4.13168  14.38758  0.55841   1.000 108.08863 ? 106 ARG A CG  1 
ATOM   814 C  CD  . ARG A 1 106 ? -2.84806  14.72256  1.30002   1.000 116.62368 ? 106 ARG A CD  1 
ATOM   815 N  NE  . ARG A 1 106 ? -3.07306  14.87692  2.73454   1.000 126.58085 ? 106 ARG A NE  1 
ATOM   816 C  CZ  . ARG A 1 106 ? -2.10639  15.05901  3.62828   1.000 125.71767 ? 106 ARG A CZ  1 
ATOM   817 N  NH1 . ARG A 1 106 ? -0.83943  15.10377  3.23861   1.000 119.60632 ? 106 ARG A NH1 1 
ATOM   818 N  NH2 . ARG A 1 106 ? -2.40617  15.19199  4.91334   1.000 129.79662 ? 106 ARG A NH2 1 
ATOM   819 N  N   . SER A 1 107 ? -7.35014  14.70544  0.39495   1.000 106.89833 ? 107 SER A N   1 
ATOM   820 C  CA  . SER A 1 107 ? -8.40972  15.59275  0.87077   1.000 114.95209 ? 107 SER A CA  1 
ATOM   821 C  C   . SER A 1 107 ? -9.78395  15.15182  0.37676   1.000 116.27815 ? 107 SER A C   1 
ATOM   822 O  O   . SER A 1 107 ? -10.60955 14.67291  1.15649   1.000 112.20771 ? 107 SER A O   1 
ATOM   823 C  CB  . SER A 1 107 ? -8.13335  17.03308  0.43605   1.000 118.04501 ? 107 SER A CB  1 
ATOM   824 O  OG  . SER A 1 107 ? -6.93184  17.51251  1.01311   1.000 120.06156 ? 107 SER A OG  1 
HETATM 825 CO CO  . CO  B 2 .   ? -11.09337 -11.62459 -2.12793  0.33  86.31480  ? 201 CO  A CO  1 
HETATM 826 O  O   . HOH C 3 .   ? -9.65340  12.45297  -1.28405  1.000 99.06632  ? 301 HOH A O   1 
HETATM 827 O  O   . HOH C 3 .   ? 14.05213  -0.12677  9.61403   1.000 79.69162  ? 302 HOH A O   1 
HETATM 828 O  O   . HOH C 3 .   ? -14.61936 -3.79801  2.64659   1.000 60.33870  ? 303 HOH A O   1 
HETATM 829 O  O   . HOH C 3 .   ? 11.40937  -14.46535 6.21074   1.000 97.97112  ? 304 HOH A O   1 
HETATM 830 O  O   . HOH C 3 .   ? -13.58613 5.11026   -0.34253  1.000 73.65019  ? 305 HOH A O   1 
HETATM 831 O  O   . HOH C 3 .   ? 9.29818   -1.59403  -2.93369  1.000 57.89098  ? 306 HOH A O   1 
HETATM 832 O  O   . HOH C 3 .   ? -0.23803  -7.13163  -2.57279  1.000 36.33097  ? 307 HOH A O   1 
HETATM 833 O  O   . HOH C 3 .   ? 8.64705   1.90012   -6.05759  1.000 97.59942  ? 308 HOH A O   1 
HETATM 834 O  O   . HOH C 3 .   ? 2.10095   6.21121   -6.00724  1.000 46.03839  ? 309 HOH A O   1 
HETATM 835 O  O   . HOH C 3 .   ? -19.33806 12.67057  -13.42134 1.000 72.68919  ? 310 HOH A O   1 
HETATM 836 O  O   . HOH C 3 .   ? -14.31158 -3.35675  5.24364   1.000 50.54759  ? 311 HOH A O   1 
HETATM 837 O  O   . HOH C 3 .   ? 8.49829   -3.88758  -3.49310  1.000 46.66346  ? 312 HOH A O   1 
HETATM 838 O  O   . HOH C 3 .   ? -7.18092  -1.34456  -9.24527  1.000 82.43950  ? 313 HOH A O   1 
HETATM 839 O  O   . HOH C 3 .   ? 0.27214   4.71435   -11.77304 1.000 67.07125  ? 314 HOH A O   1 
HETATM 840 O  O   . HOH C 3 .   ? -15.44571 1.29059   1.13517   1.000 66.36150  ? 315 HOH A O   1 
HETATM 841 O  O   . HOH C 3 .   ? 0.76264   4.24026   -7.11457  1.000 51.91485  ? 316 HOH A O   1 
HETATM 842 O  O   . HOH C 3 .   ? -1.13264  6.97293   -7.89212  1.000 50.81652  ? 317 HOH A O   1 
HETATM 843 O  O   . HOH C 3 .   ? -0.96138  6.19377   9.72199   1.000 56.89706  ? 318 HOH A O   1 
HETATM 844 O  O   . HOH C 3 .   ? -1.16998  -7.24537  -7.26596  1.000 54.85847  ? 319 HOH A O   1 
HETATM 845 O  O   . HOH C 3 .   ? -7.27203  -6.17108  -12.48844 1.000 85.99545  ? 320 HOH A O   1 
HETATM 846 O  O   . HOH C 3 .   ? 8.91905   -1.74309  -8.47341  1.000 82.34119  ? 321 HOH A O   1 
HETATM 847 O  O   . HOH C 3 .   ? -10.59364 17.93769  2.50171   1.000 87.45003  ? 322 HOH A O   1 
HETATM 848 O  O   . HOH C 3 .   ? 11.80772  5.19879   -3.88882  1.000 78.93333  ? 323 HOH A O   1 
HETATM 849 O  O   . HOH C 3 .   ? -12.29156 -11.83368 -4.07224  0.33  49.15444  ? 324 HOH A O   1 
HETATM 850 O  O   . HOH C 3 .   ? 9.40718   -3.38029  -12.99743 1.000 68.44268  ? 325 HOH A O   1 
HETATM 851 O  O   . HOH C 3 .   ? -5.47612  -6.86860  -4.58411  1.000 68.58560  ? 326 HOH A O   1 
HETATM 852 O  O   . HOH C 3 .   ? 1.13978   -6.32920  12.53328  1.000 55.30946  ? 327 HOH A O   1 
HETATM 853 O  O   . HOH C 3 .   ? -7.70465  16.44741  -10.13473 1.000 68.27747  ? 328 HOH A O   1 
HETATM 854 O  O   . HOH C 3 .   ? 14.90369  -4.12691  -2.92988  1.000 74.56041  ? 329 HOH A O   1 
HETATM 855 O  O   . HOH C 3 .   ? 5.96660   -2.82807  16.53141  1.000 66.02775  ? 330 HOH A O   1 
HETATM 856 O  O   . HOH C 3 .   ? -11.56973 -3.87160  -10.35700 1.000 72.94478  ? 331 HOH A O   1 
HETATM 857 O  O   . HOH C 3 .   ? 21.95299  -12.05741 1.14600   1.000 80.65712  ? 332 HOH A O   1 
HETATM 858 O  O   . HOH C 3 .   ? -8.86108  17.34243  6.31767   1.000 77.02764  ? 333 HOH A O   1 
HETATM 859 O  O   . HOH C 3 .   ? 0.48037   -10.24715 -14.65873 1.000 78.68158  ? 334 HOH A O   1 
# 
loop_
_atom_site_anisotrop.id 
_atom_site_anisotrop.type_symbol 
_atom_site_anisotrop.pdbx_label_atom_id 
_atom_site_anisotrop.pdbx_label_alt_id 
_atom_site_anisotrop.pdbx_label_comp_id 
_atom_site_anisotrop.pdbx_label_asym_id 
_atom_site_anisotrop.pdbx_label_seq_id 
_atom_site_anisotrop.pdbx_PDB_ins_code 
_atom_site_anisotrop.U[1][1] 
_atom_site_anisotrop.U[2][2] 
_atom_site_anisotrop.U[3][3] 
_atom_site_anisotrop.U[1][2] 
_atom_site_anisotrop.U[1][3] 
_atom_site_anisotrop.U[2][3] 
_atom_site_anisotrop.pdbx_auth_seq_id 
_atom_site_anisotrop.pdbx_auth_comp_id 
_atom_site_anisotrop.pdbx_auth_asym_id 
_atom_site_anisotrop.pdbx_auth_atom_id 
1   N N   . ALA A 1   ? 0.86799 1.20928 1.14587 0.13232  0.50590  0.22188  1   ALA A N   
2   C CA  . ALA A 1   ? 1.03684 1.27107 1.28892 0.18127  0.56776  0.22364  1   ALA A CA  
3   C C   . ALA A 1   ? 0.96004 1.22781 1.31078 0.22910  0.54239  0.26051  1   ALA A C   
4   O O   . ALA A 1   ? 0.77747 1.13730 1.19480 0.22001  0.47083  0.28437  1   ALA A O   
5   C CB  . ALA A 1   ? 1.08040 1.15536 1.17049 0.16443  0.57796  0.19740  1   ALA A CB  
6   N N   . ASP A 2   ? 1.01701 1.18889 1.35592 0.27404  0.60327  0.26328  2   ASP A N   
7   C CA  . ASP A 2   ? 1.06501 1.24727 1.47903 0.31716  0.58911  0.30021  2   ASP A CA  
8   C C   . ASP A 2   ? 0.87544 0.98442 1.22261 0.30997  0.54850  0.29849  2   ASP A C   
9   O O   . ASP A 2   ? 0.88189 0.91099 1.12029 0.28177  0.54563  0.26559  2   ASP A O   
10  C CB  . ASP A 2   ? 1.21617 1.32111 1.64720 0.36628  0.67799  0.30179  2   ASP A CB  
11  C CG  . ASP A 2   ? 1.32684 1.24032 1.60560 0.36204  0.74391  0.25943  2   ASP A CG  
12  O OD1 . ASP A 2   ? 1.29161 1.10080 1.50948 0.37343  0.74368  0.25747  2   ASP A OD1 
13  O OD2 . ASP A 2   ? 1.47885 1.33620 1.68264 0.33904  0.79488  0.22462  2   ASP A OD2 
14  N N   . TRP A 3   ? 0.84045 0.97495 1.24924 0.33289  0.52009  0.33359  3   TRP A N   
15  C CA  . TRP A 3   ? 0.79061 0.87407 1.15530 0.32238  0.48247  0.33187  3   TRP A CA  
16  C C   . TRP A 3   ? 0.92277 0.83527 1.16688 0.33153  0.54187  0.29206  3   TRP A C   
17  O O   . TRP A 3   ? 0.96795 0.82542 1.13261 0.30527  0.51915  0.26259  3   TRP A O   
18  C CB  . TRP A 3   ? 0.79439 0.92001 1.23162 0.34122  0.45840  0.37400  3   TRP A CB  
19  C CG  . TRP A 3   ? 0.82503 0.90904 1.22686 0.32366  0.42364  0.36846  3   TRP A CG  
20  C CD1 . TRP A 3   ? 0.72471 0.87659 1.13939 0.28100  0.34981  0.37295  3   TRP A CD1 
21  C CD2 . TRP A 3   ? 0.93489 0.89144 1.27626 0.34225  0.46399  0.34810  3   TRP A CD2 
22  N NE1 . TRP A 3   ? 0.60032 0.69160 0.98697 0.27403  0.34372  0.35814  3   TRP A NE1 
23  C CE2 . TRP A 3   ? 0.87184 0.84065 1.20947 0.31149  0.40952  0.34057  3   TRP A CE2 
24  C CE3 . TRP A 3   ? 1.00088 0.82226 1.27909 0.37513  0.54061  0.32830  3   TRP A CE3 
25  C CZ2 . TRP A 3   ? 0.93438 0.78727 1.21163 0.31400  0.42255  0.31096  3   TRP A CZ2 
26  C CZ3 . TRP A 3   ? 1.03890 0.73736 1.23953 0.37289  0.55277  0.29972  3   TRP A CZ3 
27  C CH2 . TRP A 3   ? 0.95064 0.66620 1.15262 0.34272  0.49066  0.28997  3   TRP A CH2 
28  N N   . GLU A 4   ? 1.05590 0.87211 1.27372 0.36452  0.61885  0.28614  4   GLU A N   
29  C CA  . GLU A 4   ? 1.29656 0.91882 1.36569 0.36135  0.67371  0.24145  4   GLU A CA  
30  C C   . GLU A 4   ? 1.37243 0.90432 1.29785 0.32016  0.68442  0.19198  4   GLU A C   
31  O O   . GLU A 4   ? 1.31577 0.71980 1.10034 0.29123  0.67145  0.15102  4   GLU A O   
32  C CB  . GLU A 4   ? 1.39165 0.93208 1.46090 0.39762  0.75631  0.24547  4   GLU A CB  
33  C CG  . GLU A 4   ? 1.62438 0.98303 1.56752 0.39487  0.79546  0.21490  4   GLU A CG  
34  C CD  . GLU A 4   ? 1.72724 1.04510 1.71617 0.43970  0.86493  0.23554  4   GLU A CD  
35  O OE1 . GLU A 4   ? 1.57739 1.01548 1.70911 0.47813  0.84551  0.28449  4   GLU A OE1 
36  O OE2 . GLU A 4   ? 1.83438 0.99417 1.70890 0.43330  0.93789  0.20246  4   GLU A OE2 
37  N N   . ALA A 5   ? 1.26523 0.85428 1.20883 0.30950  0.70189  0.19108  5   ALA A N   
38  C CA  . ALA A 5   ? 1.33279 0.83405 1.12220 0.25983  0.70435  0.14839  5   ALA A CA  
39  C C   . ALA A 5   ? 1.34090 0.88119 1.09177 0.22389  0.62462  0.14408  5   ALA A C   
40  O O   . ALA A 5   ? 1.42524 0.82183 0.99199 0.18201  0.60860  0.10546  5   ALA A O   
41  C CB  . ALA A 5   ? 1.37325 0.95284 1.20766 0.24978  0.73138  0.15139  5   ALA A CB  
42  N N   . ALA A 6   ? 1.09105 0.81498 1.00034 0.23148  0.56420  0.18406  6   ALA A N   
43  C CA  . ALA A 6   ? 0.91820 0.69034 0.80796 0.19273  0.49107  0.18597  6   ALA A CA  
44  C C   . ALA A 6   ? 1.03940 0.71492 0.87218 0.17837  0.42998  0.15938  6   ALA A C   
45  O O   . ALA A 6   ? 0.93634 0.55270 0.67711 0.12973  0.35111  0.12938  6   ALA A O   
46  C CB  . ALA A 6   ? 0.84621 0.82181 0.91362 0.19177  0.42450  0.22553  6   ALA A CB  
47  N N   . MET A 7   ? 0.94060 0.59925 0.83291 0.21909  0.46120  0.16988  7   MET A N   
48  C CA  . MET A 7   ? 0.96794 0.53271 0.80828 0.19837  0.40951  0.14075  7   MET A CA  
49  C C   . MET A 7   ? 1.18440 0.54325 0.82412 0.16452  0.41717  0.08402  7   MET A C   
50  O O   . MET A 7   ? 1.17379 0.47093 0.74355 0.11734  0.33787  0.04973  7   MET A O   
51  C CB  . MET A 7   ? 1.04033 0.61535 0.97354 0.24859  0.45039  0.16821  7   MET A CB  
52  C CG  . MET A 7   ? 0.84126 0.60555 0.95369 0.26973  0.41962  0.22565  7   MET A CG  
53  S SD  . MET A 7   ? 0.72143 0.58092 0.87404 0.20441  0.30241  0.21705  7   MET A SD  
54  C CE  . MET A 7   ? 0.72307 0.42240 0.77607 0.17147  0.27257  0.16269  7   MET A CE  
55  N N   . LEU A 8   ? 1.31609 0.56703 0.86160 0.18376  0.51234  0.07198  8   LEU A N   
56  C CA  . LEU A 8   ? 1.52293 0.56487 0.84813 0.13978  0.52026  0.01793  8   LEU A CA  
57  C C   . LEU A 8   ? 1.52744 0.55679 0.75032 0.08139  0.43830  0.00181  8   LEU A C   
58  O O   . LEU A 8   ? 1.64168 0.53854 0.71257 0.03015  0.37555  -0.03728 8   LEU A O   
59  C CB  . LEU A 8   ? 1.69771 0.63205 0.95054 0.16590  0.64637  0.01096  8   LEU A CB  
60  C CG  . LEU A 8   ? 1.73520 0.66957 1.07836 0.20808  0.70226  0.03403  8   LEU A CG  
61  C CD1 . LEU A 8   ? 1.84440 0.75589 1.20855 0.23281  0.79807  0.05019  8   LEU A CD1 
62  C CD2 . LEU A 8   ? 1.84925 0.64170 1.06532 0.16888  0.67451  -0.00358 8   LEU A CD2 
63  N N   . THR A 9   ? 1.41468 0.57751 0.71755 0.08648  0.43285  0.03322  9   THR A N   
64  C CA  . THR A 9   ? 1.43024 0.58297 0.64710 0.03575  0.34846  0.02450  9   THR A CA  
65  C C   . THR A 9   ? 1.30029 0.50578 0.57402 0.01058  0.22291  0.01782  9   THR A C   
66  O O   . THR A 9   ? 1.38059 0.49490 0.53473 -0.03351 0.14034  -0.00822 9   THR A O   
67  C CB  . THR A 9   ? 1.34992 0.63977 0.65253 0.04454  0.37533  0.06026  9   THR A CB  
68  O OG1 . THR A 9   ? 1.47213 0.71547 0.72966 0.06369  0.49858  0.06043  9   THR A OG1 
69  C CG2 . THR A 9   ? 1.44948 0.70909 0.65208 -0.00566 0.29078  0.05358  9   THR A CG2 
70  N N   . LEU A 10  ? 1.22824 0.57825 0.68480 0.03682  0.20728  0.04126  10  LEU A N   
71  C CA  . LEU A 10  ? 1.02344 0.42659 0.54912 0.01154  0.10466  0.02919  10  LEU A CA  
72  C C   . LEU A 10  ? 1.18739 0.44547 0.60298 -0.01859 0.06648  -0.01673 10  LEU A C   
73  O O   . LEU A 10  ? 1.25047 0.48675 0.63535 -0.05717 -0.03063 -0.04136 10  LEU A O   
74  C CB  . LEU A 10  ? 0.84733 0.40634 0.56343 0.03878  0.11293  0.06040  10  LEU A CB  
75  C CG  . LEU A 10  ? 0.70643 0.42808 0.54443 0.05736  0.13309  0.10691  10  LEU A CG  
76  C CD1 . LEU A 10  ? 0.57291 0.42039 0.56797 0.07854  0.14001  0.13882  10  LEU A CD1 
77  C CD2 . LEU A 10  ? 0.64462 0.41376 0.47919 0.02226  0.06103  0.10354  10  LEU A CD2 
78  N N   . LEU A 11  ? 1.42019 0.57617 0.77818 -0.00212 0.14182  -0.02901 11  LEU A N   
79  C CA  . LEU A 11  ? 1.53503 0.54034 0.77118 -0.04023 0.11235  -0.07592 11  LEU A CA  
80  C C   . LEU A 11  ? 1.60847 0.46527 0.64066 -0.08732 0.06989  -0.10626 11  LEU A C   
81  O O   . LEU A 11  ? 1.64341 0.50848 0.65847 -0.12763 -0.02084 -0.12248 11  LEU A O   
82  C CB  . LEU A 11  ? 1.66535 0.57207 0.86650 -0.01178 0.21556  -0.08193 11  LEU A CB  
83  C CG  . LEU A 11  ? 1.51978 0.52320 0.88405 0.02221  0.23743  -0.05848 11  LEU A CG  
84  C CD1 . LEU A 11  ? 1.51425 0.45101 0.86556 0.07158  0.35295  -0.04412 11  LEU A CD1 
85  C CD2 . LEU A 11  ? 1.52998 0.52303 0.90939 -0.02575 0.16093  -0.09285 11  LEU A CD2 
86  N N   . MET A 12  ? 1.69395 0.49054 0.62240 -0.07795 0.13501  -0.09533 12  MET A N   
87  C CA  . MET A 12  ? 1.85712 0.54888 0.60818 -0.12347 0.09605  -0.10371 12  MET A CA  
88  C C   . MET A 12  ? 1.78131 0.55132 0.57392 -0.14819 -0.03567 -0.09248 12  MET A C   
89  O O   . MET A 12  ? 1.86993 0.61080 0.61309 -0.18106 -0.11410 -0.09200 12  MET A O   
90  C CB  . MET A 12  ? 2.20321 0.82787 0.85756 -0.11021 0.20110  -0.09322 12  MET A CB  
91  C CG  . MET A 12  ? 2.31478 0.84062 0.81143 -0.15895 0.16498  -0.08580 12  MET A CG  
92  S SD  . MET A 12  ? 2.62174 0.96456 0.94860 -0.18811 0.25536  -0.09877 12  MET A SD  
93  C CE  . MET A 12  ? 2.59133 0.96859 1.01754 -0.12496 0.42376  -0.09597 12  MET A CE  
94  N N   . MET A 13  ? 1.62051 0.49839 0.52284 -0.12750 -0.05591 -0.07745 13  MET A N   
95  C CA  . MET A 13  ? 1.56654 0.53201 0.53534 -0.14140 -0.16901 -0.06040 13  MET A CA  
96  C C   . MET A 13  ? 1.46065 0.52674 0.57648 -0.14508 -0.25003 -0.06763 13  MET A C   
97  O O   . MET A 13  ? 1.50615 0.60700 0.66009 -0.15262 -0.32605 -0.05597 13  MET A O   
98  C CB  . MET A 13  ? 1.43749 0.53577 0.52443 -0.11697 -0.15572 -0.03132 13  MET A CB  
99  C CG  . MET A 13  ? 1.53028 0.59602 0.53030 -0.10902 -0.06327 -0.00988 13  MET A CG  
100 S SD  . MET A 13  ? 1.69207 0.56454 0.45726 -0.15365 -0.08736 -0.01860 13  MET A SD  
101 C CE  . MET A 13  ? 1.79446 0.67894 0.52581 -0.14456 0.03650  -0.00221 13  MET A CE  
102 N N   . LEU A 14  ? 1.35331 0.46084 0.56046 -0.13631 -0.22034 -0.08596 14  LEU A N   
103 C CA  . LEU A 14  ? 1.28377 0.47995 0.61608 -0.14596 -0.27496 -0.09939 14  LEU A CA  
104 C C   . LEU A 14  ? 1.49426 0.59971 0.71660 -0.17457 -0.30263 -0.11317 14  LEU A C   
105 O O   . LEU A 14  ? 1.43517 0.60291 0.73212 -0.18444 -0.36912 -0.11628 14  LEU A O   
106 C CB  . LEU A 14  ? 1.25550 0.48743 0.68275 -0.13707 -0.22429 -0.11393 14  LEU A CB  
107 C CG  . LEU A 14  ? 1.11979 0.47220 0.70380 -0.11726 -0.22107 -0.09585 14  LEU A CG  
108 C CD1 . LEU A 14  ? 0.98781 0.36031 0.63699 -0.09273 -0.13573 -0.08408 14  LEU A CD1 
109 C CD2 . LEU A 14  ? 0.94580 0.46353 0.69656 -0.11994 -0.28072 -0.09396 14  LEU A CD2 
110 N N   . LYS A 15  ? 1.80088 0.75555 0.84688 -0.18775 -0.24251 -0.12154 15  LYS A N   
111 C CA  A LYS A 15  ? 2.02195 0.87336 0.93999 -0.22358 -0.26966 -0.13133 15  LYS A CA  
112 C CA  B LYS A 15  ? 2.02195 0.87336 0.93999 -0.22358 -0.26966 -0.13133 15  LYS A CA  
113 C C   . LYS A 15  ? 2.08582 0.91691 0.95240 -0.23534 -0.34536 -0.10696 15  LYS A C   
114 O O   . LYS A 15  ? 2.20188 1.02147 1.05889 -0.25867 -0.41317 -0.11060 15  LYS A O   
115 C CB  A LYS A 15  ? 2.24110 0.93011 0.97789 -0.23467 -0.17226 -0.14122 15  LYS A CB  
116 C CB  B LYS A 15  ? 2.24110 0.93011 0.97789 -0.23467 -0.17226 -0.14122 15  LYS A CB  
117 C CG  A LYS A 15  ? 2.23387 0.91509 1.01273 -0.22147 -0.09453 -0.16285 15  LYS A CG  
118 C CG  B LYS A 15  ? 2.23387 0.91509 1.01273 -0.22147 -0.09453 -0.16285 15  LYS A CG  
119 C CD  A LYS A 15  ? 2.25862 0.97544 1.09804 -0.24996 -0.14758 -0.18702 15  LYS A CD  
120 C CD  B LYS A 15  ? 2.25862 0.97544 1.09804 -0.24996 -0.14758 -0.18702 15  LYS A CD  
121 C CE  A LYS A 15  ? 2.28484 0.96536 1.13966 -0.24105 -0.06519 -0.20479 15  LYS A CE  
122 C CE  B LYS A 15  ? 2.28484 0.96536 1.13966 -0.24105 -0.06519 -0.20479 15  LYS A CE  
123 N NZ  A LYS A 15  ? 2.11050 0.88109 1.10937 -0.19529 -0.02106 -0.19245 15  LYS A NZ  
124 N NZ  B LYS A 15  ? 2.11050 0.88109 1.10937 -0.19529 -0.02106 -0.19245 15  LYS A NZ  
125 N N   . VAL A 16  ? 1.99615 0.81598 0.82976 -0.22006 -0.33192 -0.08205 16  VAL A N   
126 C CA  . VAL A 16  ? 1.97972 0.76662 0.76939 -0.22844 -0.39687 -0.05573 16  VAL A CA  
127 C C   . VAL A 16  ? 1.84612 0.77487 0.82589 -0.20752 -0.47838 -0.04774 16  VAL A C   
128 O O   . VAL A 16  ? 1.90273 0.79868 0.86317 -0.21578 -0.54581 -0.03444 16  VAL A O   
129 C CB  . VAL A 16  ? 2.04788 0.78316 0.75718 -0.22162 -0.34659 -0.03538 16  VAL A CB  
130 C CG1 . VAL A 16  ? 2.06880 0.74214 0.71845 -0.23491 -0.40600 -0.01026 16  VAL A CG1 
131 C CG2 . VAL A 16  ? 2.25295 0.85313 0.79188 -0.23795 -0.24147 -0.04774 16  VAL A CG2 
132 N N   . ILE A 17  ? 1.65157 0.72807 0.81259 -0.18152 -0.46626 -0.05702 17  ILE A N   
133 C CA  . ILE A 17  ? 1.47583 0.68540 0.82034 -0.15879 -0.51462 -0.05104 17  ILE A CA  
134 C C   . ILE A 17  ? 1.60244 0.84093 1.00192 -0.17328 -0.56472 -0.07115 17  ILE A C   
135 O O   . ILE A 17  ? 1.67595 0.93827 1.13119 -0.16679 -0.62310 -0.06359 17  ILE A O   
136 C CB  . ILE A 17  ? 1.22836 0.57610 0.73337 -0.13268 -0.47099 -0.05297 17  ILE A CB  
137 C CG1 . ILE A 17  ? 1.27205 0.61743 0.75521 -0.11845 -0.44316 -0.02910 17  ILE A CG1 
138 C CG2 . ILE A 17  ? 1.17464 0.65115 0.85999 -0.11647 -0.49415 -0.05915 17  ILE A CG2 
139 C CD1 . ILE A 17  ? 1.00334 0.45753 0.60146 -0.10297 -0.39604 -0.02948 17  ILE A CD1 
140 N N   . GLU A 18  ? 1.63898 0.86999 1.02236 -0.19520 -0.54097 -0.09987 18  GLU A N   
141 C CA  . GLU A 18  ? 1.75115 1.02103 1.19324 -0.21595 -0.58398 -0.12442 18  GLU A CA  
142 C C   . GLU A 18  ? 1.97639 1.13883 1.29353 -0.24211 -0.65467 -0.11688 18  GLU A C   
143 O O   . GLU A 18  ? 2.07262 1.28156 1.45736 -0.25450 -0.71122 -0.13036 18  GLU A O   
144 C CB  . GLU A 18  ? 1.77034 1.03436 1.20417 -0.24085 -0.53645 -0.15993 18  GLU A CB  
145 C CG  . GLU A 18  ? 1.92015 1.01848 1.14948 -0.26728 -0.50067 -0.16555 18  GLU A CG  
146 C CD  . GLU A 18  ? 1.94079 1.02191 1.17074 -0.28633 -0.44401 -0.20052 18  GLU A CD  
147 O OE1 . GLU A 18  ? 1.84255 1.04421 1.23348 -0.28001 -0.43216 -0.21889 18  GLU A OE1 
148 O OE2 . GLU A 18  ? 2.10514 1.04249 1.16837 -0.30876 -0.40272 -0.20887 18  GLU A OE2 
149 N N   . LYS A 19  ? 2.07228 1.08834 1.20362 -0.25471 -0.65087 -0.09587 19  LYS A N   
150 C CA  . LYS A 19  ? 2.23889 1.13085 1.22755 -0.28465 -0.71709 -0.08297 19  LYS A CA  
151 C C   . LYS A 19  ? 2.31084 1.19462 1.31975 -0.26218 -0.77030 -0.05018 19  LYS A C   
152 O O   . LYS A 19  ? 2.46253 1.20386 1.30832 -0.28550 -0.80489 -0.02987 19  LYS A O   
153 C CB  . LYS A 19  ? 2.32809 1.03958 1.07809 -0.32088 -0.67099 -0.08057 19  LYS A CB  
154 C CG  . LYS A 19  ? 2.32243 1.01999 1.04112 -0.33219 -0.58762 -0.11022 19  LYS A CG  
155 C CD  . LYS A 19  ? 2.52709 1.03841 1.00988 -0.36142 -0.52010 -0.10575 19  LYS A CD  
156 C CE  . LYS A 19  ? 2.50108 0.98650 0.95689 -0.36358 -0.42172 -0.13428 19  LYS A CE  
157 N NZ  . LYS A 19  ? 2.53382 1.04083 1.02818 -0.39019 -0.44096 -0.16734 19  LYS A NZ  
158 N N   . ALA A 20  ? 2.18162 1.19998 1.37586 -0.22122 -0.77207 -0.04580 20  ALA A N   
159 C CA  . ALA A 20  ? 2.23519 1.23828 1.45101 -0.19790 -0.80701 -0.01892 20  ALA A CA  
160 C C   . ALA A 20  ? 2.25067 1.32339 1.60302 -0.18366 -0.88417 -0.02233 20  ALA A C   
161 O O   . ALA A 20  ? 2.17781 1.36390 1.67870 -0.17493 -0.88616 -0.04378 20  ALA A O   
162 C CB  . ALA A 20  ? 2.07847 1.15533 1.37784 -0.16498 -0.74074 -0.01043 20  ALA A CB  
163 N N   . ASP A 21  ? 2.34531 1.32838 1.63702 -0.18384 -0.95286 -0.00031 21  ASP A N   
164 C CA  . ASP A 21  ? 2.37394 1.38823 1.77636 -0.16967 -1.04283 0.00067  21  ASP A CA  
165 C C   . ASP A 21  ? 2.33383 1.35727 1.81481 -0.13385 -1.05258 0.01512  21  ASP A C   
166 O O   . ASP A 21  ? 2.32375 1.39405 1.93201 -0.11369 -1.11465 0.01090  21  ASP A O   
167 C CB  . ASP A 21  ? 2.61878 1.51080 1.88144 -0.20557 -1.13600 0.01148  21  ASP A CB  
168 C CG  . ASP A 21  ? 2.78940 1.51716 1.81484 -0.23839 -1.11274 0.03024  21  ASP A CG  
169 O OD1 . ASP A 21  ? 2.94024 1.55665 1.87090 -0.24128 -1.15663 0.05436  21  ASP A OD1 
170 O OD2 . ASP A 21  ? 2.77606 1.47014 1.70291 -0.26352 -1.04985 0.01996  21  ASP A OD2 
171 N N   . ASN A 22  ? 2.29123 1.27283 1.70179 -0.12816 -0.99216 0.02852  22  ASN A N   
172 C CA  . ASN A 22  ? 2.29818 1.28073 1.76451 -0.10220 -0.99328 0.03785  22  ASN A CA  
173 C C   . ASN A 22  ? 2.12652 1.19008 1.64874 -0.08765 -0.89281 0.03330  22  ASN A C   
174 O O   . ASN A 22  ? 1.97755 1.04390 1.42826 -0.10194 -0.82729 0.03285  22  ASN A O   
175 C CB  . ASN A 22  ? 2.51851 1.34288 1.81104 -0.12064 -1.03464 0.06062  22  ASN A CB  
176 C CG  . ASN A 22  ? 2.59584 1.32798 1.70388 -0.15164 -0.97135 0.06951  22  ASN A CG  
177 O OD1 . ASN A 22  ? 2.62748 1.37385 1.69748 -0.16758 -0.93050 0.06114  22  ASN A OD1 
178 N ND2 . ASN A 22  ? 2.60019 1.21804 1.58355 -0.16369 -0.96669 0.08466  22  ASN A ND2 
179 N N   . ALA A 23  ? 2.13828 1.26621 1.78659 -0.06122 -0.88281 0.02893  23  ALA A N   
180 C CA  . ALA A 23  ? 1.98512 1.19644 1.69393 -0.05101 -0.79430 0.02531  23  ALA A CA  
181 C C   . ALA A 23  ? 2.13777 1.28325 1.70715 -0.06822 -0.74762 0.04103  23  ALA A C   
182 O O   . ALA A 23  ? 2.11259 1.32880 1.70902 -0.06717 -0.67249 0.04002  23  ALA A O   
183 C CB  . ALA A 23  ? 1.81465 1.09184 1.67004 -0.02618 -0.79635 0.01558  23  ALA A CB  
184 N N   . ALA A 24  ? 2.29721 1.30860 1.71632 -0.08679 -0.79019 0.05473  24  ALA A N   
185 C CA  . ALA A 24  ? 2.30683 1.24015 1.58470 -0.10804 -0.74469 0.06622  24  ALA A CA  
186 C C   . ALA A 24  ? 2.16139 1.09788 1.36856 -0.12508 -0.68021 0.06471  24  ALA A C   
187 O O   . ALA A 24  ? 2.05976 1.05260 1.28127 -0.12563 -0.61028 0.06391  24  ALA A O   
188 C CB  . ALA A 24  ? 2.53367 1.29393 1.64370 -0.13077 -0.80809 0.07972  24  ALA A CB  
189 N N   . GLN A 25  ? 2.10762 0.98312 1.23542 -0.14114 -0.70492 0.06309  25  GLN A N   
190 C CA  . GLN A 25  ? 2.00780 0.87028 1.05695 -0.15802 -0.64479 0.05794  25  GLN A CA  
191 C C   . GLN A 25  ? 1.85234 0.87593 1.06134 -0.13433 -0.59754 0.04428  25  GLN A C   
192 O O   . GLN A 25  ? 1.89534 0.94007 1.07670 -0.13875 -0.53200 0.04127  25  GLN A O   
193 C CB  . GLN A 25  ? 2.07642 0.82984 0.99768 -0.18552 -0.68399 0.05634  25  GLN A CB  
194 C CG  . GLN A 25  ? 2.40951 0.99861 1.17581 -0.21239 -0.74666 0.07159  25  GLN A CG  
195 C CD  . GLN A 25  ? 2.58463 1.08848 1.25592 -0.24031 -0.80506 0.07015  25  GLN A CD  
196 O OE1 . GLN A 25  ? 2.66340 1.14366 1.26378 -0.26101 -0.76780 0.05915  25  GLN A OE1 
197 N NE2 . GLN A 25  ? 2.61015 1.06506 1.27655 -0.24325 -0.89830 0.07955  25  GLN A NE2 
198 N N   . VAL A 26  ? 1.63774 0.77054 1.01074 -0.11114 -0.62730 0.03432  26  VAL A N   
199 C CA  . VAL A 26  ? 1.40208 0.68211 0.92666 -0.09268 -0.57987 0.02037  26  VAL A CA  
200 C C   . VAL A 26  ? 1.35778 0.70231 0.92803 -0.08405 -0.52059 0.02748  26  VAL A C   
201 O O   . VAL A 26  ? 1.32399 0.71105 0.89471 -0.08699 -0.46892 0.02524  26  VAL A O   
202 C CB  . VAL A 26  ? 1.34240 0.70411 1.02137 -0.07389 -0.61700 0.00794  26  VAL A CB  
203 C CG1 . VAL A 26  ? 1.17355 0.66243 0.98823 -0.06086 -0.56283 -0.00557 26  VAL A CG1 
204 C CG2 . VAL A 26  ? 1.51947 0.83181 1.16155 -0.08759 -0.68007 -0.00078 26  VAL A CG2 
205 N N   . LEU A 27  ? 1.45472 0.80555 1.06241 -0.07577 -0.53142 0.03485  27  LEU A N   
206 C CA  . LEU A 27  ? 1.30473 0.72371 0.95783 -0.07334 -0.47845 0.04071  27  LEU A CA  
207 C C   . LEU A 27  ? 1.20772 0.57086 0.73125 -0.09500 -0.44042 0.05007  27  LEU A C   
208 O O   . LEU A 27  ? 1.12917 0.57371 0.69200 -0.09651 -0.38791 0.05261  27  LEU A O   
209 C CB  . LEU A 27  ? 1.37935 0.77603 1.06022 -0.06720 -0.50814 0.04553  27  LEU A CB  
210 C CG  . LEU A 27  ? 1.22231 0.69035 0.96182 -0.06707 -0.46334 0.05070  27  LEU A CG  
211 C CD1 . LEU A 27  ? 1.04874 0.61141 0.94059 -0.04948 -0.45125 0.04086  27  LEU A CD1 
212 C CD2 . LEU A 27  ? 1.20472 0.59110 0.87665 -0.07447 -0.49289 0.05843  27  LEU A CD2 
213 N N   . THR A 28  ? 1.40720 0.62858 0.76900 -0.11469 -0.46265 0.05464  28  THR A N   
214 C CA  . THR A 28  ? 1.42798 0.57915 0.64692 -0.13843 -0.41118 0.05759  28  THR A CA  
215 C C   . THR A 28  ? 1.37884 0.57321 0.59787 -0.13705 -0.36257 0.04926  28  THR A C   
216 O O   . THR A 28  ? 1.28252 0.53469 0.50408 -0.13827 -0.30154 0.05218  28  THR A O   
217 C CB  . THR A 28  ? 1.66207 0.63673 0.70004 -0.16362 -0.43895 0.06072  28  THR A CB  
218 O OG1 . THR A 28  ? 1.69321 0.62134 0.73183 -0.16241 -0.49520 0.06877  28  THR A OG1 
219 C CG2 . THR A 28  ? 1.83458 0.72793 0.72286 -0.19077 -0.36846 0.05856  28  THR A CG2 
220 N N   . ALA A 29  ? 1.48902 0.65920 0.70470 -0.13384 -0.38814 0.03982  29  ALA A N   
221 C CA  . ALA A 29  ? 1.29181 0.47916 0.49070 -0.13278 -0.34392 0.02810  29  ALA A CA  
222 C C   . ALA A 29  ? 1.08387 0.43158 0.45122 -0.11292 -0.32695 0.02877  29  ALA A C   
223 O O   . ALA A 29  ? 1.17834 0.54694 0.51630 -0.11048 -0.27569 0.03056  29  ALA A O   
224 C CB  . ALA A 29  ? 1.45783 0.58628 0.61781 -0.13893 -0.37567 0.01421  29  ALA A CB  
225 N N   . LEU A 30  ? 1.08033 0.53516 0.61316 -0.09706 -0.35737 0.03027  30  LEU A N   
226 C CA  . LEU A 30  ? 0.82755 0.42937 0.51802 -0.08432 -0.32864 0.03195  30  LEU A CA  
227 C C   . LEU A 30  ? 0.81265 0.46820 0.49982 -0.09016 -0.28806 0.05244  30  LEU A C   
228 O O   . LEU A 30  ? 0.92305 0.67068 0.67235 -0.08699 -0.25549 0.06720  30  LEU A O   
229 C CB  . LEU A 30  ? 0.77967 0.45835 0.60914 -0.06774 -0.34078 0.02464  30  LEU A CB  
230 C CG  . LEU A 30  ? 0.75128 0.44715 0.63750 -0.06067 -0.35879 0.00586  30  LEU A CG  
231 C CD1 . LEU A 30  ? 0.79708 0.52795 0.78678 -0.04663 -0.37711 0.00108  30  LEU A CD1 
232 C CD2 . LEU A 30  ? 0.61320 0.36867 0.54789 -0.06247 -0.32339 -0.00146 30  LEU A CD2 
233 N N   . TRP A 31  ? 1.01610 0.62133 0.63523 -0.09928 -0.28924 0.06027  31  TRP A N   
234 C CA  . TRP A 31  ? 0.99410 0.65090 0.59873 -0.10833 -0.24222 0.08146  31  TRP A CA  
235 C C   . TRP A 31  ? 0.81304 0.43375 0.30420 -0.11143 -0.17928 0.09801  31  TRP A C   
236 O O   . TRP A 31  ? 0.83851 0.55555 0.38006 -0.11009 -0.11694 0.12661  31  TRP A O   
237 C CB  . TRP A 31  ? 1.02590 0.62030 0.57422 -0.12027 -0.25475 0.08207  31  TRP A CB  
238 C CG  . TRP A 31  ? 0.84620 0.49727 0.51007 -0.11234 -0.27734 0.08032  31  TRP A CG  
239 C CD1 . TRP A 31  ? 0.92350 0.51641 0.60168 -0.10185 -0.32579 0.07143  31  TRP A CD1 
240 C CD2 . TRP A 31  ? 0.67135 0.43588 0.43887 -0.11415 -0.24550 0.08962  31  TRP A CD2 
241 N NE1 . TRP A 31  ? 0.92660 0.58407 0.70406 -0.09384 -0.32073 0.07225  31  TRP A NE1 
242 C CE2 . TRP A 31  ? 0.80785 0.56424 0.63412 -0.10310 -0.27002 0.08202  31  TRP A CE2 
243 C CE3 . TRP A 31  ? 0.74811 0.61523 0.55986 -0.12610 -0.19797 0.10691  31  TRP A CE3 
244 C CZ2 . TRP A 31  ? 0.78284 0.61192 0.68866 -0.10395 -0.24425 0.08659  31  TRP A CZ2 
245 C CZ3 . TRP A 31  ? 0.78125 0.72489 0.68279 -0.13303 -0.17679 0.11297  31  TRP A CZ3 
246 C CH2 . TRP A 31  ? 0.72304 0.63838 0.65749 -0.11915 -0.19635 0.10043  31  TRP A CH2 
247 N N   . PHE A 32  ? 1.01748 0.50084 0.36777 -0.11572 -0.17658 0.08150  32  PHE A N   
248 C CA  . PHE A 32  ? 1.13358 0.57617 0.39665 -0.11031 -0.08351 0.09140  32  PHE A CA  
249 C C   . PHE A 32  ? 0.98747 0.55035 0.40657 -0.07990 -0.04216 0.09979  32  PHE A C   
250 O O   . PHE A 32  ? 0.94029 0.57296 0.41544 -0.06091 0.04919  0.11851  32  PHE A O   
251 C CB  . PHE A 32  ? 1.42559 0.68792 0.51481 -0.12445 -0.08306 0.06097  32  PHE A CB  
252 C CG  . PHE A 32  ? 1.59637 0.77449 0.57600 -0.14544 -0.03574 0.05454  32  PHE A CG  
253 C CD1 . PHE A 32  ? 1.64259 0.85933 0.62884 -0.13784 0.07458  0.06271  32  PHE A CD1 
254 C CD2 . PHE A 32  ? 1.78719 0.85464 0.68048 -0.17159 -0.09930 0.04392  32  PHE A CD2 
255 C CE1 . PHE A 32  ? 1.79513 0.93766 0.69123 -0.16120 0.11606  0.05249  32  PHE A CE1 
256 C CE2 . PHE A 32  ? 2.02832 1.00397 0.80985 -0.19641 -0.05705 0.03973  32  PHE A CE2 
257 C CZ  . PHE A 32  ? 2.02578 1.03793 0.80479 -0.19362 0.05045  0.04031  32  PHE A CZ  
258 N N   . MET A 33  ? 0.87541 0.47262 0.38467 -0.07397 -0.10672 0.08448  33  MET A N   
259 C CA  . MET A 33  ? 0.83249 0.54124 0.49359 -0.04892 -0.06989 0.09209  33  MET A CA  
260 C C   . MET A 33  ? 0.70825 0.58701 0.51755 -0.04317 -0.04320 0.12712  33  MET A C   
261 O O   . MET A 33  ? 0.68930 0.65258 0.58042 -0.02001 0.02348  0.15225  33  MET A O   
262 C CB  . MET A 33  ? 0.75323 0.45666 0.47147 -0.05532 -0.14239 0.06362  33  MET A CB  
263 C CG  . MET A 33  ? 0.84062 0.38342 0.41561 -0.06850 -0.17142 0.02874  33  MET A CG  
264 S SD  . MET A 33  ? 0.96709 0.50679 0.61308 -0.08414 -0.24771 -0.01008 33  MET A SD  
265 C CE  . MET A 33  ? 0.83966 0.47034 0.61611 -0.05839 -0.16457 0.00344  33  MET A CE  
266 N N   . ALA A 34  ? 0.70258 0.62868 0.54625 -0.06495 -0.09694 0.13031  34  ALA A N   
267 C CA  . ALA A 34  ? 0.52331 0.59703 0.48351 -0.07221 -0.07210 0.16084  34  ALA A CA  
268 C C   . ALA A 34  ? 0.48790 0.59285 0.41622 -0.07086 0.00552  0.18897  34  ALA A C   
269 O O   . ALA A 34  ? 0.37101 0.59296 0.41003 -0.05805 0.04198  0.20105  34  ALA A O   
270 C CB  . ALA A 34  ? 0.40259 0.48973 0.38445 -0.09748 -0.13092 0.15004  34  ALA A CB  
271 N N   . LEU A 35  ? 0.63615 0.61888 0.41341 -0.07979 0.02340  0.17875  35  LEU A N   
272 C CA  . LEU A 35  ? 0.79440 0.79070 0.53818 -0.08050 0.10843  0.19304  35  LEU A CA  
273 C C   . LEU A 35  ? 0.70106 0.75071 0.52472 -0.04452 0.17737  0.19864  35  LEU A C   
274 O O   . LEU A 35  ? 0.63496 0.78177 0.56312 -0.03727 0.20386  0.19335  35  LEU A O   
275 C CB  . LEU A 35  ? 1.00820 0.84558 0.57286 -0.09579 0.11030  0.16969  35  LEU A CB  
276 C CG  . LEU A 35  ? 1.18230 1.03139 0.72271 -0.10708 0.15355  0.16701  35  LEU A CG  
277 C CD1 . LEU A 35  ? 1.23414 0.90121 0.59442 -0.12331 0.16359  0.13499  35  LEU A CD1 
278 C CD2 . LEU A 35  ? 1.23810 1.25045 0.91197 -0.09736 0.21831  0.18934  35  LEU A CD2 
279 N N   . ALA A 36  ? 0.86601 0.81750 0.63402 -0.01927 0.18686  0.18690  36  ALA A N   
280 C CA  . ALA A 36  ? 0.83791 0.81601 0.67156 0.02450  0.26321  0.19771  36  ALA A CA  
281 C C   . ALA A 36  ? 0.65221 0.78929 0.67452 0.04615  0.23738  0.21818  36  ALA A C   
282 O O   . ALA A 36  ? 0.76057 0.95541 0.86741 0.07601  0.26582  0.22470  36  ALA A O   
283 C CB  . ALA A 36  ? 0.95040 0.76629 0.67610 0.03682  0.26144  0.16251  36  ALA A CB  
284 N N   . ALA A 37  ? 0.46769 0.65311 0.54015 0.02819  0.17032  0.22413  37  ALA A N   
285 C CA  . ALA A 37  ? 0.40323 0.68211 0.59537 0.04047  0.12969  0.22661  37  ALA A CA  
286 C C   . ALA A 37  ? 0.40468 0.73181 0.61401 0.02883  0.10910  0.22050  37  ALA A C   
287 O O   . ALA A 37  ? 0.51683 0.87171 0.76291 0.04185  0.10126  0.23305  37  ALA A O   
288 C CB  . ALA A 37  ? 0.36808 0.65336 0.58274 0.01784  0.06825  0.21821  37  ALA A CB  
289 N N   . HIS A 38  ? 0.60279 0.92370 0.76887 -0.00039 0.10503  0.20570  38  HIS A N   
290 C CA  . HIS A 38  ? 0.65824 1.02082 0.83888 -0.01128 0.09551  0.20559  38  HIS A CA  
291 C C   . HIS A 38  ? 0.68907 1.08079 0.89702 0.00132  0.15084  0.21494  38  HIS A C   
292 O O   . HIS A 38  ? 0.78555 1.24734 1.04552 0.00970  0.14221  0.24247  38  HIS A O   
293 C CB  . HIS A 38  ? 0.60996 0.94677 0.73651 -0.04550 0.08207  0.18771  38  HIS A CB  
294 C CG  . HIS A 38  ? 0.62868 1.02629 0.77172 -0.05759 0.06240  0.20049  38  HIS A CG  
295 N ND1 . HIS A 38  ? 0.63771 1.06008 0.77346 -0.06406 0.00926  0.21041  38  HIS A ND1 
296 C CD2 . HIS A 38  ? 0.69800 1.12517 0.84662 -0.07015 0.09636  0.20379  38  HIS A CD2 
297 C CE1 . HIS A 38  ? 0.74043 1.20844 0.87516 -0.08106 0.00738  0.21915  38  HIS A CE1 
298 N NE2 . HIS A 38  ? 0.77142 1.25063 0.92466 -0.08498 0.05684  0.21575  38  HIS A NE2 
299 N N   . MET A 39  ? 0.70266 1.04524 0.86625 0.00344  0.21051  0.20374  39  MET A N   
300 C CA  . MET A 39  ? 0.91785 1.28930 1.10937 0.01473  0.27000  0.20566  39  MET A CA  
301 C C   . MET A 39  ? 1.00618 1.42584 1.29155 0.06303  0.27485  0.23436  39  MET A C   
302 O O   . MET A 39  ? 1.08848 1.57331 1.44139 0.07515  0.29771  0.24822  39  MET A O   
303 C CB  . MET A 39  ? 0.98129 1.26831 1.07312 0.01094  0.33637  0.19348  39  MET A CB  
304 C CG  . MET A 39  ? 0.96301 1.17561 0.91846 -0.04340 0.33081  0.17501  39  MET A CG  
305 S SD  . MET A 39  ? 0.77226 1.02786 0.72025 -0.10299 0.33603  0.15337  39  MET A SD  
306 C CE  . MET A 39  ? 0.63155 0.87625 0.61789 -0.10046 0.26405  0.15692  39  MET A CE  
307 N N   . ALA A 40  ? 0.69288 1.07926 0.98360 0.09056  0.25774  0.24956  40  ALA A N   
308 C CA  . ALA A 40  ? 0.55141 0.95575 0.90987 0.13299  0.26534  0.28179  40  ALA A CA  
309 C C   . ALA A 40  ? 0.49807 0.93428 0.87765 0.12094  0.19803  0.30126  40  ALA A C   
310 O O   . ALA A 40  ? 0.69333 1.11026 1.09054 0.14114  0.19384  0.32272  40  ALA A O   
311 C CB  . ALA A 40  ? 0.56216 0.87781 0.89181 0.16922  0.31149  0.28349  40  ALA A CB  
312 N N   . ALA A 41  ? 0.45630 0.93476 0.82526 0.09193  0.15571  0.31039  41  ALA A N   
313 C CA  . ALA A 41  ? 0.44047 0.93241 0.79951 0.07915  0.10513  0.34051  41  ALA A CA  
314 C C   . ALA A 41  ? 0.47810 1.02348 0.89493 0.09742  0.11271  0.39127  41  ALA A C   
315 O O   . ALA A 41  ? 0.51691 1.05415 0.92562 0.09102  0.09090  0.41728  41  ALA A O   
316 C CB  . ALA A 41  ? 0.42267 0.93632 0.73939 0.04448  0.06648  0.33514  41  ALA A CB  
317 N N   . LEU A 42  ? 0.47451 1.07809 0.95511 0.11697  0.14775  0.40454  42  LEU A N   
318 C CA  . LEU A 42  ? 0.42612 1.09532 0.98309 0.13842  0.15724  0.45372  42  LEU A CA  
319 C C   . LEU A 42  ? 0.47932 1.13192 1.09628 0.18696  0.21062  0.45505  42  LEU A C   
320 O O   . LEU A 42  ? 0.52515 1.23649 1.22356 0.21382  0.22357  0.49422  42  LEU A O   
321 C CB  . LEU A 42  ? 0.48407 1.25185 1.09048 0.12569  0.15599  0.47061  42  LEU A CB  
322 C CG  . LEU A 42  ? 0.49056 1.27509 1.03318 0.07876  0.11145  0.46551  42  LEU A CG  
323 C CD1 . LEU A 42  ? 0.48492 1.37277 1.08693 0.06522  0.11867  0.47885  42  LEU A CD1 
324 C CD2 . LEU A 42  ? 0.39519 1.16167 0.88570 0.05714  0.06670  0.49504  42  LEU A CD2 
325 N N   . ALA A 43  ? 0.48557 1.05914 1.06354 0.19974  0.24341  0.41294  43  ALA A N   
326 C CA  . ALA A 43  ? 0.55953 1.09756 1.17596 0.24880  0.30344  0.41500  43  ALA A CA  
327 C C   . ALA A 43  ? 0.64225 1.15909 1.27964 0.27117  0.29485  0.45260  43  ALA A C   
328 O O   . ALA A 43  ? 0.54831 1.05065 1.14456 0.24047  0.24735  0.45653  43  ALA A O   
329 C CB  . ALA A 43  ? 0.59148 1.03386 1.14026 0.25647  0.34843  0.37876  43  ALA A CB  
330 N N   . THR A 44  ? 0.67109 1.18231 1.37327 0.32416  0.34768  0.47670  44  THR A N   
331 C CA  . THR A 44  ? 0.69904 1.19050 1.42989 0.35140  0.34949  0.51200  44  THR A CA  
332 C C   . THR A 44  ? 0.78951 1.16575 1.49178 0.39472  0.41724  0.49828  44  THR A C   
333 O O   . THR A 44  ? 0.92981 1.27185 1.64065 0.42465  0.47965  0.48123  44  THR A O   
334 C CB  . THR A 44  ? 0.80352 1.39353 1.64743 0.38188  0.34731  0.55687  44  THR A CB  
335 O OG1 . THR A 44  ? 0.69113 1.37369 1.54489 0.33615  0.28624  0.56759  44  THR A OG1 
336 C CG2 . THR A 44  ? 0.80315 1.36774 1.67858 0.41621  0.35089  0.59293  44  THR A CG2 
337 N N   . PRO A 45  ? 0.79254 1.09665 1.45069 0.39463  0.41307  0.49836  45  PRO A N   
338 C CA  . PRO A 45  ? 0.92136 1.09694 1.53556 0.43359  0.48131  0.47966  45  PRO A CA  
339 C C   . PRO A 45  ? 1.13004 1.30528 1.82001 0.49442  0.53559  0.50663  45  PRO A C   
340 O O   . PRO A 45  ? 1.10038 1.37322 1.88538 0.51220  0.50765  0.54927  45  PRO A O   
341 C CB  . PRO A 45  ? 0.90380 1.02879 1.47413 0.41715  0.45315  0.47624  45  PRO A CB  
342 C CG  . PRO A 45  ? 0.82841 1.06684 1.45075 0.38617  0.38378  0.50924  45  PRO A CG  
343 C CD  . PRO A 45  ? 0.81939 1.14705 1.45857 0.35479  0.35227  0.50825  45  PRO A CD  
344 N N   . PRO A 46  ? 1.20939 1.26973 1.85817 0.52769  0.61562  0.48157  46  PRO A N   
345 C CA  . PRO A 46  ? 1.37415 1.42360 2.09998 0.59008  0.67401  0.50501  46  PRO A CA  
346 C C   . PRO A 46  ? 1.40174 1.44729 2.16578 0.62107  0.65294  0.54182  46  PRO A C   
347 O O   . PRO A 46  ? 1.43085 1.49902 2.28648 0.67725  0.68208  0.57230  46  PRO A O   
348 C CB  . PRO A 46  ? 1.49389 1.37967 2.12314 0.60379  0.76557  0.46059  46  PRO A CB  
349 C CG  . PRO A 46  ? 1.36716 1.20669 1.88456 0.54840  0.75029  0.41601  46  PRO A CG  
350 C CD  . PRO A 46  ? 1.20535 1.12579 1.72578 0.50832  0.65741  0.42912  46  PRO A CD  
351 N N   . LYS A 47  ? 1.37647 1.39941 2.08089 0.58731  0.60118  0.53915  47  LYS A N   
352 C CA  . LYS A 47  ? 1.36007 1.34825 2.07638 0.61511  0.58738  0.56553  47  LYS A CA  
353 C C   . LYS A 47  ? 1.29070 1.41642 2.11695 0.62518  0.52448  0.62075  47  LYS A C   
354 O O   . LYS A 47  ? 1.36954 1.46890 2.22602 0.66553  0.51817  0.65190  47  LYS A O   
355 C CB  . LYS A 47  ? 1.32109 1.22353 1.93029 0.57324  0.55898  0.53522  47  LYS A CB  
356 C CG  . LYS A 47  ? 1.53327 1.25346 2.03685 0.58969  0.61951  0.49833  47  LYS A CG  
357 C CD  . LYS A 47  ? 1.60643 1.26063 2.05626 0.57426  0.58207  0.49589  47  LYS A CD  
358 C CE  . LYS A 47  ? 1.73149 1.19446 2.05648 0.57544  0.63638  0.45196  47  LYS A CE  
359 N NZ  . LYS A 47  ? 1.65694 1.05404 1.87477 0.51446  0.62681  0.39131  47  LYS A NZ  
360 N N   . LEU A 48  ? 1.20033 1.45937 2.07535 0.58758  0.47503  0.63294  48  LEU A N   
361 C CA  . LEU A 48  ? 1.26763 1.63579 2.20751 0.57586  0.40394  0.67817  48  LEU A CA  
362 C C   . LEU A 48  ? 1.29391 1.80274 2.30168 0.54881  0.36964  0.69210  48  LEU A C   
363 O O   . LEU A 48  ? 1.22363 1.80791 2.22853 0.49991  0.30604  0.70763  48  LEU A O   
364 C CB  . LEU A 48  ? 1.18331 1.52585 2.04500 0.52140  0.35181  0.66892  48  LEU A CB  
365 C CG  . LEU A 48  ? 1.00680 1.36043 1.79550 0.44843  0.32812  0.62862  48  LEU A CG  
366 C CD1 . LEU A 48  ? 0.80657 1.26813 1.61324 0.39248  0.26020  0.64951  48  LEU A CD1 
367 C CD2 . LEU A 48  ? 1.05276 1.29143 1.74871 0.43035  0.33793  0.58898  48  LEU A CD2 
368 N N   . GLU A 49  ? 1.46215 2.00432 2.53132 0.57923  0.41353  0.68546  49  GLU A N   
369 C CA  . GLU A 49  ? 1.47342 2.15454 2.61778 0.55749  0.37651  0.70027  49  GLU A CA  
370 C C   . GLU A 49  ? 1.45968 2.24041 2.71891 0.58954  0.33463  0.75668  49  GLU A C   
371 O O   . GLU A 49  ? 1.43600 2.33062 2.73900 0.55649  0.28328  0.77466  49  GLU A O   
372 C CB  . GLU A 49  ? 1.52736 2.23174 2.71530 0.57596  0.43249  0.67249  49  GLU A CB  
373 C CG  . GLU A 49  ? 1.41714 2.24934 2.64463 0.53209  0.38975  0.67006  49  GLU A CG  
374 C CD  . GLU A 49  ? 1.46557 2.34915 2.76537 0.55251  0.44388  0.64456  49  GLU A CD  
375 O OE1 . GLU A 49  ? 1.45193 2.26831 2.67431 0.53221  0.48391  0.59778  49  GLU A OE1 
376 O OE2 . GLU A 49  ? 1.50370 2.50081 2.94153 0.58652  0.44540  0.66961  49  GLU A OE2 
377 N N   . ASP A 50  ? 1.42196 2.15419 2.72324 0.65240  0.35170  0.78472  50  ASP A N   
378 C CA  . ASP A 50  ? 1.39264 2.20840 2.80119 0.69040  0.30289  0.84246  50  ASP A CA  
379 C C   . ASP A 50  ? 1.36102 2.16498 2.70251 0.64793  0.23077  0.86657  50  ASP A C   
380 O O   . ASP A 50  ? 1.48270 2.24659 2.83937 0.68912  0.20799  0.90219  50  ASP A O   
381 C CB  . ASP A 50  ? 1.49821 2.25875 2.98466 0.78454  0.35218  0.86253  50  ASP A CB  
382 C CG  . ASP A 50  ? 1.57403 2.37220 3.15797 0.82937  0.42334  0.84434  50  ASP A CG  
383 O OD1 . ASP A 50  ? 1.54431 2.47791 3.21566 0.81346  0.40387  0.84765  50  ASP A OD1 
384 O OD2 . ASP A 50  ? 1.67136 2.35798 3.23835 0.87632  0.50279  0.82259  50  ASP A OD2 
385 N N   . LYS A 51  ? 1.11521 1.94616 2.37743 0.56491  0.19548  0.84567  51  LYS A N   
386 C CA  . LYS A 51  ? 1.07435 1.90443 2.27451 0.51265  0.13229  0.86308  51  LYS A CA  
387 C C   . LYS A 51  ? 1.00209 1.94824 2.21524 0.44905  0.08172  0.87428  51  LYS A C   
388 O O   . LYS A 51  ? 0.95183 1.95068 2.18042 0.42990  0.09904  0.85227  51  LYS A O   
389 C CB  . LYS A 51  ? 0.99820 1.71824 2.07037 0.46800  0.14795  0.81814  51  LYS A CB  
390 C CG  . LYS A 51  ? 1.08302 1.67245 2.12199 0.52254  0.20115  0.80011  51  LYS A CG  
391 C CD  . LYS A 51  ? 1.21687 1.76446 2.28784 0.58070  0.17979  0.84609  51  LYS A CD  
392 C CE  . LYS A 51  ? 1.33738 1.75817 2.39704 0.65096  0.24631  0.83333  51  LYS A CE  
393 N NZ  . LYS A 51  ? 1.34196 1.63018 2.27791 0.62226  0.27873  0.78260  51  LYS A NZ  
394 N N   . SER A 52  ? 1.01215 1.98726 2.20925 0.41458  0.01974  0.90856  52  SER A N   
395 C CA  . SER A 52  ? 0.97195 2.05186 2.17910 0.35237  -0.02668 0.92959  52  SER A CA  
396 C C   . SER A 52  ? 0.84677 1.89585 1.94222 0.26841  -0.01563 0.88687  52  SER A C   
397 O O   . SER A 52  ? 0.79122 1.74190 1.80020 0.25131  0.00601  0.84448  52  SER A O   
398 C CB  . SER A 52  ? 1.04757 2.15858 2.26702 0.34206  -0.09762 0.98297  52  SER A CB  
399 O OG  . SER A 52  ? 1.06508 2.07483 2.18677 0.31721  -0.10821 0.97142  52  SER A OG  
400 N N   . PRO A 53  ? 0.82315 1.95189 1.91846 0.21784  -0.03186 0.89712  53  PRO A N   
401 C CA  . PRO A 53  ? 0.74391 1.82838 1.72426 0.14638  -0.02149 0.85858  53  PRO A CA  
402 C C   . PRO A 53  ? 0.69181 1.72253 1.58699 0.08656  -0.04371 0.85085  53  PRO A C   
403 O O   . PRO A 53  ? 0.60881 1.56328 1.41158 0.05087  -0.02346 0.80644  53  PRO A O   
404 C CB  . PRO A 53  ? 0.76949 1.95279 1.77222 0.11327  -0.04260 0.88222  53  PRO A CB  
405 C CG  . PRO A 53  ? 0.81677 2.10672 1.94018 0.14246  -0.08244 0.94119  53  PRO A CG  
406 C CD  . PRO A 53  ? 0.87250 2.13044 2.07113 0.22789  -0.06072 0.94239  53  PRO A CD  
407 N N   . ALA A 54  ? 0.74059 1.80736 1.66632 0.07610  -0.08881 0.89171  54  ALA A N   
408 C CA  . ALA A 54  ? 0.71150 1.73205 1.56733 0.01861  -0.11249 0.88259  54  ALA A CA  
409 C C   . ALA A 54  ? 0.89801 1.84016 1.75072 0.06330  -0.11272 0.87283  54  ALA A C   
410 O O   . ALA A 54  ? 1.02858 1.94076 1.83981 0.02609  -0.14380 0.87970  54  ALA A O   
411 C CB  . ALA A 54  ? 0.82111 1.91645 1.68926 -0.03071 -0.17086 0.93440  54  ALA A CB  
412 N N   . SER A 55  ? 0.77252 1.67663 1.66317 0.14000  -0.07800 0.86396  55  SER A N   
413 C CA  . SER A 55  ? 0.85193 1.66175 1.72321 0.18558  -0.07045 0.86070  55  SER A CA  
414 C C   . SER A 55  ? 0.73399 1.47053 1.52660 0.14103  -0.04715 0.80513  55  SER A C   
415 O O   . SER A 55  ? 0.63917 1.37318 1.41206 0.12001  -0.01070 0.76181  55  SER A O   
416 C CB  . SER A 55  ? 0.89212 1.67071 1.81890 0.27519  -0.02860 0.86246  55  SER A CB  
417 O OG  . SER A 55  ? 0.97378 1.63624 1.86205 0.31999  -0.01632 0.85912  55  SER A OG  
418 N N   . PRO A 56  ? 1.11707 1.83337 1.28814 0.03216  -0.15631 0.85980  56  PRO A N   
419 C CA  . PRO A 56  ? 1.07787 1.70007 1.17040 -0.01177 -0.12392 0.80357  56  PRO A CA  
420 C C   . PRO A 56  ? 1.05785 1.58386 1.17490 0.04529  -0.07763 0.77391  56  PRO A C   
421 O O   . PRO A 56  ? 0.98763 1.47910 1.07496 0.01155  -0.04935 0.71978  56  PRO A O   
422 C CB  . PRO A 56  ? 1.21382 1.73587 1.19930 -0.04778 -0.13864 0.82640  56  PRO A CB  
423 C CG  . PRO A 56  ? 1.31800 1.92210 1.31216 -0.05549 -0.19047 0.88456  56  PRO A CG  
424 C CD  . PRO A 56  ? 1.26321 1.95256 1.38176 0.02189  -0.19768 0.91584  56  PRO A CD  
425 N N   . GLU A 57  ? 1.08657 1.56282 1.25459 0.12818  -0.06671 0.80315  57  GLU A N   
426 C CA  . GLU A 57  ? 1.05849 1.44266 1.24799 0.17922  -0.01928 0.76823  57  GLU A CA  
427 C C   . GLU A 57  ? 0.93378 1.41063 1.18568 0.17837  -0.00161 0.72905  57  GLU A C   
428 O O   . GLU A 57  ? 0.93214 1.35156 1.15936 0.16519  0.02758  0.68082  57  GLU A O   
429 C CB  . GLU A 57  ? 1.17481 1.49604 1.40724 0.26477  -0.00708 0.80134  57  GLU A CB  
430 C CG  . GLU A 57  ? 1.24758 1.39044 1.43178 0.29771  0.03621  0.77360  57  GLU A CG  
431 C CD  . GLU A 57  ? 1.34655 1.41975 1.55949 0.37516  0.04778  0.80612  57  GLU A CD  
432 O OE1 . GLU A 57  ? 1.37273 1.47419 1.66253 0.43046  0.07829  0.79437  57  GLU A OE1 
433 O OE2 . GLU A 57  ? 1.52553 1.51069 1.67873 0.37847  0.02854  0.84294  57  GLU A OE2 
434 N N   . MET A 58  ? 0.88697 1.50507 1.21472 0.18740  -0.02037 0.75013  58  MET A N   
435 C CA  . MET A 58  ? 0.86503 1.57331 1.24174 0.17964  -0.00577 0.71566  58  MET A CA  
436 C C   . MET A 58  ? 0.68512 1.42159 1.00244 0.10059  -0.01382 0.67458  58  MET A C   
437 O O   . MET A 58  ? 0.60833 1.33437 0.92434 0.09680  0.00980  0.63145  58  MET A O   
438 C CB  . MET A 58  ? 0.76706 1.61974 1.22114 0.18627  -0.02603 0.74697  58  MET A CB  
439 C CG  . MET A 58  ? 0.89913 1.74393 1.43103 0.26352  0.00576  0.75425  58  MET A CG  
440 S SD  . MET A 58  ? 0.94546 1.76748 1.48810 0.27276  0.05447  0.68785  58  MET A SD  
441 C CE  . MET A 58  ? 0.91028 1.87368 1.43800 0.18622  0.02312  0.66756  58  MET A CE  
442 N N   . ILE A 59  ? 0.71857 1.48313 0.97937 0.03434  -0.04427 0.68283  59  ILE A N   
443 C CA  . ILE A 59  ? 0.88962 1.66746 1.08963 -0.04504 -0.04127 0.62797  59  ILE A CA  
444 C C   . ILE A 59  ? 0.77528 1.42350 0.92517 -0.05138 -0.00516 0.58101  59  ILE A C   
445 O O   . ILE A 59  ? 0.76553 1.40858 0.90331 -0.08593 0.01578  0.51578  59  ILE A O   
446 C CB  . ILE A 59  ? 0.81043 1.63273 0.95654 -0.11626 -0.07528 0.63753  59  ILE A CB  
447 C CG1 . ILE A 59  ? 0.75205 1.69645 0.95385 -0.11051 -0.11204 0.69240  59  ILE A CG1 
448 C CG2 . ILE A 59  ? 0.78850 1.62012 0.88219 -0.19171 -0.06562 0.56271  59  ILE A CG2 
449 C CD1 . ILE A 59  ? 0.72933 1.78451 0.91898 -0.18816 -0.13054 0.66791  59  ILE A CD1 
450 N N   . ASP A 60  ? 0.89117 1.42891 1.01430 -0.02159 0.00296  0.60591  60  ASP A N   
451 C CA  . ASP A 60  ? 0.96700 1.38430 1.05425 -0.02635 0.03818  0.56629  60  ASP A CA  
452 C C   . ASP A 60  ? 0.66605 1.06149 0.80066 0.01290  0.06335  0.51799  60  ASP A C   
453 O O   . ASP A 60  ? 0.73007 1.09812 0.85471 -0.01860 0.07977  0.45065  60  ASP A O   
454 C CB  . ASP A 60  ? 0.85347 1.14558 0.90480 0.00653  0.04331  0.60136  60  ASP A CB  
455 C CG  . ASP A 60  ? 1.00946 1.27528 0.98604 -0.05051 0.02798  0.61474  60  ASP A CG  
456 O OD1 . ASP A 60  ? 1.09013 1.26913 1.03037 -0.02493 0.02207  0.65587  60  ASP A OD1 
457 O OD2 . ASP A 60  ? 1.08608 1.40845 1.03490 -0.12037 0.02546  0.57858  60  ASP A OD2 
458 N N   . PHE A 61  ? 0.67306 1.07739 0.86120 0.08291  0.06688  0.54903  61  PHE A N   
459 C CA  . PHE A 61  ? 0.63161 1.00706 0.85190 0.11607  0.09342  0.50054  61  PHE A CA  
460 C C   . PHE A 61  ? 0.55737 1.01751 0.78856 0.07045  0.08869  0.44736  61  PHE A C   
461 O O   . PHE A 61  ? 0.65726 1.06291 0.87465 0.06009  0.10462  0.38693  61  PHE A O   
462 C CB  . PHE A 61  ? 0.65077 1.04564 0.93421 0.19337  0.10458  0.54348  61  PHE A CB  
463 C CG  . PHE A 61  ? 0.59328 0.99802 0.90883 0.21289  0.13021  0.49713  61  PHE A CG  
464 C CD1 . PHE A 61  ? 0.68307 0.95783 0.95921 0.22435  0.16145  0.44673  61  PHE A CD1 
465 C CD2 . PHE A 61  ? 0.57583 1.11625 0.95043 0.21083  0.12167  0.50365  61  PHE A CD2 
466 C CE1 . PHE A 61  ? 0.57667 0.84815 0.86417 0.23562  0.18417  0.40552  61  PHE A CE1 
467 C CE2 . PHE A 61  ? 0.59178 1.13168 0.98345 0.22151  0.14888  0.46033  61  PHE A CE2 
468 C CZ  . PHE A 61  ? 0.52000 0.92107 0.86424 0.23501  0.18038  0.41220  61  PHE A CZ  
469 N N   . ARG A 62  ? 0.51479 1.10210 0.76375 0.03987  0.06431  0.47108  62  ARG A N   
470 C CA  . ARG A 62  ? 0.45554 1.11494 0.70780 -0.00321 0.06366  0.42365  62  ARG A CA  
471 C C   . ARG A 62  ? 0.42720 1.03902 0.63106 -0.05814 0.07185  0.36216  62  ARG A C   
472 O O   . ARG A 62  ? 0.46235 1.03722 0.66104 -0.06296 0.08080  0.29978  62  ARG A O   
473 C CB  . ARG A 62  ? 0.51033 1.31004 0.77833 -0.03606 0.03433  0.46385  62  ARG A CB  
474 C CG  . ARG A 62  ? 0.62496 1.50778 0.96935 0.01777  0.02484  0.51848  62  ARG A CG  
475 C CD  . ARG A 62  ? 0.61743 1.46938 0.99075 0.05341  0.05457  0.47543  62  ARG A CD  
476 N NE  . ARG A 62  ? 0.80196 1.69684 1.23563 0.10616  0.05809  0.51634  62  ARG A NE  
477 C CZ  . ARG A 62  ? 0.74131 1.59900 1.19408 0.13921  0.08775  0.48608  62  ARG A CZ  
478 N NH1 . ARG A 62  ? 0.69837 1.47557 1.11116 0.12681  0.10992  0.42114  62  ARG A NH1 
479 N NH2 . ARG A 62  ? 0.78760 1.68635 1.29834 0.18088  0.09594  0.51922  62  ARG A NH2 
480 N N   . VAL A 63  ? 0.61711 1.20976 0.78044 -0.09479 0.06363  0.36938  63  VAL A N   
481 C CA  . VAL A 63  ? 0.57316 1.11752 0.70239 -0.13886 0.07228  0.29919  63  VAL A CA  
482 C C   . VAL A 63  ? 0.57021 1.03814 0.71579 -0.12253 0.09739  0.27530  63  VAL A C   
483 O O   . VAL A 63  ? 0.54449 0.98930 0.69482 -0.13950 0.10481  0.21359  63  VAL A O   
484 C CB  . VAL A 63  ? 0.70968 1.25479 0.79017 -0.18643 0.06400  0.30714  63  VAL A CB  
485 C CG1 . VAL A 63  ? 0.67767 1.30257 0.73662 -0.21395 0.03469  0.32463  63  VAL A CG1 
486 C CG2 . VAL A 63  ? 0.86454 1.36511 0.93052 -0.17300 0.06647  0.36802  63  VAL A CG2 
487 N N   . GLY A 64  ? 0.46130 0.85396 0.60593 -0.07826 0.09940  0.30574  64  GLY A N   
488 C CA  . GLY A 64  ? 0.56856 0.86124 0.71213 -0.06004 0.11108  0.26811  64  GLY A CA  
489 C C   . GLY A 64  ? 0.41655 0.70116 0.57994 -0.03621 0.11279  0.22946  64  GLY A C   
490 O O   . GLY A 64  ? 0.46016 0.70024 0.62384 -0.04699 0.11233  0.18136  64  GLY A O   
491 N N   . PHE A 65  ? 0.40134 0.73186 0.58227 -0.00607 0.11306  0.25202  65  PHE A N   
492 C CA  . PHE A 65  ? 0.40773 0.72545 0.59407 0.00958  0.11831  0.21697  65  PHE A CA  
493 C C   . PHE A 65  ? 0.43200 0.79508 0.61813 -0.03264 0.11098  0.17186  65  PHE A C   
494 O O   . PHE A 65  ? 0.48250 0.79441 0.65928 -0.03112 0.10947  0.12930  65  PHE A O   
495 C CB  . PHE A 65  ? 0.39902 0.76880 0.61143 0.04532  0.12669  0.25184  65  PHE A CB  
496 C CG  . PHE A 65  ? 0.43713 0.76083 0.64061 0.06694  0.14233  0.22129  65  PHE A CG  
497 C CD1 . PHE A 65  ? 0.42473 0.80154 0.62795 0.04311  0.14061  0.19562  65  PHE A CD1 
498 C CD2 . PHE A 65  ? 0.42198 0.63541 0.60210 0.10449  0.16166  0.21668  65  PHE A CD2 
499 C CE1 . PHE A 65  ? 0.48620 0.80893 0.66638 0.05684  0.15619  0.16882  65  PHE A CE1 
500 C CE2 . PHE A 65  ? 0.45742 0.61771 0.61195 0.11667  0.17852  0.18788  65  PHE A CE2 
501 C CZ  . PHE A 65  ? 0.45775 0.67371 0.61245 0.09305  0.17497  0.16538  65  PHE A CZ  
502 N N   . GLU A 66  ? 0.29962 0.74956 0.48848 -0.07148 0.10640  0.18169  66  GLU A N   
503 C CA  . GLU A 66  ? 0.46043 0.90290 0.62927 -0.10511 0.10050  0.12574  66  GLU A CA  
504 C C   . GLU A 66  ? 0.36376 0.77051 0.54982 -0.11925 0.10854  0.09095  66  GLU A C   
505 O O   . GLU A 66  ? 0.41755 0.80613 0.61215 -0.12412 0.10905  0.04768  66  GLU A O   
506 C CB  . GLU A 66  ? 0.60825 1.08922 0.74628 -0.13653 0.08812  0.13045  66  GLU A CB  
507 C CG  . GLU A 66  ? 0.87767 1.34808 0.98855 -0.15983 0.08769  0.08598  66  GLU A CG  
508 C CD  . GLU A 66  ? 1.13779 1.64723 1.20844 -0.19644 0.07661  0.09236  66  GLU A CD  
509 O OE1 . GLU A 66  ? 1.25907 1.75020 1.31112 -0.22173 0.08677  0.06720  66  GLU A OE1 
510 O OE2 . GLU A 66  ? 1.24943 1.81549 1.30925 -0.20232 0.05761  0.12370  66  GLU A OE2 
511 N N   . GLU A 67  ? 0.40239 0.79467 0.59479 -0.12581 0.11228  0.10982  67  GLU A N   
512 C CA  . GLU A 67  ? 0.38042 0.73182 0.59360 -0.13844 0.11395  0.07276  67  GLU A CA  
513 C C   . GLU A 67  ? 0.39621 0.67635 0.61743 -0.10640 0.09923  0.04737  67  GLU A C   
514 O O   . GLU A 67  ? 0.33368 0.60575 0.58513 -0.11318 0.09156  0.00648  67  GLU A O   
515 C CB  . GLU A 67  ? 0.45523 0.77829 0.65650 -0.15075 0.11879  0.09947  67  GLU A CB  
516 C CG  . GLU A 67  ? 0.61782 0.98400 0.81281 -0.19973 0.13403  0.09587  67  GLU A CG  
517 C CD  . GLU A 67  ? 0.74158 1.06592 0.91451 -0.21738 0.14056  0.12458  67  GLU A CD  
518 O OE1 . GLU A 67  ? 0.70835 0.96118 0.88659 -0.19914 0.13446  0.11808  67  GLU A OE1 
519 O OE2 . GLU A 67  ? 0.84713 1.18445 0.98116 -0.24383 0.14661  0.14910  67  GLU A OE2 
520 N N   . LEU A 68  ? 0.43596 0.66015 0.62944 -0.07143 0.09551  0.07290  68  LEU A N   
521 C CA  . LEU A 68  ? 0.48432 0.63100 0.66160 -0.04762 0.08250  0.05057  68  LEU A CA  
522 C C   . LEU A 68  ? 0.39884 0.56454 0.58254 -0.04986 0.07360  0.01810  68  LEU A C   
523 O O   . LEU A 68  ? 0.34931 0.47923 0.54412 -0.05087 0.05378  -0.01410 68  LEU A O   
524 C CB  . LEU A 68  ? 0.55506 0.64636 0.69471 -0.01158 0.09372  0.08035  68  LEU A CB  
525 C CG  . LEU A 68  ? 0.78843 0.81282 0.90594 0.00139  0.10439  0.10834  68  LEU A CG  
526 C CD1 . LEU A 68  ? 0.63951 0.59274 0.72115 0.04272  0.12356  0.12510  68  LEU A CD1 
527 C CD2 . LEU A 68  ? 0.91753 0.88033 1.02713 -0.02355 0.08933  0.08160  68  LEU A CD2 
528 N N   . ALA A 69  ? 0.30119 0.52145 0.47670 -0.05209 0.08564  0.02871  69  ALA A N   
529 C CA  . ALA A 69  ? 0.40185 0.62098 0.56601 -0.05681 0.08165  -0.00043 69  ALA A CA  
530 C C   . ALA A 69  ? 0.38243 0.61869 0.58055 -0.07659 0.07679  -0.03784 69  ALA A C   
531 O O   . ALA A 69  ? 0.38001 0.57032 0.57720 -0.06682 0.06143  -0.06652 69  ALA A O   
532 C CB  . ALA A 69  ? 0.31962 0.60505 0.46909 -0.06880 0.09764  0.01764  69  ALA A CB  
533 N N   . THR A 70  ? 0.38466 0.68285 0.61231 -0.10336 0.09167  -0.03699 70  THR A N   
534 C CA  . THR A 70  ? 0.28360 0.60584 0.55285 -0.12207 0.10030  -0.07563 70  THR A CA  
535 C C   . THR A 70  ? 0.35381 0.63829 0.67283 -0.10469 0.07820  -0.09757 70  THR A C   
536 O O   . THR A 70  ? 0.38770 0.66409 0.74530 -0.09517 0.07081  -0.13082 70  THR A O   
537 C CB  . THR A 70  ? 0.41278 0.76671 0.66584 -0.14604 0.11527  -0.06005 70  THR A CB  
538 O OG1 . THR A 70  ? 0.39670 0.76347 0.59367 -0.15488 0.11777  -0.03665 70  THR A OG1 
539 C CG2 . THR A 70  ? 0.37898 0.73351 0.65550 -0.15529 0.12728  -0.09625 70  THR A CG2 
540 N N   . GLU A 71  ? 0.35544 0.61562 0.67528 -0.10120 0.06602  -0.07790 71  GLU A N   
541 C CA  . GLU A 71  ? 0.28131 0.51223 0.64486 -0.09467 0.03906  -0.09606 71  GLU A CA  
542 C C   . GLU A 71  ? 0.29177 0.45171 0.63063 -0.06559 0.00299  -0.10455 71  GLU A C   
543 O O   . GLU A 71  ? 0.30276 0.45569 0.69019 -0.05706 -0.02643 -0.12692 71  GLU A O   
544 C CB  . GLU A 71  ? 0.29522 0.49942 0.64235 -0.10642 0.03726  -0.07270 71  GLU A CB  
545 C CG  . GLU A 71  ? 0.57361 0.77573 0.97518 -0.12046 0.01538  -0.09237 71  GLU A CG  
546 C CD  . GLU A 71  ? 0.63370 0.81539 1.01406 -0.14734 0.02669  -0.07227 71  GLU A CD  
547 O OE1 . GLU A 71  ? 0.65977 0.84071 0.99541 -0.15247 0.05414  -0.04261 71  GLU A OE1 
548 O OE2 . GLU A 71  ? 0.70800 0.87226 1.11386 -0.16536 0.00568  -0.08388 71  GLU A OE2 
549 N N   . ILE A 72  ? 0.33756 0.44700 0.60221 -0.05124 0.00446  -0.08532 72  ILE A N   
550 C CA  . ILE A 72  ? 0.36878 0.40123 0.58919 -0.03133 -0.02429 -0.09347 72  ILE A CA  
551 C C   . ILE A 72  ? 0.33908 0.38596 0.58776 -0.02488 -0.03018 -0.11934 72  ILE A C   
552 O O   . ILE A 72  ? 0.39028 0.39043 0.64725 -0.00923 -0.06753 -0.13271 72  ILE A O   
553 C CB  . ILE A 72  ? 0.55410 0.53985 0.69309 -0.02239 -0.00784 -0.07148 72  ILE A CB  
554 C CG1 . ILE A 72  ? 0.39785 0.34207 0.50638 -0.01908 -0.00102 -0.04869 72  ILE A CG1 
555 C CG2 . ILE A 72  ? 0.64708 0.54989 0.72572 -0.01115 -0.03042 -0.08250 72  ILE A CG2 
556 C CD1 . ILE A 72  ? 0.41963 0.33502 0.47064 -0.00459 0.02662  -0.02706 72  ILE A CD1 
557 N N   . GLY A 73  ? 0.37386 0.47795 0.63105 -0.03797 0.00526  -0.12509 73  GLY A N   
558 C CA  . GLY A 73  ? 0.49003 0.59194 0.76368 -0.03330 0.00957  -0.15276 73  GLY A CA  
559 C C   . GLY A 73  ? 0.44828 0.57514 0.81674 -0.02077 -0.00474 -0.17847 73  GLY A C   
560 O O   . GLY A 73  ? 0.48571 0.57178 0.87233 0.00394  -0.02672 -0.19520 73  GLY A O   
561 N N   . LYS A 74  ? 0.32928 0.52431 0.76309 -0.03710 0.00816  -0.18033 74  LYS A N   
562 C CA  . LYS A 74  ? 0.38273 0.62116 0.92604 -0.02767 -0.00161 -0.20555 74  LYS A CA  
563 C C   . LYS A 74  ? 0.40951 0.60028 0.97349 -0.00137 -0.06477 -0.20001 74  LYS A C   
564 O O   . LYS A 74  ? 0.41257 0.60740 1.04847 0.02638  -0.09002 -0.21709 74  LYS A O   
565 C CB  . LYS A 74  ? 0.45496 0.77090 1.05109 -0.06057 0.02669  -0.20675 74  LYS A CB  
566 C CG  . LYS A 74  ? 0.58912 0.93192 1.13182 -0.08883 0.08116  -0.20397 74  LYS A CG  
567 C CD  . LYS A 74  ? 0.65124 1.01995 1.18320 -0.11491 0.09772  -0.18800 74  LYS A CD  
568 C CE  . LYS A 74  ? 0.69811 1.07771 1.16392 -0.14191 0.13627  -0.18043 74  LYS A CE  
569 N NZ  . LYS A 74  ? 0.59774 0.99664 1.05607 -0.16803 0.14944  -0.16620 74  LYS A NZ  
570 N N   . ALA A 75  ? 0.44595 0.58663 0.94423 -0.00989 -0.09182 -0.17492 75  ALA A N   
571 C CA  . ALA A 75  ? 0.43792 0.52060 0.92978 0.00429  -0.15533 -0.16861 75  ALA A CA  
572 C C   . ALA A 75  ? 0.44463 0.44793 0.88390 0.03362  -0.18422 -0.16862 75  ALA A C   
573 O O   . ALA A 75  ? 0.52358 0.50202 0.99618 0.05386  -0.23974 -0.16951 75  ALA A O   
574 C CB  . ALA A 75  ? 0.41633 0.43955 0.82387 -0.01631 -0.16759 -0.14594 75  ALA A CB  
575 N N   . ILE A 76  ? 0.48623 0.45057 0.84351 0.03330  -0.14991 -0.16549 76  ILE A N   
576 C CA  . ILE A 76  ? 0.50015 0.37675 0.79095 0.05322  -0.17049 -0.16578 76  ILE A CA  
577 C C   . ILE A 76  ? 0.61661 0.51394 0.99317 0.08220  -0.17710 -0.18713 76  ILE A C   
578 O O   . ILE A 76  ? 0.58510 0.41363 0.95109 0.10993  -0.22486 -0.18349 76  ILE A O   
579 C CB  . ILE A 76  ? 0.56233 0.40893 0.75554 0.03706  -0.12515 -0.16029 76  ILE A CB  
580 C CG1 . ILE A 76  ? 0.51015 0.31223 0.61574 0.02186  -0.12370 -0.13771 76  ILE A CG1 
581 C CG2 . ILE A 76  ? 0.66236 0.42702 0.79592 0.05016  -0.13255 -0.16786 76  ILE A CG2 
582 C CD1 . ILE A 76  ? 0.49931 0.30149 0.53627 0.00631  -0.07740 -0.13034 76  ILE A CD1 
583 N N   . LYS A 77  ? 0.46364 0.44764 0.92025 0.07669  -0.12691 -0.20897 77  LYS A N   
584 C CA  . LYS A 77  ? 0.48654 0.49062 1.03647 0.10816  -0.12114 -0.23419 77  LYS A CA  
585 C C   . LYS A 77  ? 0.63901 0.68134 1.30666 0.13717  -0.17768 -0.23256 77  LYS A C   
586 O O   . LYS A 77  ? 0.70153 0.71391 1.42053 0.18022  -0.20990 -0.23662 77  LYS A O   
587 C CB  . LYS A 77  ? 0.44202 0.52876 1.04700 0.08830  -0.04813 -0.26233 77  LYS A CB  
588 C CG  . LYS A 77  ? 0.64899 0.75840 1.36502 0.12421  -0.03063 -0.29413 77  LYS A CG  
589 C CD  . LYS A 77  ? 0.71642 0.84661 1.42047 0.10046  0.05058  -0.32639 77  LYS A CD  
590 C CE  . LYS A 77  ? 0.77534 0.84449 1.50019 0.13878  0.06767  -0.34948 77  LYS A CE  
591 N NZ  . LYS A 77  ? 0.77568 0.83115 1.43432 0.10141  0.14453  -0.37556 77  LYS A NZ  
592 N N   . LEU A 78  ? 0.59328 0.70167 1.30648 0.11332  -0.19261 -0.22464 78  LEU A N   
593 C CA  . LEU A 78  ? 0.47697 0.62903 1.29818 0.13068  -0.25499 -0.22018 78  LEU A CA  
594 C C   . LEU A 78  ? 0.56173 0.60972 1.31147 0.15286  -0.33542 -0.19437 78  LEU A C   
595 O O   . LEU A 78  ? 0.71217 0.76566 1.53411 0.18556  -0.38407 -0.18939 78  LEU A O   
596 C CB  . LEU A 78  ? 0.48416 0.70312 1.33435 0.08807  -0.25778 -0.21480 78  LEU A CB  
597 C CG  . LEU A 78  ? 0.54564 0.85582 1.45014 0.05982  -0.18304 -0.23252 78  LEU A CG  
598 C CD1 . LEU A 78  ? 0.57904 0.92436 1.48667 0.02192  -0.19214 -0.21922 78  LEU A CD1 
599 C CD2 . LEU A 78  ? 0.54960 0.90811 1.54871 0.08620  -0.15228 -0.25513 78  LEU A CD2 
600 N N   . ALA A 79  ? 0.65423 0.60074 1.24603 0.12964  -0.34357 -0.17498 79  ALA A N   
601 C CA  . ALA A 79  ? 0.76719 0.59902 1.26346 0.13991  -0.41478 -0.15113 79  ALA A CA  
602 C C   . ALA A 79  ? 0.94830 0.69907 1.40897 0.17842  -0.42116 -0.15095 79  ALA A C   
603 O O   . ALA A 79  ? 1.10438 0.75919 1.49924 0.19273  -0.48805 -0.12918 79  ALA A O   
604 C CB  . ALA A 79  ? 0.85262 0.59498 1.18727 0.10114  -0.40744 -0.13578 79  ALA A CB  
605 N N   . ALA A 80  ? 0.72003 0.49486 1.20791 0.19007  -0.35370 -0.17385 80  ALA A N   
606 C CA  . ALA A 80  ? 0.79606 0.48866 1.24037 0.21924  -0.34755 -0.17592 80  ALA A CA  
607 C C   . ALA A 80  ? 0.93912 0.68759 1.51411 0.26034  -0.36073 -0.18074 80  ALA A C   
608 O O   . ALA A 80  ? 1.05569 0.72995 1.59104 0.28559  -0.39400 -0.16337 80  ALA A O   
609 C CB  . ALA A 80  ? 0.76243 0.44347 1.14970 0.19954  -0.26414 -0.19883 80  ALA A CB  
610 N N   . LEU A 81  ? 0.82560 0.70363 1.55107 0.26414  -0.32991 -0.20258 81  LEU A N   
611 C CA  . LEU A 81  ? 0.83026 0.77094 1.68483 0.29970  -0.33060 -0.20787 81  LEU A CA  
612 C C   . LEU A 81  ? 0.96578 0.92075 1.86793 0.31353  -0.41654 -0.17869 81  LEU A C   
613 O O   . LEU A 81  ? 0.89383 0.92181 1.92112 0.34221  -0.41987 -0.18014 81  LEU A O   
614 C CB  . LEU A 81  ? 0.75608 0.82634 1.73381 0.28565  -0.26244 -0.23979 81  LEU A CB  
615 C CG  . LEU A 81  ? 0.68498 0.75224 1.63383 0.27228  -0.17028 -0.27257 81  LEU A CG  
616 C CD1 . LEU A 81  ? 0.62118 0.81059 1.66878 0.24454  -0.10965 -0.29928 81  LEU A CD1 
617 C CD2 . LEU A 81  ? 0.78209 0.77251 1.70704 0.31037  -0.14488 -0.27874 81  LEU A CD2 
618 N N   . GLY A 82  ? 1.06374 0.94977 1.86493 0.29116  -0.48297 -0.15236 82  GLY A N   
619 C CA  . GLY A 82  ? 1.05675 0.93707 1.87174 0.29364  -0.56644 -0.12328 82  GLY A CA  
620 C C   . GLY A 82  ? 1.07831 1.04035 1.94251 0.25458  -0.59108 -0.11996 82  GLY A C   
621 O O   . GLY A 82  ? 1.20821 1.12818 2.01718 0.23516  -0.66111 -0.09377 82  GLY A O   
622 N N   . LYS A 83  ? 0.96917 1.03796 1.91953 0.23612  -0.53064 -0.14521 83  LYS A N   
623 C CA  . LYS A 83  ? 0.95005 1.10268 1.95000 0.19648  -0.54179 -0.14244 83  LYS A CA  
624 C C   . LYS A 83  ? 0.79266 0.86939 1.65678 0.15024  -0.56998 -0.12816 83  LYS A C   
625 O O   . LYS A 83  ? 0.71679 0.79712 1.54018 0.12429  -0.52136 -0.14165 83  LYS A O   
626 C CB  . LYS A 83  ? 0.84838 1.11633 1.94717 0.18312  -0.45917 -0.17281 83  LYS A CB  
627 C CG  . LYS A 83  ? 0.71349 1.01862 1.89831 0.22430  -0.40322 -0.19593 83  LYS A CG  
628 C CD  . LYS A 83  ? 0.62301 1.02024 1.86914 0.19941  -0.31693 -0.22632 83  LYS A CD  
629 C CE  . LYS A 83  ? 0.63861 1.05312 1.94666 0.23412  -0.25548 -0.25195 83  LYS A CE  
630 N NZ  . LYS A 83  ? 0.59295 1.08816 1.94673 0.20344  -0.17254 -0.28106 83  LYS A NZ  
631 N N   . VAL A 84  ? 0.92499 0.93086 1.71286 0.13671  -0.64485 -0.10012 84  VAL A N   
632 C CA  . VAL A 84  ? 1.01910 0.92729 1.65213 0.09159  -0.66441 -0.08757 84  VAL A CA  
633 C C   . VAL A 84  ? 1.04355 1.01877 1.69547 0.04250  -0.64352 -0.09236 84  VAL A C   
634 O O   . VAL A 84  ? 1.07989 0.98893 1.61619 0.00682  -0.62450 -0.09191 84  VAL A O   
635 C CB  . VAL A 84  ? 1.08079 0.87232 1.59863 0.08358  -0.74222 -0.05720 84  VAL A CB  
636 C CG1 . VAL A 84  ? 1.12192 0.90079 1.68854 0.13318  -0.77493 -0.04795 84  VAL A CG1 
637 C CG2 . VAL A 84  ? 1.12112 0.94367 1.64196 0.04151  -0.78620 -0.04088 84  VAL A CG2 
638 N N   . LYS A 85  ? 0.99216 1.09323 1.77971 0.03817  -0.64079 -0.09758 85  LYS A N   
639 C CA  . LYS A 85  ? 0.98009 1.13960 1.77599 -0.01468 -0.62373 -0.10170 85  LYS A CA  
640 C C   . LYS A 85  ? 0.84346 1.08337 1.70219 -0.02313 -0.53968 -0.12718 85  LYS A C   
641 O O   . LYS A 85  ? 0.72062 0.95091 1.52239 -0.06831 -0.50978 -0.13078 85  LYS A O   
642 C CB  . LYS A 85  ? 0.96583 1.21993 1.86089 -0.02581 -0.67129 -0.09183 85  LYS A CB  
643 C CG  . LYS A 85  ? 1.06170 1.24185 1.89276 -0.02385 -0.75868 -0.06243 85  LYS A CG  
644 C CD  . LYS A 85  ? 1.14732 1.43596 2.07524 -0.04486 -0.80831 -0.05168 85  LYS A CD  
645 C CE  . LYS A 85  ? 1.23274 1.45253 2.10126 -0.04158 -0.89868 -0.01900 85  LYS A CE  
646 N NZ  . LYS A 85  ? 1.31840 1.65483 2.28182 -0.06664 -0.95291 -0.00716 85  LYS A NZ  
647 N N   . GLU A 86  ? 0.71194 1.02127 1.67674 0.01663  -0.49783 -0.14454 86  GLU A N   
648 C CA  . GLU A 86  ? 0.63994 1.00544 1.63646 0.00587  -0.41372 -0.16721 86  GLU A CA  
649 C C   . GLU A 86  ? 0.59854 0.87795 1.47902 -0.00240 -0.38424 -0.16797 86  GLU A C   
650 O O   . GLU A 86  ? 0.57968 0.87710 1.43430 -0.03334 -0.33019 -0.17441 86  GLU A O   
651 C CB  . GLU A 86  ? 0.63485 1.07017 1.74566 0.04796  -0.37336 -0.18724 86  GLU A CB  
652 C CG  . GLU A 86  ? 0.60171 1.11439 1.75793 0.02721  -0.28946 -0.20983 86  GLU A CG  
653 C CD  . GLU A 86  ? 0.69652 1.28654 1.97585 0.06018  -0.25700 -0.22977 86  GLU A CD  
654 O OE1 . GLU A 86  ? 0.72301 1.33906 2.08175 0.09357  -0.30515 -0.22192 86  GLU A OE1 
655 O OE2 . GLU A 86  ? 0.67937 1.29954 1.97015 0.05175  -0.18342 -0.25181 86  GLU A OE2 
656 N N   . ALA A 87  ? 0.66399 0.84694 1.46771 0.02294  -0.42143 -0.15869 87  ALA A N   
657 C CA  . ALA A 87  ? 0.68780 0.78877 1.37506 0.01143  -0.40154 -0.15741 87  ALA A CA  
658 C C   . ALA A 87  ? 0.73176 0.77468 1.31675 -0.03621 -0.40744 -0.14463 87  ALA A C   
659 O O   . ALA A 87  ? 0.72672 0.74436 1.25036 -0.05525 -0.35817 -0.14593 87  ALA A O   
660 C CB  . ALA A 87  ? 0.61393 0.60991 1.21487 0.04282  -0.43918 -0.14778 87  ALA A CB  
661 N N   . GLN A 88  ? 0.79084 0.80651 1.34854 -0.05595 -0.46054 -0.13016 88  GLN A N   
662 C CA  . GLN A 88  ? 0.81445 0.76236 1.26483 -0.10435 -0.45953 -0.12149 88  GLN A CA  
663 C C   . GLN A 88  ? 0.74479 0.77283 1.25568 -0.13953 -0.41318 -0.13166 88  GLN A C   
664 O O   . GLN A 88  ? 0.86128 0.82631 1.28586 -0.17207 -0.38365 -0.12955 88  GLN A O   
665 C CB  . GLN A 88  ? 0.98632 0.88236 1.38157 -0.12294 -0.52734 -0.10465 88  GLN A CB  
666 C CG  . GLN A 88  ? 1.09007 0.86631 1.37113 -0.10190 -0.56767 -0.08894 88  GLN A CG  
667 C CD  . GLN A 88  ? 1.22745 0.97666 1.48734 -0.11359 -0.64209 -0.06930 88  GLN A CD  
668 O OE1 . GLN A 88  ? 1.16977 1.02120 1.55874 -0.10448 -0.67581 -0.06796 88  GLN A OE1 
669 N NE2 . GLN A 88  ? 1.39391 1.00739 1.48901 -0.13500 -0.66240 -0.05315 88  GLN A NE2 
670 N N   . ALA A 89  ? 0.64277 0.79779 1.29131 -0.13381 -0.40105 -0.14212 89  ALA A N   
671 C CA  . ALA A 89  ? 0.66229 0.88902 1.35539 -0.16981 -0.34802 -0.15179 89  ALA A CA  
672 C C   . ALA A 89  ? 0.67124 0.88611 1.33768 -0.16392 -0.28271 -0.15620 89  ALA A C   
673 O O   . ALA A 89  ? 0.72054 0.90352 1.33350 -0.20009 -0.24990 -0.15231 89  ALA A O   
674 C CB  . ALA A 89  ? 0.63865 0.99825 1.47269 -0.16306 -0.34063 -0.16258 89  ALA A CB  
675 N N   . ALA A 90  ? 0.62533 0.86029 1.32502 -0.12066 -0.26381 -0.16329 90  ALA A N   
676 C CA  . ALA A 90  ? 0.50424 0.72849 1.16824 -0.11779 -0.20769 -0.16470 90  ALA A CA  
677 C C   . ALA A 90  ? 0.48699 0.59290 1.01418 -0.12415 -0.20870 -0.14544 90  ALA A C   
678 O O   . ALA A 90  ? 0.48899 0.57866 0.96255 -0.13144 -0.15798 -0.13306 90  ALA A O   
679 C CB  . ALA A 90  ? 0.39959 0.65227 1.10361 -0.07585 -0.19072 -0.17711 90  ALA A CB  
680 N N   . ALA A 91  ? 0.61295 0.62834 1.06585 -0.11843 -0.25989 -0.13751 91  ALA A N   
681 C CA  . ALA A 91  ? 0.75851 0.64912 1.06431 -0.12062 -0.24706 -0.11988 91  ALA A CA  
682 C C   . ALA A 91  ? 0.87189 0.71655 1.12735 -0.16077 -0.23099 -0.11259 91  ALA A C   
683 O O   . ALA A 91  ? 0.84422 0.61758 1.01126 -0.15651 -0.18818 -0.09740 91  ALA A O   
684 C CB  . ALA A 91  ? 0.78783 0.58326 1.01342 -0.11171 -0.30250 -0.11669 91  ALA A CB  
685 N N   . GLU A 92  ? 0.81856 0.70198 1.13133 -0.20000 -0.26318 -0.12251 92  GLU A N   
686 C CA  . GLU A 92  ? 0.82614 0.65933 1.08613 -0.24546 -0.24156 -0.11745 92  GLU A CA  
687 C C   . GLU A 92  ? 0.88372 0.77246 1.17975 -0.24805 -0.17686 -0.11063 92  GLU A C   
688 O O   . GLU A 92  ? 0.91299 0.72226 1.12452 -0.25927 -0.13863 -0.09390 92  GLU A O   
689 C CB  . GLU A 92  ? 0.95208 0.82482 1.25355 -0.29006 -0.28455 -0.12827 92  GLU A CB  
690 C CG  . GLU A 92  ? 1.22447 1.00203 1.42184 -0.29822 -0.33011 -0.12360 92  GLU A CG  
691 C CD  . GLU A 92  ? 1.49882 1.31954 1.72460 -0.34438 -0.36443 -0.13089 92  GLU A CD  
692 O OE1 . GLU A 92  ? 1.52290 1.44606 1.84624 -0.37123 -0.34748 -0.14185 92  GLU A OE1 
693 O OE2 . GLU A 92  ? 1.66043 1.41413 1.80686 -0.35710 -0.40573 -0.12571 92  GLU A OE2 
694 N N   . GLN A 93  ? 0.70483 0.72046 1.11838 -0.23749 -0.16217 -0.12223 93  GLN A N   
695 C CA  . GLN A 93  ? 0.67603 0.73519 1.10184 -0.24225 -0.10159 -0.11322 93  GLN A CA  
696 C C   . GLN A 93  ? 0.73415 0.72937 1.06888 -0.20456 -0.06908 -0.08740 93  GLN A C   
697 O O   . GLN A 93  ? 0.77931 0.73926 1.06071 -0.21116 -0.03112 -0.06376 93  GLN A O   
698 C CB  . GLN A 93  ? 0.83596 1.03101 1.39041 -0.23880 -0.08705 -0.13571 93  GLN A CB  
699 C CG  . GLN A 93  ? 1.01661 1.26239 1.57894 -0.26269 -0.02908 -0.12975 93  GLN A CG  
700 C CD  . GLN A 93  ? 1.09530 1.43555 1.71870 -0.24328 -0.00776 -0.14230 93  GLN A CD  
701 O OE1 . GLN A 93  ? 1.13296 1.50580 1.81240 -0.21233 -0.03174 -0.15858 93  GLN A OE1 
702 N NE2 . GLN A 93  ? 1.05507 1.42345 1.66104 -0.26146 0.03759  -0.13448 93  GLN A NE2 
703 N N   . LEU A 94  ? 0.61181 0.59168 0.92958 -0.16527 -0.08533 -0.08927 94  LEU A N   
704 C CA  . LEU A 94  ? 0.56543 0.49174 0.80419 -0.13244 -0.05822 -0.06665 94  LEU A CA  
705 C C   . LEU A 94  ? 0.76256 0.56740 0.89823 -0.13373 -0.04841 -0.04741 94  LEU A C   
706 O O   . LEU A 94  ? 0.67517 0.45135 0.76593 -0.11227 -0.01142 -0.02172 94  LEU A O   
707 C CB  . LEU A 94  ? 0.58692 0.50637 0.81811 -0.10095 -0.08009 -0.07670 94  LEU A CB  
708 C CG  . LEU A 94  ? 0.69541 0.57388 0.85667 -0.07071 -0.05518 -0.05952 94  LEU A CG  
709 C CD1 . LEU A 94  ? 0.47884 0.43330 0.66559 -0.06592 -0.01294 -0.04252 94  LEU A CD1 
710 C CD2 . LEU A 94  ? 0.70434 0.56712 0.85550 -0.05239 -0.08252 -0.07484 94  LEU A CD2 
711 N N   . LYS A 95  ? 0.67324 0.40448 0.77042 -0.15846 -0.08111 -0.05932 95  LYS A N   
712 C CA  . LYS A 95  ? 0.79616 0.39283 0.78311 -0.16614 -0.06494 -0.04734 95  LYS A CA  
713 C C   . LYS A 95  ? 0.92694 0.51100 0.90604 -0.18242 -0.02527 -0.02792 95  LYS A C   
714 O O   . LYS A 95  ? 0.89060 0.38680 0.79690 -0.16131 0.01250  -0.00495 95  LYS A O   
715 C CB  . LYS A 95  ? 1.00985 0.53304 0.95048 -0.20470 -0.11287 -0.06708 95  LYS A CB  
716 C CG  . LYS A 95  ? 1.20276 0.56622 1.00323 -0.20302 -0.10415 -0.06549 95  LYS A CG  
717 C CD  . LYS A 95  ? 1.18276 0.45511 0.91257 -0.20669 -0.05168 -0.05043 95  LYS A CD  
718 C CE  . LYS A 95  ? 1.38772 0.56966 1.01504 -0.18932 -0.03189 -0.05160 95  LYS A CE  
719 N NZ  . LYS A 95  ? 1.45441 0.56151 1.02606 -0.18140 0.01939  -0.03758 95  LYS A NZ  
720 N N   . THR A 96  ? 0.93958 0.60711 0.99349 -0.21936 -0.03096 -0.03621 96  THR A N   
721 C CA  . THR A 96  ? 0.94879 0.60782 0.99078 -0.23879 0.00780  -0.01475 96  THR A CA  
722 C C   . THR A 96  ? 0.85539 0.54108 0.89306 -0.19445 0.04454  0.01831  96  THR A C   
723 O O   . THR A 96  ? 0.97942 0.58640 0.95370 -0.17874 0.07553  0.05060  96  THR A O   
724 C CB  . THR A 96  ? 0.83332 0.59867 0.96613 -0.28814 0.00139  -0.03318 96  THR A CB  
725 O OG1 . THR A 96  ? 0.93781 0.67401 1.07036 -0.33793 -0.03115 -0.05631 96  THR A OG1 
726 C CG2 . THR A 96  ? 0.91339 0.68013 1.02919 -0.30803 0.04448  -0.00789 96  THR A CG2 
727 N N   . THR A 97  ? 0.73071 0.52574 0.83552 -0.17423 0.03982  0.01208  97  THR A N   
728 C CA  . THR A 97  ? 0.62107 0.45902 0.72531 -0.14244 0.06718  0.04344  97  THR A CA  
729 C C   . THR A 97  ? 0.83858 0.59697 0.88017 -0.09408 0.08121  0.06822  97  THR A C   
730 O O   . THR A 97  ? 0.85082 0.59686 0.87109 -0.06981 0.10701  0.10763  97  THR A O   
731 C CB  . THR A 97  ? 0.52185 0.47687 0.69585 -0.13802 0.05960  0.02474  97  THR A CB  
732 O OG1 . THR A 97  ? 0.67406 0.70087 0.91641 -0.17863 0.05439  -0.00380 97  THR A OG1 
733 C CG2 . THR A 97  ? 0.51562 0.52700 0.68629 -0.12245 0.08327  0.05670  97  THR A CG2 
734 N N   . VAL A 98  ? 0.73401 0.43884 0.74726 -0.07974 0.06500  0.04678  98  VAL A N   
735 C CA  . VAL A 98  ? 0.72140 0.34973 0.67618 -0.03796 0.08637  0.06186  98  VAL A CA  
736 C C   . VAL A 98  ? 0.88345 0.38772 0.76871 -0.03172 0.11518  0.08204  98  VAL A C   
737 O O   . VAL A 98  ? 0.92212 0.39515 0.78915 0.01153  0.14984  0.11312  98  VAL A O   
738 C CB  . VAL A 98  ? 0.74673 0.33105 0.66888 -0.03704 0.06234  0.03051  98  VAL A CB  
739 C CG1 . VAL A 98  ? 0.82506 0.28849 0.66103 -0.01016 0.09207  0.03666  98  VAL A CG1 
740 C CG2 . VAL A 98  ? 0.63676 0.32098 0.61099 -0.02533 0.04889  0.02093  98  VAL A CG2 
741 N N   . ASN A 99  ? 0.97503 0.40549 0.82281 -0.07468 0.10250  0.06462  99  ASN A N   
742 C CA  . ASN A 99  ? 1.08431 0.37920 0.85349 -0.07722 0.13324  0.08102  99  ASN A CA  
743 C C   . ASN A 99  ? 1.18598 0.50605 0.97585 -0.05370 0.16235  0.12697  99  ASN A C   
744 O O   . ASN A 99  ? 1.27581 0.51210 1.02403 -0.01061 0.19862  0.15727  99  ASN A O   
745 C CB  . ASN A 99  ? 1.20434 0.44164 0.93967 -0.14352 0.11032  0.05481  99  ASN A CB  
746 C CG  . ASN A 99  ? 1.28578 0.46221 0.96854 -0.16304 0.08139  0.01928  99  ASN A CG  
747 O OD1 . ASN A 99  ? 1.35422 0.49966 0.99846 -0.12542 0.09216  0.01564  99  ASN A OD1 
748 N ND2 . ASN A 99  ? 1.28225 0.47311 0.97538 -0.22228 0.04175  -0.00614 99  ASN A ND2 
749 N N   . ALA A 100 ? 1.09983 0.53286 0.95261 -0.08162 0.14723  0.13339  100 ALA A N   
750 C CA  . ALA A 100 ? 1.07956 0.53259 0.93750 -0.06884 0.16741  0.18099  100 ALA A CA  
751 C C   . ALA A 100 ? 1.00134 0.49896 0.88477 -0.00292 0.18166  0.21895  100 ALA A C   
752 O O   . ALA A 100 ? 1.10096 0.53277 0.95660 0.03816  0.20690  0.26294  100 ALA A O   
753 C CB  . ALA A 100 ? 0.96587 0.53720 0.87890 -0.11766 0.15187  0.17486  100 ALA A CB  
754 N N   . HIS A 101 ? 0.84420 0.45326 0.78386 0.00831  0.16589  0.20330  101 HIS A N   
755 C CA  . HIS A 101 ? 0.83847 0.51423 0.81313 0.06007  0.17641  0.23801  101 HIS A CA  
756 C C   . HIS A 101 ? 1.04483 0.62133 0.98719 0.11586  0.20863  0.25021  101 HIS A C   
757 O O   . HIS A 101 ? 1.06576 0.66721 1.03584 0.16651  0.22696  0.29545  101 HIS A O   
758 C CB  . HIS A 101 ? 0.77720 0.57245 0.80314 0.05149  0.15690  0.21165  101 HIS A CB  
759 C CG  . HIS A 101 ? 0.73529 0.61409 0.80038 0.09187  0.16516  0.24376  101 HIS A CG  
760 N ND1 . HIS A 101 ? 0.67052 0.66026 0.77342 0.08522  0.15434  0.27985  101 HIS A ND1 
761 C CD2 . HIS A 101 ? 0.65655 0.52947 0.72873 0.13320  0.18337  0.24503  101 HIS A CD2 
762 C CE1 . HIS A 101 ? 0.58955 0.64782 0.72929 0.12058  0.16012  0.30353  101 HIS A CE1 
763 N NE2 . HIS A 101 ? 0.61154 0.60351 0.73849 0.15144  0.18119  0.28200  101 HIS A NE2 
764 N N   . TRP A 102 ? 1.14440 0.61026 1.02953 0.10676  0.21680  0.21096  102 TRP A N   
765 C CA  . TRP A 102 ? 1.08108 0.45841 0.92767 0.15063  0.25230  0.20849  102 TRP A CA  
766 C C   . TRP A 102 ? 1.30804 0.60912 1.11968 0.16436  0.27091  0.22564  102 TRP A C   
767 O O   . TRP A 102 ? 1.18379 0.49218 1.01786 0.21622  0.29853  0.25153  102 TRP A O   
768 C CB  . TRP A 102 ? 1.20360 0.50904 0.98794 0.12146  0.24451  0.15312  102 TRP A CB  
769 C CG  . TRP A 102 ? 1.42178 0.66120 1.15944 0.14882  0.28004  0.13815  102 TRP A CG  
770 C CD1 . TRP A 102 ? 1.34692 0.62384 1.11669 0.19735  0.31625  0.15211  102 TRP A CD1 
771 C CD2 . TRP A 102 ? 1.35106 0.47812 1.00185 0.12459  0.28888  0.10835  102 TRP A CD2 
772 N NE1 . TRP A 102 ? 1.34259 0.53008 1.04888 0.20493  0.35259  0.13202  102 TRP A NE1 
773 C CE2 . TRP A 102 ? 1.46570 0.55865 1.09326 0.16069  0.33599  0.10541  102 TRP A CE2 
774 C CE3 . TRP A 102 ? 1.32457 0.38066 0.91625 0.07283  0.26439  0.08580  102 TRP A CE3 
775 C CZ2 . TRP A 102 ? 1.69941 0.68143 1.23663 0.14653  0.36179  0.08092  102 TRP A CZ2 
776 C CZ3 . TRP A 102 ? 1.52916 0.48296 1.03393 0.05892  0.28446  0.06262  102 TRP A CZ3 
777 C CH2 . TRP A 102 ? 1.71487 0.62795 1.18787 0.09553  0.33404  0.06022  102 TRP A CH2 
778 N N   . GLN A 103 ? 1.45706 0.68566 1.21791 0.11723  0.25747  0.21296  103 GLN A N   
779 C CA  . GLN A 103 ? 1.57210 0.71259 1.28799 0.12439  0.27536  0.22735  103 GLN A CA  
780 C C   . GLN A 103 ? 1.68279 0.87234 1.44246 0.15911  0.27756  0.28578  103 GLN A C   
781 O O   . GLN A 103 ? 1.78938 0.90858 1.52138 0.18317  0.29551  0.30586  103 GLN A O   
782 C CB  . GLN A 103 ? 1.65500 0.72115 1.31114 0.05660  0.25837  0.20196  103 GLN A CB  
783 C CG  . GLN A 103 ? 1.92800 0.86988 1.50801 0.05403  0.28190  0.19333  103 GLN A CG  
784 C CD  . GLN A 103 ? 2.10450 1.01327 1.67593 0.05994  0.28921  0.23516  103 GLN A CD  
785 O OE1 . GLN A 103 ? 2.21643 1.19522 1.82922 0.05126  0.27139  0.26869  103 GLN A OE1 
786 N NE2 . GLN A 103 ? 2.10917 0.90517 1.61784 0.07164  0.31696  0.23460  103 GLN A NE2 
787 N N   . LYS A 104 ? 1.50760 0.81613 1.33101 0.16050  0.25802  0.31587  104 LYS A N   
788 C CA  . LYS A 104 ? 1.35556 0.72334 1.21644 0.19099  0.25156  0.37546  104 LYS A CA  
789 C C   . LYS A 104 ? 1.33247 0.74364 1.24797 0.26458  0.27083  0.39984  104 LYS A C   
790 O O   . LYS A 104 ? 1.34748 0.75614 1.27695 0.29965  0.27131  0.44380  104 LYS A O   
791 C CB  . LYS A 104 ? 1.16390 0.65684 1.06829 0.15891  0.22434  0.40111  104 LYS A CB  
792 C CG  . LYS A 104 ? 1.15305 0.70244 1.07193 0.16768  0.20597  0.46142  104 LYS A CG  
793 C CD  . LYS A 104 ? 1.10976 0.76337 1.04064 0.10812  0.18316  0.47469  104 LYS A CD  
794 C CE  . LYS A 104 ? 1.32369 1.01988 1.24344 0.10319  0.15930  0.53052  104 LYS A CE  
795 N NZ  . LYS A 104 ? 1.21603 1.01136 1.13142 0.03166  0.14159  0.53314  104 LYS A NZ  
796 N N   . TYR A 105 ? 1.28706 0.73682 1.23414 0.28643  0.28774  0.37353  105 TYR A N   
797 C CA  . TYR A 105 ? 1.28905 0.79710 1.29976 0.34959  0.31261  0.39631  105 TYR A CA  
798 C C   . TYR A 105 ? 1.36268 0.79998 1.34202 0.36259  0.35432  0.35022  105 TYR A C   
799 O O   . TYR A 105 ? 1.38049 0.88856 1.41236 0.39189  0.37427  0.35125  105 TYR A O   
800 C CB  . TYR A 105 ? 1.16455 0.84271 1.26546 0.36019  0.29065  0.42709  105 TYR A CB  
801 C CG  . TYR A 105 ? 1.00244 0.76062 1.11307 0.31890  0.24608  0.45558  105 TYR A CG  
802 C CD1 . TYR A 105 ? 1.03776 0.84643 1.16921 0.32659  0.22136  0.51035  105 TYR A CD1 
803 C CD2 . TYR A 105 ? 0.92098 0.70388 1.01511 0.26805  0.22950  0.42864  105 TYR A CD2 
804 C CE1 . TYR A 105 ? 0.99391 0.87429 1.11793 0.27741  0.18400  0.53385  105 TYR A CE1 
805 C CE2 . TYR A 105 ? 0.85644 0.72532 0.95458 0.21612  0.19405  0.44066  105 TYR A CE2 
806 C CZ  . TYR A 105 ? 0.96529 0.87508 1.07254 0.22283  0.17590  0.50334  105 TYR A CZ  
807 O OH  . TYR A 105 ? 0.96053 0.94898 1.05580 0.16188  0.14541  0.50935  105 TYR A OH  
808 N N   . ARG A 106 ? 1.54104 0.84018 1.42909 0.33465  0.36825  0.31058  106 ARG A N   
809 C CA  . ARG A 106 ? 1.58554 0.81471 1.42363 0.33229  0.40333  0.26522  106 ARG A CA  
810 C C   . ARG A 106 ? 1.72743 0.92426 1.58144 0.38925  0.45702  0.28125  106 ARG A C   
811 O O   . ARG A 106 ? 1.77594 0.99815 1.65002 0.40895  0.48960  0.26986  106 ARG A O   
812 C CB  . ARG A 106 ? 1.62935 0.73549 1.36242 0.27494  0.39377  0.21966  106 ARG A CB  
813 C CG  . ARG A 106 ? 1.79853 0.82017 1.48818 0.26231  0.38984  0.23367  106 ARG A CG  
814 C CD  . ARG A 106 ? 1.97153 0.89324 1.56640 0.19753  0.37661  0.18868  106 ARG A CD  
815 N NE  . ARG A 106 ? 2.14590 0.99076 1.67283 0.19384  0.40913  0.15123  106 ARG A NE  
816 C CZ  . ARG A 106 ? 2.19006 0.95678 1.62987 0.13811  0.39749  0.11140  106 ARG A CZ  
817 N NH1 . ARG A 106 ? 2.11981 0.88182 1.54287 0.08312  0.35508  0.10235  106 ARG A NH1 
818 N NH2 . ARG A 106 ? 2.28875 0.98520 1.65773 0.13411  0.42932  0.08314  106 ARG A NH2 
819 N N   . SER A 107 ? 1.69393 0.82940 1.53833 0.41500  0.46898  0.30844  107 SER A N   
820 C CA  . SER A 107 ? 1.80813 0.89482 1.66471 0.47085  0.52362  0.32281  107 SER A CA  
821 C C   . SER A 107 ? 1.73707 0.96253 1.71844 0.52957  0.53056  0.36778  107 SER A C   
822 O O   . SER A 107 ? 1.66378 0.92286 1.67675 0.54833  0.56628  0.35581  107 SER A O   
823 C CB  . SER A 107 ? 1.89844 0.87621 1.71052 0.48389  0.53048  0.34280  107 SER A CB  
824 O OG  . SER A 107 ? 2.00537 0.85512 1.70130 0.42576  0.52908  0.29971  107 SER A OG  
# 
